data_6ZJB
#
_entry.id   6ZJB
#
_cell.length_a   45.468
_cell.length_b   66.760
_cell.length_c   105.909
_cell.angle_alpha   93.790
_cell.angle_beta   93.950
_cell.angle_gamma   89.710
#
_symmetry.space_group_name_H-M   'P 1'
#
loop_
_entity.id
_entity.type
_entity.pdbx_description
1 polymer 'GTP:AMP phosphotransferase AK3, mitochondrial'
2 non-polymer "P1-(5'-ADENOSYL)-P5-(5'-GUANOSYL) PENTAPHOSPHATE"
3 non-polymer 'MAGNESIUM ION'
4 water water
#
_entity_poly.entity_id   1
_entity_poly.type   'polypeptide(L)'
_entity_poly.pdbx_seq_one_letter_code
;MGASARLLRAVIMGAPGSGKGTVSSRITTHFELKHLSSGDLLRDNMLRGTEIGVLAKAFIDQGKLIPDDVMTRLALHELK
NLTQYSWLLDGFPRTLPQAEALDRAYQIDTVINLNVPFEVIKQRLTARWIHPASGRVYNIEFNPPKTVGIDDLTGEPLIQ
REDDKPETVIKRLKAYEDQTKPVLEYYQKKGVLETFSGTETNKIWPYVYAFLQTKVPQRSQKASVTP
;
_entity_poly.pdbx_strand_id   A,B,C,D,E,F
#
loop_
_chem_comp.id
_chem_comp.type
_chem_comp.name
_chem_comp.formula
G5P non-polymer 'P1-(5'-ADENOSYL)-P5-(5'-GUANOSYL) PENTAPHOSPHATE' 'C20 H29 N10 O23 P5'
MG non-polymer 'MAGNESIUM ION' 'Mg 2'
#
# COMPACT_ATOMS: atom_id res chain seq x y z
N SER A 4 -9.47 -37.87 14.30
CA SER A 4 -9.10 -37.24 13.03
C SER A 4 -7.57 -37.01 13.00
N ALA A 5 -6.81 -37.74 12.18
CA ALA A 5 -5.36 -37.45 12.17
C ALA A 5 -5.10 -36.06 11.63
N ARG A 6 -5.82 -35.68 10.57
CA ARG A 6 -5.63 -34.38 9.91
C ARG A 6 -6.71 -33.41 10.41
N LEU A 7 -6.25 -32.32 10.99
CA LEU A 7 -7.16 -31.25 11.39
C LEU A 7 -7.83 -30.66 10.16
N LEU A 8 -9.11 -30.30 10.31
CA LEU A 8 -9.89 -29.76 9.22
C LEU A 8 -9.73 -28.25 9.17
N ARG A 9 -9.70 -27.72 7.95
CA ARG A 9 -9.61 -26.28 7.69
C ARG A 9 -10.80 -25.99 6.78
N ALA A 10 -11.81 -25.32 7.34
CA ALA A 10 -13.04 -25.07 6.63
C ALA A 10 -13.30 -23.56 6.60
N VAL A 11 -13.91 -23.11 5.51
CA VAL A 11 -14.36 -21.74 5.34
C VAL A 11 -15.85 -21.75 5.07
N ILE A 12 -16.60 -20.77 5.65
CA ILE A 12 -18.00 -20.58 5.33
C ILE A 12 -18.19 -19.15 4.78
N MET A 13 -18.95 -19.04 3.70
CA MET A 13 -19.02 -17.79 2.92
C MET A 13 -20.48 -17.59 2.50
N GLY A 14 -20.79 -16.37 2.10
CA GLY A 14 -22.13 -16.06 1.66
C GLY A 14 -22.37 -14.57 1.81
N ALA A 15 -23.32 -14.08 1.00
CA ALA A 15 -23.67 -12.67 1.06
C ALA A 15 -24.07 -12.31 2.50
N PRO A 16 -23.85 -11.05 2.89
CA PRO A 16 -24.25 -10.62 4.24
C PRO A 16 -25.69 -10.97 4.55
N GLY A 17 -25.94 -11.51 5.75
CA GLY A 17 -27.28 -11.92 6.18
C GLY A 17 -27.76 -13.25 5.64
N SER A 18 -26.94 -13.93 4.84
CA SER A 18 -27.32 -15.26 4.36
C SER A 18 -27.40 -16.30 5.48
N GLY A 19 -26.87 -16.03 6.67
CA GLY A 19 -26.85 -17.01 7.74
C GLY A 19 -25.50 -17.63 8.06
N LYS A 20 -24.38 -17.01 7.68
CA LYS A 20 -23.07 -17.62 7.95
C LYS A 20 -22.84 -17.83 9.47
N GLY A 21 -23.05 -16.78 10.27
CA GLY A 21 -22.88 -16.94 11.69
C GLY A 21 -23.90 -17.87 12.30
N THR A 22 -25.13 -17.88 11.79
CA THR A 22 -26.12 -18.80 12.35
C THR A 22 -25.72 -20.24 12.11
N VAL A 23 -25.37 -20.56 10.87
CA VAL A 23 -24.96 -21.91 10.53
C VAL A 23 -23.69 -22.28 11.27
N SER A 24 -22.75 -21.34 11.42
CA SER A 24 -21.50 -21.61 12.13
C SER A 24 -21.77 -21.99 13.58
N SER A 25 -22.77 -21.36 14.22
CA SER A 25 -23.03 -21.72 15.61
C SER A 25 -23.60 -23.12 15.70
N ARG A 26 -24.42 -23.52 14.73
CA ARG A 26 -24.89 -24.89 14.68
C ARG A 26 -23.74 -25.85 14.41
N ILE A 27 -22.85 -25.51 13.47
CA ILE A 27 -21.73 -26.40 13.15
C ILE A 27 -20.85 -26.64 14.37
N THR A 28 -20.42 -25.57 15.03
CA THR A 28 -19.58 -25.75 16.20
C THR A 28 -20.33 -26.48 17.32
N THR A 29 -21.65 -26.40 17.33
CA THR A 29 -22.44 -27.13 18.32
C THR A 29 -22.39 -28.63 18.06
N HIS A 30 -22.37 -29.05 16.79
CA HIS A 30 -22.46 -30.47 16.42
C HIS A 30 -21.15 -31.08 15.94
N PHE A 31 -20.14 -30.27 15.63
CA PHE A 31 -18.91 -30.83 15.09
C PHE A 31 -17.74 -30.34 15.91
N GLU A 32 -16.65 -31.10 15.86
CA GLU A 32 -15.44 -30.76 16.59
C GLU A 32 -14.63 -29.78 15.76
N LEU A 33 -15.01 -28.51 15.85
CA LEU A 33 -14.16 -27.50 15.25
C LEU A 33 -14.44 -26.16 15.90
N LYS A 34 -13.44 -25.30 15.84
CA LYS A 34 -13.49 -23.98 16.46
C LYS A 34 -13.94 -22.93 15.44
N HIS A 35 -14.90 -22.10 15.84
CA HIS A 35 -15.46 -21.08 14.96
C HIS A 35 -14.71 -19.76 15.15
N LEU A 36 -14.18 -19.24 14.05
CA LEU A 36 -13.47 -17.96 14.07
C LEU A 36 -14.20 -17.02 13.14
N SER A 37 -14.79 -15.98 13.73
CA SER A 37 -15.62 -14.98 13.06
C SER A 37 -14.85 -13.69 12.95
N SER A 38 -14.65 -13.23 11.72
CA SER A 38 -13.88 -12.00 11.56
C SER A 38 -14.61 -10.84 12.21
N GLY A 39 -15.96 -10.90 12.16
CA GLY A 39 -16.79 -9.76 12.55
C GLY A 39 -16.84 -9.65 14.05
N ASP A 40 -17.04 -10.80 14.72
CA ASP A 40 -16.87 -10.87 16.15
C ASP A 40 -15.48 -10.37 16.53
N LEU A 41 -14.46 -10.76 15.79
CA LEU A 41 -13.10 -10.36 16.14
C LEU A 41 -12.92 -8.85 15.97
N LEU A 42 -13.46 -8.31 14.89
CA LEU A 42 -13.41 -6.87 14.71
C LEU A 42 -14.25 -6.13 15.76
N ARG A 43 -15.44 -6.64 16.08
CA ARG A 43 -16.27 -5.94 17.08
C ARG A 43 -15.62 -6.01 18.46
N ASP A 44 -14.86 -7.07 18.73
CA ASP A 44 -14.06 -7.16 19.95
C ASP A 44 -12.91 -6.16 19.92
N ASN A 45 -12.28 -5.95 18.76
CA ASN A 45 -11.21 -4.96 18.70
C ASN A 45 -11.75 -3.55 18.85
N MET A 46 -13.02 -3.34 18.52
CA MET A 46 -13.53 -2.00 18.72
C MET A 46 -13.82 -1.75 20.20
N LEU A 47 -14.43 -2.72 20.88
CA LEU A 47 -14.60 -2.60 22.33
C LEU A 47 -13.25 -2.38 23.02
N ARG A 48 -12.23 -3.14 22.64
CA ARG A 48 -10.94 -2.99 23.30
C ARG A 48 -10.22 -1.70 22.89
N GLY A 49 -10.67 -0.98 21.87
CA GLY A 49 -10.00 0.25 21.47
C GLY A 49 -8.64 0.07 20.83
N THR A 50 -8.38 -1.08 20.22
CA THR A 50 -7.11 -1.31 19.55
C THR A 50 -6.95 -0.34 18.39
N GLU A 51 -5.70 -0.17 17.97
CA GLU A 51 -5.38 0.41 16.68
C GLU A 51 -6.33 -0.07 15.59
N ILE A 52 -6.43 -1.40 15.47
CA ILE A 52 -7.28 -2.01 14.45
C ILE A 52 -8.72 -1.61 14.69
N GLY A 53 -9.19 -1.70 15.94
CA GLY A 53 -10.58 -1.40 16.22
C GLY A 53 -10.97 0.02 15.82
N VAL A 54 -10.09 0.98 16.03
CA VAL A 54 -10.44 2.35 15.72
C VAL A 54 -10.59 2.53 14.21
N LEU A 55 -9.63 2.06 13.42
CA LEU A 55 -9.71 2.31 11.98
C LEU A 55 -10.79 1.46 11.32
N ALA A 56 -11.16 0.33 11.94
CA ALA A 56 -12.15 -0.56 11.38
C ALA A 56 -13.54 0.05 11.43
N LYS A 57 -13.78 0.88 12.46
CA LYS A 57 -15.11 1.41 12.67
C LYS A 57 -15.57 2.20 11.46
N ALA A 58 -14.68 3.02 10.90
CA ALA A 58 -15.03 3.86 9.75
C ALA A 58 -15.42 3.01 8.56
N PHE A 59 -14.70 1.90 8.33
CA PHE A 59 -15.08 1.05 7.20
C PHE A 59 -16.37 0.32 7.50
N ILE A 60 -16.45 -0.33 8.65
CA ILE A 60 -17.66 -1.11 9.00
C ILE A 60 -18.90 -0.22 8.86
N ASP A 61 -18.86 0.97 9.46
CA ASP A 61 -20.06 1.80 9.55
C ASP A 61 -20.52 2.29 8.18
N GLN A 62 -19.63 2.33 7.20
CA GLN A 62 -19.99 2.68 5.84
C GLN A 62 -20.21 1.48 4.94
N GLY A 63 -20.18 0.25 5.48
CA GLY A 63 -20.36 -0.92 4.63
C GLY A 63 -19.23 -1.19 3.66
N LYS A 64 -18.02 -0.75 3.98
CA LYS A 64 -16.87 -0.98 3.13
C LYS A 64 -15.94 -2.03 3.76
N LEU A 65 -15.33 -2.86 2.92
CA LEU A 65 -14.32 -3.82 3.38
C LEU A 65 -13.08 -3.13 3.94
N ILE A 66 -12.61 -3.63 5.07
CA ILE A 66 -11.39 -3.13 5.69
C ILE A 66 -10.22 -3.52 4.78
N PRO A 67 -9.17 -2.69 4.69
CA PRO A 67 -8.04 -3.03 3.81
C PRO A 67 -7.49 -4.42 4.05
N ASP A 68 -7.14 -5.07 2.95
CA ASP A 68 -6.53 -6.41 2.98
C ASP A 68 -5.34 -6.52 3.92
N ASP A 69 -4.39 -5.58 3.86
CA ASP A 69 -3.20 -5.73 4.68
C ASP A 69 -3.58 -5.91 6.15
N VAL A 70 -4.55 -5.13 6.62
CA VAL A 70 -4.98 -5.21 8.02
C VAL A 70 -5.67 -6.53 8.28
N MET A 71 -6.59 -6.92 7.40
CA MET A 71 -7.42 -8.10 7.69
C MET A 71 -6.60 -9.38 7.58
N THR A 72 -5.71 -9.46 6.59
CA THR A 72 -4.92 -10.69 6.44
C THR A 72 -3.99 -10.87 7.63
N ARG A 73 -3.35 -9.80 8.08
CA ARG A 73 -2.49 -9.89 9.25
C ARG A 73 -3.28 -10.30 10.49
N LEU A 74 -4.44 -9.66 10.72
CA LEU A 74 -5.28 -10.03 11.85
C LEU A 74 -5.67 -11.52 11.80
N ALA A 75 -6.13 -11.98 10.63
CA ALA A 75 -6.63 -13.36 10.56
C ALA A 75 -5.50 -14.38 10.68
N LEU A 76 -4.38 -14.16 9.99
CA LEU A 76 -3.28 -15.12 10.08
C LEU A 76 -2.76 -15.21 11.50
N HIS A 77 -2.66 -14.07 12.18
CA HIS A 77 -2.21 -14.07 13.56
C HIS A 77 -3.16 -14.88 14.45
N GLU A 78 -4.47 -14.67 14.29
CA GLU A 78 -5.40 -15.41 15.13
C GLU A 78 -5.33 -16.91 14.83
N LEU A 79 -5.21 -17.26 13.56
CA LEU A 79 -5.19 -18.65 13.17
C LEU A 79 -3.99 -19.38 13.76
N LYS A 80 -2.84 -18.71 13.81
CA LYS A 80 -1.63 -19.37 14.33
C LYS A 80 -1.80 -19.78 15.79
N ASN A 81 -2.77 -19.18 16.50
CA ASN A 81 -3.16 -19.60 17.83
C ASN A 81 -3.98 -20.89 17.82
N LEU A 82 -4.36 -21.37 16.64
CA LEU A 82 -5.34 -22.44 16.53
C LEU A 82 -4.85 -23.57 15.64
N THR A 83 -3.52 -23.68 15.48
CA THR A 83 -2.85 -24.81 14.84
C THR A 83 -3.33 -26.16 15.35
N GLN A 84 -3.70 -26.25 16.62
CA GLN A 84 -4.02 -27.52 17.25
C GLN A 84 -5.50 -27.89 17.12
N TYR A 85 -6.31 -27.04 16.51
CA TYR A 85 -7.74 -27.30 16.36
C TYR A 85 -8.16 -27.36 14.89
N SER A 86 -9.17 -28.18 14.59
CA SER A 86 -9.93 -27.97 13.36
C SER A 86 -10.69 -26.64 13.52
N TRP A 87 -10.72 -25.82 12.46
CA TRP A 87 -11.40 -24.53 12.59
C TRP A 87 -12.29 -24.27 11.39
N LEU A 88 -13.27 -23.37 11.61
CA LEU A 88 -14.24 -22.89 10.65
C LEU A 88 -14.08 -21.36 10.55
N LEU A 89 -13.59 -20.87 9.42
CA LEU A 89 -13.41 -19.44 9.19
C LEU A 89 -14.68 -18.83 8.60
N ASP A 90 -15.19 -17.81 9.29
CA ASP A 90 -16.48 -17.18 8.98
C ASP A 90 -16.25 -15.68 8.82
N GLY A 91 -16.22 -15.22 7.56
CA GLY A 91 -16.12 -13.79 7.29
C GLY A 91 -14.77 -13.37 6.76
N PHE A 92 -13.81 -14.29 6.72
CA PHE A 92 -12.52 -14.22 6.04
C PHE A 92 -12.39 -15.52 5.22
N PRO A 93 -11.97 -15.46 3.96
CA PRO A 93 -11.59 -14.31 3.12
C PRO A 93 -12.78 -13.68 2.36
N ARG A 94 -12.66 -12.36 2.09
CA ARG A 94 -13.66 -11.56 1.41
C ARG A 94 -13.18 -10.97 0.08
N THR A 95 -11.88 -11.09 -0.23
CA THR A 95 -11.25 -10.64 -1.45
C THR A 95 -10.21 -11.65 -1.90
N LEU A 96 -9.86 -11.58 -3.18
CA LEU A 96 -8.84 -12.47 -3.73
C LEU A 96 -7.50 -12.41 -3.00
N PRO A 97 -6.91 -11.24 -2.72
CA PRO A 97 -5.66 -11.22 -1.94
C PRO A 97 -5.78 -11.89 -0.57
N GLN A 98 -6.91 -11.71 0.11
CA GLN A 98 -7.11 -12.41 1.37
C GLN A 98 -7.13 -13.92 1.13
N ALA A 99 -7.80 -14.36 0.08
CA ALA A 99 -7.86 -15.81 -0.18
C ALA A 99 -6.50 -16.37 -0.61
N GLU A 100 -5.74 -15.62 -1.44
CA GLU A 100 -4.42 -16.10 -1.84
C GLU A 100 -3.45 -16.17 -0.66
N ALA A 101 -3.57 -15.25 0.31
CA ALA A 101 -2.69 -15.28 1.47
C ALA A 101 -2.99 -16.48 2.35
N LEU A 102 -4.27 -16.68 2.65
CA LEU A 102 -4.71 -17.80 3.45
C LEU A 102 -4.17 -19.11 2.89
N ASP A 103 -4.21 -19.23 1.57
CA ASP A 103 -3.71 -20.40 0.88
C ASP A 103 -2.22 -20.59 1.08
N ARG A 104 -1.46 -19.50 1.15
CA ARG A 104 -0.02 -19.70 1.38
C ARG A 104 0.27 -20.26 2.77
N ALA A 105 -0.70 -20.25 3.68
CA ALA A 105 -0.53 -20.66 5.06
C ALA A 105 -1.19 -21.99 5.37
N TYR A 106 -2.35 -22.24 4.77
CA TYR A 106 -3.20 -23.38 5.09
C TYR A 106 -3.70 -23.96 3.78
N GLN A 107 -4.10 -25.21 3.83
CA GLN A 107 -4.79 -25.85 2.71
C GLN A 107 -6.25 -25.97 3.12
N ILE A 108 -7.12 -25.21 2.49
CA ILE A 108 -8.52 -25.28 2.88
C ILE A 108 -9.16 -26.55 2.36
N ASP A 109 -9.83 -27.27 3.26
CA ASP A 109 -10.47 -28.53 2.89
C ASP A 109 -11.78 -28.29 2.16
N THR A 110 -12.57 -27.31 2.59
CA THR A 110 -13.93 -27.19 2.09
C THR A 110 -14.41 -25.77 2.34
N VAL A 111 -15.11 -25.21 1.37
CA VAL A 111 -15.68 -23.86 1.45
C VAL A 111 -17.18 -24.01 1.29
N ILE A 112 -17.89 -23.69 2.35
CA ILE A 112 -19.33 -23.80 2.40
C ILE A 112 -19.86 -22.45 1.99
N ASN A 113 -20.68 -22.44 0.94
CA ASN A 113 -21.26 -21.22 0.34
C ASN A 113 -22.79 -21.26 0.47
N LEU A 114 -23.32 -20.35 1.28
CA LEU A 114 -24.76 -20.17 1.46
C LEU A 114 -25.31 -19.20 0.41
N ASN A 115 -26.14 -19.69 -0.48
CA ASN A 115 -26.71 -18.85 -1.53
C ASN A 115 -28.18 -18.56 -1.21
N VAL A 116 -28.43 -17.33 -0.73
CA VAL A 116 -29.71 -16.87 -0.17
C VAL A 116 -30.11 -15.59 -0.92
N PRO A 117 -31.40 -15.45 -1.25
CA PRO A 117 -31.86 -14.27 -2.01
C PRO A 117 -31.59 -12.96 -1.29
N PHE A 118 -31.17 -11.97 -2.08
CA PHE A 118 -30.85 -10.63 -1.59
C PHE A 118 -32.07 -10.03 -0.93
N GLU A 119 -33.25 -10.21 -1.50
CA GLU A 119 -34.46 -9.68 -0.86
C GLU A 119 -34.71 -10.30 0.51
N VAL A 120 -34.46 -11.60 0.59
CA VAL A 120 -34.60 -12.33 1.81
C VAL A 120 -33.62 -11.85 2.85
N ILE A 121 -32.38 -11.74 2.44
CA ILE A 121 -31.37 -11.29 3.33
C ILE A 121 -31.59 -9.87 3.77
N LYS A 122 -32.09 -9.01 2.89
CA LYS A 122 -32.31 -7.64 3.23
C LYS A 122 -33.30 -7.58 4.33
N GLN A 123 -34.37 -8.32 4.22
CA GLN A 123 -35.29 -8.29 5.32
C GLN A 123 -34.72 -8.86 6.62
N ARG A 124 -33.95 -9.91 6.56
CA ARG A 124 -33.41 -10.44 7.79
C ARG A 124 -32.56 -9.47 8.60
N LEU A 125 -31.68 -8.70 7.98
CA LEU A 125 -30.79 -7.81 8.71
C LEU A 125 -31.57 -6.67 9.34
N THR A 126 -32.78 -6.40 8.86
CA THR A 126 -33.64 -5.39 9.45
C THR A 126 -34.08 -5.77 10.85
N ALA A 127 -34.19 -7.07 11.10
CA ALA A 127 -34.70 -7.58 12.36
C ALA A 127 -33.60 -8.20 13.22
N ARG A 128 -32.34 -7.98 12.87
CA ARG A 128 -31.24 -8.56 13.64
C ARG A 128 -30.89 -7.82 14.94
N TRP A 129 -30.73 -8.58 16.01
CA TRP A 129 -30.32 -8.05 17.30
C TRP A 129 -29.17 -8.93 17.79
N ILE A 130 -28.19 -8.33 18.45
CA ILE A 130 -27.06 -9.09 18.96
C ILE A 130 -26.69 -8.71 20.39
N HIS A 131 -26.04 -9.63 21.09
CA HIS A 131 -25.56 -9.33 22.43
C HIS A 131 -24.11 -9.01 22.13
N PRO A 132 -23.70 -7.78 22.36
CA PRO A 132 -22.35 -7.36 21.98
C PRO A 132 -21.19 -8.08 22.64
N ALA A 133 -21.25 -8.35 23.94
CA ALA A 133 -20.15 -9.04 24.59
C ALA A 133 -19.93 -10.46 24.08
N SER A 134 -21.01 -11.22 23.91
CA SER A 134 -20.90 -12.60 23.47
C SER A 134 -20.99 -12.81 21.98
N GLY A 135 -21.61 -11.87 21.29
CA GLY A 135 -21.81 -11.97 19.86
C GLY A 135 -22.99 -12.85 19.47
N ARG A 136 -23.80 -13.27 20.45
CA ARG A 136 -24.95 -14.11 20.15
C ARG A 136 -25.91 -13.29 19.29
N VAL A 137 -26.49 -13.95 18.31
CA VAL A 137 -27.35 -13.30 17.35
C VAL A 137 -28.81 -13.71 17.47
N TYR A 138 -29.67 -12.71 17.39
CA TYR A 138 -31.10 -12.92 17.45
C TYR A 138 -31.81 -12.22 16.28
N ASN A 139 -32.99 -12.72 15.97
CA ASN A 139 -33.94 -12.15 15.03
C ASN A 139 -35.32 -12.19 15.68
N ILE A 140 -36.17 -11.22 15.34
CA ILE A 140 -37.47 -11.20 16.02
C ILE A 140 -38.38 -12.30 15.52
N GLU A 141 -38.19 -12.77 14.29
CA GLU A 141 -39.02 -13.79 13.68
C GLU A 141 -38.46 -15.20 13.91
N PHE A 142 -37.16 -15.40 13.67
CA PHE A 142 -36.60 -16.75 13.49
C PHE A 142 -35.90 -17.27 14.74
N ASN A 143 -35.22 -16.42 15.48
CA ASN A 143 -34.48 -16.83 16.68
C ASN A 143 -34.72 -15.78 17.75
N PRO A 144 -35.96 -15.64 18.19
CA PRO A 144 -36.31 -14.56 19.07
C PRO A 144 -35.85 -14.84 20.48
N PRO A 145 -35.48 -13.80 21.22
CA PRO A 145 -35.30 -13.94 22.67
C PRO A 145 -36.63 -14.13 23.39
N LYS A 146 -36.51 -14.52 24.66
CA LYS A 146 -37.69 -14.66 25.52
C LYS A 146 -38.27 -13.29 25.86
N THR A 147 -37.42 -12.34 26.21
CA THR A 147 -37.80 -10.94 26.31
C THR A 147 -37.20 -10.20 25.12
N VAL A 148 -37.93 -9.19 24.63
CA VAL A 148 -37.47 -8.48 23.44
C VAL A 148 -36.35 -7.53 23.83
N GLY A 149 -35.32 -7.47 22.98
CA GLY A 149 -34.24 -6.52 23.18
C GLY A 149 -33.35 -6.78 24.38
N ILE A 150 -33.36 -8.00 24.91
CA ILE A 150 -32.60 -8.32 26.11
C ILE A 150 -32.04 -9.72 25.94
N ASP A 151 -30.72 -9.85 26.09
CA ASP A 151 -30.08 -11.15 25.94
C ASP A 151 -30.66 -12.11 26.97
N ASP A 152 -30.74 -13.38 26.58
CA ASP A 152 -31.37 -14.36 27.44
C ASP A 152 -30.66 -14.46 28.79
N LEU A 153 -29.33 -14.37 28.79
CA LEU A 153 -28.57 -14.67 30.00
C LEU A 153 -28.09 -13.42 30.74
N THR A 154 -27.19 -12.62 30.15
CA THR A 154 -26.76 -11.42 30.88
C THR A 154 -27.92 -10.50 31.19
N GLY A 155 -29.04 -10.61 30.48
CA GLY A 155 -30.13 -9.68 30.69
C GLY A 155 -29.75 -8.26 30.36
N GLU A 156 -28.65 -8.06 29.61
CA GLU A 156 -28.23 -6.74 29.19
C GLU A 156 -28.77 -6.43 27.81
N PRO A 157 -28.86 -5.16 27.45
CA PRO A 157 -29.50 -4.81 26.17
C PRO A 157 -28.80 -5.50 25.01
N LEU A 158 -29.62 -6.15 24.19
CA LEU A 158 -29.17 -6.67 22.92
C LEU A 158 -29.18 -5.41 22.04
N ILE A 159 -28.27 -5.32 21.07
CA ILE A 159 -28.28 -4.15 20.23
C ILE A 159 -28.32 -4.50 18.76
N GLN A 160 -28.45 -3.47 17.94
CA GLN A 160 -28.45 -3.65 16.51
C GLN A 160 -27.15 -3.08 15.96
N ARG A 161 -26.49 -3.85 15.10
CA ARG A 161 -25.28 -3.40 14.46
C ARG A 161 -25.55 -2.13 13.70
N GLU A 162 -24.58 -1.21 13.76
CA GLU A 162 -24.70 0.04 13.02
C GLU A 162 -24.72 -0.20 11.53
N ASP A 163 -24.14 -1.32 11.10
CA ASP A 163 -24.11 -1.62 9.68
C ASP A 163 -25.36 -2.28 9.13
N ASP A 164 -26.31 -2.60 9.99
CA ASP A 164 -27.55 -3.24 9.57
C ASP A 164 -28.64 -2.22 9.21
N LYS A 165 -28.29 -0.96 9.01
CA LYS A 165 -29.19 0.04 8.46
C LYS A 165 -29.44 -0.24 6.97
N PRO A 166 -30.64 0.04 6.45
CA PRO A 166 -30.91 -0.35 5.04
C PRO A 166 -29.95 0.26 4.04
N GLU A 167 -29.48 1.49 4.24
CA GLU A 167 -28.56 2.05 3.26
C GLU A 167 -27.22 1.31 3.28
N THR A 168 -26.75 0.97 4.47
CA THR A 168 -25.49 0.27 4.61
C THR A 168 -25.61 -1.16 4.12
N VAL A 169 -26.77 -1.80 4.29
CA VAL A 169 -26.96 -3.16 3.80
C VAL A 169 -26.81 -3.20 2.28
N ILE A 170 -27.39 -2.21 1.58
CA ILE A 170 -27.23 -2.12 0.13
C ILE A 170 -25.77 -2.03 -0.25
N LYS A 171 -25.01 -1.21 0.47
CA LYS A 171 -23.62 -1.00 0.14
C LYS A 171 -22.82 -2.27 0.36
N ARG A 172 -23.10 -2.99 1.47
CA ARG A 172 -22.42 -4.24 1.79
C ARG A 172 -22.71 -5.33 0.76
N LEU A 173 -23.96 -5.40 0.29
CA LEU A 173 -24.30 -6.39 -0.73
C LEU A 173 -23.55 -6.15 -2.04
N LYS A 174 -23.41 -4.87 -2.46
CA LYS A 174 -22.68 -4.55 -3.69
C LYS A 174 -21.19 -4.86 -3.54
N ALA A 175 -20.59 -4.51 -2.41
CA ALA A 175 -19.21 -4.90 -2.14
C ALA A 175 -19.04 -6.41 -2.21
N TYR A 176 -20.02 -7.15 -1.70
CA TYR A 176 -19.92 -8.62 -1.76
C TYR A 176 -19.95 -9.07 -3.21
N GLU A 177 -20.91 -8.53 -3.99
CA GLU A 177 -21.03 -8.89 -5.40
C GLU A 177 -19.76 -8.56 -6.17
N ASP A 178 -19.17 -7.39 -5.91
CA ASP A 178 -18.05 -6.92 -6.71
C ASP A 178 -16.72 -7.54 -6.31
N GLN A 179 -16.47 -7.76 -5.01
CA GLN A 179 -15.17 -8.20 -4.50
C GLN A 179 -15.15 -9.62 -3.95
N THR A 180 -16.28 -10.13 -3.51
CA THR A 180 -16.21 -11.43 -2.85
C THR A 180 -16.63 -12.55 -3.78
N LYS A 181 -17.53 -12.30 -4.72
CA LYS A 181 -17.93 -13.35 -5.64
C LYS A 181 -16.73 -13.86 -6.42
N PRO A 182 -15.77 -13.02 -6.81
CA PRO A 182 -14.56 -13.59 -7.45
C PRO A 182 -13.90 -14.60 -6.57
N VAL A 183 -14.07 -14.51 -5.25
CA VAL A 183 -13.43 -15.46 -4.33
C VAL A 183 -14.16 -16.79 -4.40
N LEU A 184 -15.50 -16.74 -4.58
CA LEU A 184 -16.26 -17.97 -4.78
C LEU A 184 -15.80 -18.69 -6.03
N GLU A 185 -15.57 -17.93 -7.11
CA GLU A 185 -15.03 -18.54 -8.33
C GLU A 185 -13.62 -19.08 -8.11
N TYR A 186 -12.78 -18.37 -7.35
CA TYR A 186 -11.44 -18.88 -7.04
C TYR A 186 -11.51 -20.25 -6.35
N TYR A 187 -12.43 -20.42 -5.40
CA TYR A 187 -12.51 -21.68 -4.67
C TYR A 187 -13.25 -22.76 -5.46
N GLN A 188 -14.15 -22.35 -6.35
CA GLN A 188 -14.81 -23.28 -7.26
C GLN A 188 -13.80 -23.98 -8.16
N LYS A 189 -12.91 -23.21 -8.79
CA LYS A 189 -11.87 -23.78 -9.64
C LYS A 189 -10.84 -24.62 -8.86
N LYS A 190 -10.71 -24.40 -7.56
CA LYS A 190 -9.82 -25.20 -6.74
C LYS A 190 -10.46 -26.49 -6.26
N GLY A 191 -11.73 -26.70 -6.59
CA GLY A 191 -12.42 -27.95 -6.32
C GLY A 191 -13.00 -28.11 -4.95
N VAL A 192 -13.07 -27.03 -4.17
CA VAL A 192 -13.47 -27.14 -2.76
C VAL A 192 -14.76 -26.41 -2.43
N LEU A 193 -15.43 -25.79 -3.39
CA LEU A 193 -16.65 -25.02 -3.08
C LEU A 193 -17.83 -25.98 -3.05
N GLU A 194 -18.62 -25.89 -1.98
CA GLU A 194 -19.87 -26.62 -1.82
C GLU A 194 -20.96 -25.61 -1.50
N THR A 195 -21.86 -25.43 -2.48
CA THR A 195 -22.90 -24.44 -2.39
C THR A 195 -24.25 -25.03 -2.00
N PHE A 196 -24.94 -24.29 -1.14
CA PHE A 196 -26.23 -24.68 -0.59
C PHE A 196 -27.14 -23.49 -0.78
N SER A 197 -28.22 -23.67 -1.53
CA SER A 197 -29.15 -22.61 -1.85
C SER A 197 -30.46 -22.83 -1.09
N GLY A 198 -31.03 -21.72 -0.63
CA GLY A 198 -32.29 -21.79 0.04
C GLY A 198 -32.67 -20.42 0.52
N THR A 199 -33.87 -20.36 1.08
CA THR A 199 -34.38 -19.14 1.65
C THR A 199 -34.54 -19.23 3.15
N GLU A 200 -34.43 -20.44 3.73
CA GLU A 200 -34.54 -20.61 5.16
C GLU A 200 -33.38 -21.45 5.68
N THR A 201 -32.76 -20.99 6.76
CA THR A 201 -31.66 -21.74 7.37
C THR A 201 -32.09 -23.18 7.67
N ASN A 202 -33.32 -23.35 8.16
CA ASN A 202 -33.77 -24.68 8.58
C ASN A 202 -34.04 -25.60 7.40
N LYS A 203 -34.26 -25.07 6.20
CA LYS A 203 -34.31 -25.93 5.01
C LYS A 203 -32.91 -26.27 4.46
N ILE A 204 -31.89 -25.47 4.80
CA ILE A 204 -30.52 -25.69 4.36
C ILE A 204 -29.76 -26.58 5.34
N TRP A 205 -29.99 -26.40 6.62
CA TRP A 205 -29.14 -27.01 7.63
C TRP A 205 -29.00 -28.52 7.49
N PRO A 206 -30.05 -29.26 7.15
CA PRO A 206 -29.91 -30.71 6.99
C PRO A 206 -28.81 -31.09 6.00
N TYR A 207 -28.71 -30.35 4.89
CA TYR A 207 -27.73 -30.68 3.86
C TYR A 207 -26.31 -30.34 4.30
N VAL A 208 -26.14 -29.15 4.87
CA VAL A 208 -24.85 -28.80 5.47
C VAL A 208 -24.46 -29.83 6.51
N TYR A 209 -25.42 -30.26 7.34
CA TYR A 209 -25.13 -31.22 8.42
C TYR A 209 -24.66 -32.54 7.87
N ALA A 210 -25.41 -33.10 6.93
CA ALA A 210 -25.00 -34.34 6.28
C ALA A 210 -23.68 -34.17 5.54
N PHE A 211 -23.48 -33.04 4.85
CA PHE A 211 -22.25 -32.87 4.10
C PHE A 211 -21.05 -32.86 5.03
N LEU A 212 -21.18 -32.21 6.18
CA LEU A 212 -20.05 -32.11 7.08
C LEU A 212 -19.77 -33.41 7.80
N GLN A 213 -20.80 -34.22 8.06
CA GLN A 213 -20.56 -35.55 8.63
C GLN A 213 -19.46 -36.26 7.85
N THR A 214 -19.36 -35.99 6.55
CA THR A 214 -18.35 -36.64 5.72
C THR A 214 -16.97 -35.98 5.81
N LYS A 215 -16.77 -34.94 6.63
CA LYS A 215 -15.48 -34.26 6.67
C LYS A 215 -14.87 -34.11 8.05
N VAL A 216 -15.64 -34.23 9.11
CA VAL A 216 -15.12 -33.79 10.40
C VAL A 216 -15.88 -34.56 11.47
N PRO A 217 -15.22 -34.93 12.57
CA PRO A 217 -15.91 -35.69 13.62
C PRO A 217 -17.07 -34.89 14.20
N GLN A 218 -18.03 -35.61 14.73
CA GLN A 218 -19.12 -35.02 15.49
C GLN A 218 -18.72 -34.81 16.95
N ARG A 219 -19.45 -33.92 17.60
CA ARG A 219 -19.23 -33.53 18.98
C ARG A 219 -20.32 -34.18 19.82
N SER A 220 -19.92 -35.04 20.75
CA SER A 220 -20.80 -35.58 21.80
C SER A 220 -22.26 -35.08 21.77
N SER B 4 8.85 -23.38 35.81
CA SER B 4 7.88 -23.25 36.90
C SER B 4 8.57 -22.74 38.16
N ALA B 5 9.88 -22.99 38.30
CA ALA B 5 10.65 -22.43 39.41
C ALA B 5 10.98 -20.95 39.20
N ARG B 6 10.77 -20.44 38.01
CA ARG B 6 11.07 -19.03 37.72
C ARG B 6 10.16 -18.08 38.51
N LEU B 7 10.66 -16.87 38.75
CA LEU B 7 9.81 -15.84 39.31
C LEU B 7 8.89 -15.25 38.24
N LEU B 8 7.73 -14.75 38.67
CA LEU B 8 6.78 -14.06 37.79
C LEU B 8 7.04 -12.57 37.76
N ARG B 9 7.09 -12.02 36.56
CA ARG B 9 7.12 -10.57 36.35
C ARG B 9 5.81 -10.18 35.67
N ALA B 10 4.92 -9.54 36.41
CA ALA B 10 3.62 -9.23 35.87
C ALA B 10 3.41 -7.73 35.91
N VAL B 11 2.56 -7.28 35.01
CA VAL B 11 2.18 -5.87 34.90
C VAL B 11 0.66 -5.82 34.74
N ILE B 12 0.02 -4.90 35.45
CA ILE B 12 -1.41 -4.65 35.32
C ILE B 12 -1.60 -3.23 34.82
N MET B 13 -2.40 -3.08 33.77
CA MET B 13 -2.65 -1.80 33.10
C MET B 13 -4.14 -1.62 32.89
N GLY B 14 -4.47 -0.40 32.50
CA GLY B 14 -5.81 -0.02 32.12
C GLY B 14 -6.03 1.45 32.38
N ALA B 15 -7.09 1.98 31.83
CA ALA B 15 -7.35 3.37 31.98
C ALA B 15 -7.57 3.69 33.41
N PRO B 16 -7.29 4.93 33.78
CA PRO B 16 -7.53 5.41 35.12
C PRO B 16 -8.99 5.10 35.54
N GLY B 17 -9.11 4.52 36.70
CA GLY B 17 -10.37 4.12 37.24
C GLY B 17 -10.89 2.81 36.77
N SER B 18 -10.15 2.12 35.93
CA SER B 18 -10.64 0.82 35.49
C SER B 18 -10.60 -0.23 36.58
N GLY B 19 -10.01 0.05 37.75
CA GLY B 19 -9.87 -0.96 38.78
C GLY B 19 -8.52 -1.65 38.95
N LYS B 20 -7.41 -1.08 38.45
CA LYS B 20 -6.09 -1.72 38.66
C LYS B 20 -5.76 -1.89 40.15
N GLY B 21 -5.91 -0.81 40.92
CA GLY B 21 -5.67 -0.88 42.34
C GLY B 21 -6.54 -1.93 42.99
N THR B 22 -7.83 -1.96 42.65
CA THR B 22 -8.73 -2.91 43.27
C THR B 22 -8.32 -4.36 42.94
N VAL B 23 -8.08 -4.64 41.65
CA VAL B 23 -7.69 -5.99 41.24
C VAL B 23 -6.35 -6.37 41.87
N SER B 24 -5.42 -5.41 41.94
CA SER B 24 -4.08 -5.68 42.45
C SER B 24 -4.14 -6.10 43.91
N SER B 25 -5.02 -5.44 44.67
CA SER B 25 -5.26 -5.83 46.06
C SER B 25 -5.74 -7.26 46.15
N ARG B 26 -6.66 -7.66 45.25
CA ARG B 26 -7.12 -9.05 45.29
C ARG B 26 -6.03 -10.02 44.81
N ILE B 27 -5.28 -9.64 43.76
CA ILE B 27 -4.20 -10.51 43.29
C ILE B 27 -3.25 -10.82 44.45
N THR B 28 -2.79 -9.75 45.10
CA THR B 28 -1.81 -9.89 46.19
C THR B 28 -2.41 -10.66 47.36
N THR B 29 -3.71 -10.50 47.61
CA THR B 29 -4.39 -11.30 48.63
C THR B 29 -4.24 -12.80 48.35
N HIS B 30 -4.48 -13.21 47.10
CA HIS B 30 -4.66 -14.62 46.76
C HIS B 30 -3.39 -15.29 46.24
N PHE B 31 -2.42 -14.52 45.77
CA PHE B 31 -1.21 -15.06 45.18
C PHE B 31 0.08 -14.60 45.82
N GLU B 32 1.11 -15.40 45.66
CA GLU B 32 2.41 -15.11 46.25
C GLU B 32 3.22 -14.19 45.41
N LEU B 33 2.91 -12.90 45.45
CA LEU B 33 3.66 -11.92 44.71
C LEU B 33 3.58 -10.54 45.34
N LYS B 34 4.54 -9.68 45.06
CA LYS B 34 4.55 -8.38 45.64
C LYS B 34 3.91 -7.36 44.72
N HIS B 35 3.14 -6.46 45.28
CA HIS B 35 2.47 -5.39 44.55
C HIS B 35 3.36 -4.14 44.65
N LEU B 36 3.76 -3.60 43.49
CA LEU B 36 4.49 -2.34 43.46
C LEU B 36 3.68 -1.35 42.64
N SER B 37 3.14 -0.34 43.30
CA SER B 37 2.33 0.65 42.61
C SER B 37 3.09 1.95 42.45
N SER B 38 2.86 2.63 41.35
CA SER B 38 3.63 3.84 41.11
C SER B 38 3.15 4.93 42.04
N GLY B 39 1.82 5.07 42.14
CA GLY B 39 1.27 6.10 43.00
C GLY B 39 1.80 6.00 44.41
N ASP B 40 1.97 4.77 44.89
CA ASP B 40 2.49 4.54 46.23
C ASP B 40 3.89 5.13 46.36
N LEU B 41 4.78 4.76 45.45
CA LEU B 41 6.10 5.38 45.41
C LEU B 41 5.96 6.90 45.45
N LEU B 42 5.13 7.44 44.55
CA LEU B 42 5.00 8.89 44.44
C LEU B 42 4.42 9.50 45.72
N ARG B 43 3.35 8.90 46.26
CA ARG B 43 2.83 9.40 47.52
C ARG B 43 3.84 9.23 48.64
N ASP B 44 4.75 8.23 48.52
CA ASP B 44 5.87 8.13 49.44
C ASP B 44 6.83 9.31 49.26
N ASN B 45 7.25 9.56 48.01
CA ASN B 45 8.26 10.60 47.79
C ASN B 45 7.73 11.98 48.15
N MET B 46 6.43 12.17 48.10
CA MET B 46 5.85 13.43 48.40
C MET B 46 5.99 13.80 49.88
N LEU B 47 6.28 12.84 50.75
CA LEU B 47 6.31 13.08 52.19
C LEU B 47 7.71 13.10 52.78
N ARG B 48 8.62 12.35 52.21
CA ARG B 48 10.03 12.57 52.48
C ARG B 48 10.38 13.99 52.03
N GLY B 49 9.64 14.50 51.06
CA GLY B 49 9.75 15.90 50.71
C GLY B 49 11.02 16.12 49.94
N THR B 50 11.02 15.62 48.71
CA THR B 50 12.21 15.62 47.88
C THR B 50 11.86 16.19 46.53
N GLU B 51 12.88 16.52 45.75
CA GLU B 51 12.69 17.23 44.48
C GLU B 51 11.82 16.43 43.51
N ILE B 52 11.98 15.12 43.49
CA ILE B 52 11.01 14.24 42.87
C ILE B 52 9.62 14.33 43.49
N GLY B 53 9.51 14.35 44.81
CA GLY B 53 8.20 14.49 45.43
C GLY B 53 7.52 15.77 45.03
N VAL B 54 8.26 16.88 45.02
CA VAL B 54 7.62 18.18 44.75
C VAL B 54 7.21 18.26 43.28
N LEU B 55 8.10 17.87 42.36
CA LEU B 55 7.72 17.79 40.96
C LEU B 55 6.49 16.92 40.76
N ALA B 56 6.46 15.78 41.44
CA ALA B 56 5.34 14.85 41.25
C ALA B 56 4.00 15.54 41.54
N LYS B 57 3.94 16.41 42.57
CA LYS B 57 2.73 17.18 42.84
C LYS B 57 2.31 17.98 41.61
N ALA B 58 3.22 18.81 41.09
CA ALA B 58 2.93 19.62 39.91
C ALA B 58 2.26 18.78 38.83
N PHE B 59 2.80 17.60 38.53
CA PHE B 59 2.22 16.80 37.45
C PHE B 59 0.95 16.08 37.89
N ILE B 60 0.97 15.44 39.07
CA ILE B 60 -0.15 14.58 39.48
C ILE B 60 -1.45 15.37 39.52
N ASP B 61 -1.47 16.44 40.33
CA ASP B 61 -2.72 17.19 40.52
C ASP B 61 -3.24 17.75 39.21
N GLN B 62 -2.34 18.06 38.26
CA GLN B 62 -2.73 18.46 36.91
C GLN B 62 -3.29 17.31 36.05
N GLY B 63 -3.06 16.06 36.44
CA GLY B 63 -3.39 14.94 35.57
C GLY B 63 -2.43 14.73 34.41
N LYS B 64 -1.16 15.11 34.59
CA LYS B 64 -0.12 14.95 33.59
C LYS B 64 0.81 13.80 34.01
N LEU B 65 1.31 13.08 33.03
CA LEU B 65 2.36 12.10 33.29
C LEU B 65 3.66 12.78 33.72
N ILE B 66 4.25 12.27 34.80
CA ILE B 66 5.58 12.64 35.24
C ILE B 66 6.59 12.24 34.16
N PRO B 67 7.70 12.99 33.99
CA PRO B 67 8.67 12.64 32.96
C PRO B 67 9.18 11.23 33.10
N ASP B 68 9.47 10.62 31.95
CA ASP B 68 9.91 9.24 31.88
C ASP B 68 11.18 9.04 32.69
N ASP B 69 12.15 9.93 32.53
CA ASP B 69 13.44 9.71 33.19
C ASP B 69 13.24 9.58 34.69
N VAL B 70 12.27 10.32 35.25
CA VAL B 70 12.06 10.30 36.69
C VAL B 70 11.43 8.99 37.13
N MET B 71 10.32 8.62 36.48
CA MET B 71 9.59 7.41 36.82
C MET B 71 10.40 6.16 36.57
N THR B 72 11.15 6.12 35.48
CA THR B 72 11.97 4.94 35.22
C THR B 72 13.01 4.74 36.32
N ARG B 73 13.68 5.82 36.74
CA ARG B 73 14.65 5.71 37.83
C ARG B 73 14.00 5.26 39.13
N LEU B 74 12.82 5.81 39.43
CA LEU B 74 12.12 5.41 40.65
C LEU B 74 11.72 3.94 40.60
N ALA B 75 11.20 3.50 39.45
CA ALA B 75 10.72 2.13 39.34
C ALA B 75 11.87 1.16 39.37
N LEU B 76 12.87 1.36 38.51
CA LEU B 76 13.97 0.42 38.45
C LEU B 76 14.66 0.33 39.79
N HIS B 77 14.73 1.42 40.54
CA HIS B 77 15.39 1.41 41.83
C HIS B 77 14.59 0.63 42.87
N GLU B 78 13.27 0.81 42.92
CA GLU B 78 12.45 0.01 43.81
C GLU B 78 12.49 -1.46 43.40
N LEU B 79 12.49 -1.75 42.10
CA LEU B 79 12.49 -3.15 41.68
C LEU B 79 13.78 -3.87 42.04
N LYS B 80 14.86 -3.13 42.29
CA LYS B 80 16.13 -3.76 42.68
C LYS B 80 16.03 -4.43 44.05
N ASN B 81 15.11 -3.98 44.89
CA ASN B 81 14.90 -4.61 46.19
C ASN B 81 13.95 -5.79 46.12
N LEU B 82 13.43 -6.11 44.94
CA LEU B 82 12.41 -7.14 44.78
C LEU B 82 12.90 -8.26 43.89
N THR B 83 14.20 -8.31 43.60
CA THR B 83 14.72 -9.25 42.62
C THR B 83 14.53 -10.70 43.06
N GLN B 84 14.27 -10.94 44.33
CA GLN B 84 14.06 -12.29 44.83
C GLN B 84 12.60 -12.74 44.78
N TYR B 85 11.66 -11.86 44.38
CA TYR B 85 10.23 -12.13 44.49
C TYR B 85 9.53 -11.93 43.15
N SER B 86 8.51 -12.74 42.93
CA SER B 86 7.53 -12.48 41.88
C SER B 86 6.83 -11.16 42.15
N TRP B 87 6.59 -10.35 41.11
CA TRP B 87 5.88 -9.10 41.41
C TRP B 87 4.87 -8.71 40.35
N LEU B 88 4.03 -7.78 40.75
CA LEU B 88 3.00 -7.16 39.93
C LEU B 88 3.17 -5.65 39.98
N LEU B 89 3.48 -5.06 38.84
CA LEU B 89 3.67 -3.62 38.68
C LEU B 89 2.35 -2.97 38.29
N ASP B 90 1.90 -2.01 39.09
CA ASP B 90 0.62 -1.32 38.92
C ASP B 90 0.87 0.18 38.78
N GLY B 91 0.80 0.69 37.57
CA GLY B 91 0.94 2.11 37.31
C GLY B 91 2.17 2.48 36.56
N PHE B 92 3.06 1.51 36.30
CA PHE B 92 4.28 1.57 35.49
C PHE B 92 4.38 0.31 34.61
N PRO B 93 4.72 0.43 33.32
CA PRO B 93 5.02 1.63 32.56
C PRO B 93 3.75 2.28 32.00
N ARG B 94 3.86 3.60 31.76
CA ARG B 94 2.76 4.37 31.20
C ARG B 94 3.06 4.96 29.84
N THR B 95 4.28 4.73 29.31
CA THR B 95 4.76 5.28 28.05
C THR B 95 5.75 4.29 27.45
N LEU B 96 5.99 4.43 26.16
CA LEU B 96 6.91 3.52 25.50
C LEU B 96 8.34 3.58 26.06
N PRO B 97 8.95 4.76 26.27
CA PRO B 97 10.30 4.74 26.90
C PRO B 97 10.33 4.05 28.24
N GLN B 98 9.27 4.21 29.03
CA GLN B 98 9.21 3.47 30.28
C GLN B 98 9.14 1.97 30.04
N ALA B 99 8.34 1.52 29.08
CA ALA B 99 8.22 0.07 28.86
C ALA B 99 9.49 -0.53 28.25
N GLU B 100 10.19 0.24 27.38
CA GLU B 100 11.45 -0.21 26.79
C GLU B 100 12.55 -0.34 27.84
N ALA B 101 12.64 0.61 28.77
CA ALA B 101 13.58 0.52 29.88
C ALA B 101 13.30 -0.70 30.75
N LEU B 102 12.03 -0.92 31.08
CA LEU B 102 11.65 -2.10 31.84
C LEU B 102 12.10 -3.38 31.16
N ASP B 103 11.85 -3.51 29.85
CA ASP B 103 12.19 -4.78 29.19
C ASP B 103 13.72 -5.02 29.10
N ARG B 104 14.54 -3.99 29.30
CA ARG B 104 15.99 -4.17 29.33
C ARG B 104 16.48 -4.75 30.65
N ALA B 105 15.69 -4.63 31.72
CA ALA B 105 16.07 -5.16 33.02
C ALA B 105 15.31 -6.43 33.37
N TYR B 106 14.12 -6.64 32.81
CA TYR B 106 13.27 -7.76 33.15
C TYR B 106 12.62 -8.35 31.90
N GLN B 107 12.23 -9.59 32.01
CA GLN B 107 11.44 -10.27 30.99
C GLN B 107 9.99 -10.29 31.49
N ILE B 108 9.15 -9.38 31.00
CA ILE B 108 7.76 -9.37 31.48
C ILE B 108 7.02 -10.62 30.99
N ASP B 109 6.54 -11.43 31.95
CA ASP B 109 5.79 -12.65 31.65
C ASP B 109 4.40 -12.34 31.11
N THR B 110 3.66 -11.45 31.77
CA THR B 110 2.28 -11.23 31.40
C THR B 110 1.88 -9.79 31.72
N VAL B 111 0.96 -9.28 30.93
CA VAL B 111 0.43 -7.92 31.13
C VAL B 111 -1.09 -8.04 31.12
N ILE B 112 -1.68 -7.80 32.28
CA ILE B 112 -3.13 -7.88 32.49
C ILE B 112 -3.70 -6.50 32.15
N ASN B 113 -4.60 -6.43 31.20
CA ASN B 113 -5.21 -5.18 30.77
C ASN B 113 -6.71 -5.19 31.07
N LEU B 114 -7.13 -4.31 31.97
CA LEU B 114 -8.55 -4.11 32.27
C LEU B 114 -9.12 -3.10 31.31
N ASN B 115 -10.11 -3.53 30.53
CA ASN B 115 -10.75 -2.70 29.50
C ASN B 115 -12.18 -2.37 29.93
N VAL B 116 -12.36 -1.17 30.48
CA VAL B 116 -13.62 -0.76 31.09
C VAL B 116 -14.04 0.52 30.38
N PRO B 117 -15.35 0.70 30.14
CA PRO B 117 -15.88 1.85 29.41
C PRO B 117 -15.56 3.18 30.08
N PHE B 118 -15.18 4.16 29.31
CA PHE B 118 -14.76 5.45 29.82
C PHE B 118 -15.89 6.09 30.61
N GLU B 119 -17.09 5.96 30.14
CA GLU B 119 -18.20 6.49 30.91
C GLU B 119 -18.35 5.77 32.24
N VAL B 120 -18.14 4.47 32.25
CA VAL B 120 -18.18 3.76 33.47
C VAL B 120 -17.09 4.26 34.40
N ILE B 121 -15.89 4.47 33.89
CA ILE B 121 -14.82 4.95 34.72
C ILE B 121 -15.16 6.32 35.30
N LYS B 122 -15.81 7.15 34.54
CA LYS B 122 -16.18 8.45 35.07
C LYS B 122 -17.19 8.33 36.21
N GLN B 123 -18.16 7.48 36.08
CA GLN B 123 -19.08 7.27 37.18
C GLN B 123 -18.30 6.75 38.43
N ARG B 124 -17.30 5.89 38.22
CA ARG B 124 -16.50 5.43 39.33
C ARG B 124 -15.67 6.46 40.06
N LEU B 125 -14.92 7.28 39.37
CA LEU B 125 -14.05 8.24 40.01
C LEU B 125 -14.87 9.31 40.74
N THR B 126 -16.04 9.66 40.18
CA THR B 126 -16.96 10.59 40.86
C THR B 126 -17.35 10.07 42.23
N ALA B 127 -17.48 8.76 42.35
CA ALA B 127 -17.93 8.13 43.57
C ALA B 127 -16.76 7.60 44.44
N ARG B 128 -15.50 7.98 44.14
CA ARG B 128 -14.34 7.43 44.86
C ARG B 128 -13.99 8.32 46.05
N TRP B 129 -13.81 7.70 47.21
CA TRP B 129 -13.38 8.37 48.42
C TRP B 129 -12.28 7.54 49.08
N ILE B 130 -11.25 8.21 49.57
CA ILE B 130 -10.10 7.56 50.18
C ILE B 130 -9.98 8.01 51.63
N HIS B 131 -9.56 7.09 52.50
CA HIS B 131 -9.08 7.43 53.83
C HIS B 131 -7.61 7.80 53.68
N PRO B 132 -7.21 9.07 53.87
CA PRO B 132 -5.87 9.46 53.45
C PRO B 132 -4.74 8.91 54.32
N ALA B 133 -4.95 8.71 55.63
CA ALA B 133 -3.89 8.20 56.49
C ALA B 133 -3.43 6.82 56.05
N SER B 134 -4.36 6.00 55.53
CA SER B 134 -4.06 4.64 55.13
C SER B 134 -4.15 4.44 53.63
N GLY B 135 -4.79 5.36 52.91
CA GLY B 135 -5.09 5.16 51.51
C GLY B 135 -6.05 4.05 51.23
N ARG B 136 -6.82 3.60 52.23
CA ARG B 136 -7.98 2.75 51.96
C ARG B 136 -8.89 3.44 50.94
N VAL B 137 -9.25 2.70 49.89
CA VAL B 137 -10.09 3.19 48.81
C VAL B 137 -11.52 2.70 49.01
N TYR B 138 -12.48 3.62 48.94
CA TYR B 138 -13.89 3.28 48.96
C TYR B 138 -14.57 3.75 47.69
N ASN B 139 -15.78 3.27 47.54
CA ASN B 139 -16.66 3.74 46.50
C ASN B 139 -18.10 3.69 47.02
N ILE B 140 -18.87 4.74 46.65
CA ILE B 140 -20.27 4.87 47.07
C ILE B 140 -21.05 3.61 46.81
N GLU B 141 -20.93 3.07 45.61
CA GLU B 141 -21.74 1.98 45.10
C GLU B 141 -21.14 0.61 45.40
N PHE B 142 -19.84 0.46 45.22
CA PHE B 142 -19.17 -0.84 45.14
C PHE B 142 -18.51 -1.25 46.43
N ASN B 143 -17.99 -0.30 47.16
CA ASN B 143 -17.27 -0.62 48.39
C ASN B 143 -17.53 0.49 49.39
N PRO B 144 -18.78 0.64 49.83
CA PRO B 144 -19.14 1.81 50.63
C PRO B 144 -18.61 1.67 52.03
N PRO B 145 -18.23 2.77 52.68
CA PRO B 145 -17.91 2.71 54.11
C PRO B 145 -19.16 2.27 54.87
N LYS B 146 -18.93 1.78 56.09
CA LYS B 146 -20.07 1.44 56.93
C LYS B 146 -20.88 2.69 57.26
N THR B 147 -20.20 3.80 57.55
CA THR B 147 -20.84 5.08 57.80
C THR B 147 -20.40 6.08 56.73
N VAL B 148 -21.34 6.65 56.01
CA VAL B 148 -21.02 7.50 54.90
C VAL B 148 -19.99 8.54 55.29
N GLY B 149 -18.99 8.77 54.45
CA GLY B 149 -17.97 9.76 54.64
C GLY B 149 -16.89 9.51 55.65
N ILE B 150 -16.87 8.34 56.24
CA ILE B 150 -15.95 8.02 57.31
C ILE B 150 -15.25 6.69 57.14
N ASP B 151 -13.95 6.61 57.38
CA ASP B 151 -13.23 5.35 57.23
C ASP B 151 -13.81 4.33 58.17
N ASP B 152 -14.01 3.11 57.73
CA ASP B 152 -14.65 2.12 58.57
C ASP B 152 -13.93 1.86 59.89
N LEU B 153 -12.65 1.68 59.83
CA LEU B 153 -11.86 1.41 60.99
C LEU B 153 -11.57 2.51 61.98
N THR B 154 -11.16 3.67 61.48
CA THR B 154 -10.67 4.71 62.36
C THR B 154 -11.58 5.80 62.73
N GLY B 155 -12.62 6.00 61.97
CA GLY B 155 -13.56 7.08 62.21
C GLY B 155 -13.09 8.41 61.66
N GLU B 156 -11.95 8.46 60.99
CA GLU B 156 -11.48 9.67 60.40
C GLU B 156 -12.26 9.91 59.13
N PRO B 157 -12.35 11.16 58.71
CA PRO B 157 -13.10 11.49 57.49
C PRO B 157 -12.43 10.97 56.21
N LEU B 158 -13.25 10.59 55.25
CA LEU B 158 -12.78 10.28 53.92
C LEU B 158 -12.69 11.58 53.11
N ILE B 159 -11.72 11.59 52.18
CA ILE B 159 -11.41 12.69 51.27
C ILE B 159 -11.54 12.17 49.85
N GLN B 160 -11.67 13.08 48.91
CA GLN B 160 -11.65 12.74 47.49
C GLN B 160 -10.31 13.17 46.92
N ARG B 161 -9.84 12.46 45.90
CA ARG B 161 -8.54 12.77 45.30
C ARG B 161 -8.70 14.00 44.44
N GLU B 162 -7.74 14.92 44.56
CA GLU B 162 -7.81 16.15 43.80
C GLU B 162 -7.88 15.88 42.30
N ASP B 163 -7.28 14.79 41.83
CA ASP B 163 -7.28 14.56 40.39
C ASP B 163 -8.49 13.80 39.91
N ASP B 164 -9.42 13.45 40.80
CA ASP B 164 -10.69 12.85 40.41
C ASP B 164 -11.76 13.89 40.08
N LYS B 165 -11.38 15.15 39.95
CA LYS B 165 -12.35 16.15 39.54
C LYS B 165 -12.69 15.95 38.06
N PRO B 166 -13.93 16.23 37.66
CA PRO B 166 -14.31 16.09 36.25
C PRO B 166 -13.26 16.49 35.23
N GLU B 167 -12.66 17.68 35.33
CA GLU B 167 -11.77 18.16 34.26
C GLU B 167 -10.50 17.34 34.20
N THR B 168 -9.94 17.03 35.37
CA THR B 168 -8.67 16.33 35.41
C THR B 168 -8.86 14.86 35.03
N VAL B 169 -10.01 14.27 35.31
CA VAL B 169 -10.22 12.90 34.83
C VAL B 169 -10.24 12.90 33.30
N ILE B 170 -10.83 13.94 32.71
CA ILE B 170 -10.80 14.06 31.25
C ILE B 170 -9.36 14.11 30.74
N LYS B 171 -8.52 14.90 31.41
CA LYS B 171 -7.15 15.04 30.94
C LYS B 171 -6.36 13.74 31.14
N ARG B 172 -6.72 12.98 32.18
CA ARG B 172 -6.02 11.72 32.48
C ARG B 172 -6.39 10.62 31.50
N LEU B 173 -7.66 10.60 31.05
CA LEU B 173 -8.03 9.63 30.03
C LEU B 173 -7.38 9.97 28.69
N LYS B 174 -7.15 11.25 28.41
CA LYS B 174 -6.55 11.59 27.13
C LYS B 174 -5.04 11.34 27.13
N ALA B 175 -4.34 11.61 28.23
CA ALA B 175 -2.96 11.18 28.33
C ALA B 175 -2.86 9.66 28.17
N TYR B 176 -3.78 8.92 28.79
CA TYR B 176 -3.80 7.48 28.65
C TYR B 176 -3.94 7.08 27.19
N GLU B 177 -4.98 7.59 26.52
CA GLU B 177 -5.21 7.28 25.10
C GLU B 177 -3.98 7.63 24.27
N ASP B 178 -3.41 8.81 24.49
CA ASP B 178 -2.33 9.28 23.64
C ASP B 178 -1.01 8.59 23.94
N GLN B 179 -0.68 8.35 25.23
CA GLN B 179 0.66 7.91 25.58
C GLN B 179 0.74 6.46 26.05
N THR B 180 -0.33 5.90 26.61
CA THR B 180 -0.24 4.58 27.22
C THR B 180 -0.82 3.51 26.31
N LYS B 181 -1.79 3.84 25.47
CA LYS B 181 -2.27 2.85 24.52
C LYS B 181 -1.17 2.36 23.56
N PRO B 182 -0.19 3.15 23.14
CA PRO B 182 0.94 2.56 22.41
C PRO B 182 1.66 1.48 23.21
N VAL B 183 1.70 1.58 24.53
CA VAL B 183 2.33 0.55 25.35
C VAL B 183 1.53 -0.75 25.28
N LEU B 184 0.19 -0.67 25.31
CA LEU B 184 -0.64 -1.86 25.14
C LEU B 184 -0.34 -2.52 23.79
N GLU B 185 -0.19 -1.73 22.72
CA GLU B 185 0.07 -2.30 21.40
C GLU B 185 1.44 -2.95 21.35
N TYR B 186 2.42 -2.30 21.94
CA TYR B 186 3.75 -2.85 22.16
C TYR B 186 3.67 -4.22 22.83
N TYR B 187 2.88 -4.33 23.89
CA TYR B 187 2.86 -5.62 24.59
C TYR B 187 2.05 -6.68 23.85
N GLN B 188 0.97 -6.26 23.16
CA GLN B 188 0.22 -7.17 22.30
C GLN B 188 1.10 -7.78 21.22
N LYS B 189 1.95 -6.97 20.59
CA LYS B 189 2.85 -7.50 19.57
C LYS B 189 3.94 -8.40 20.16
N LYS B 190 4.32 -8.18 21.43
CA LYS B 190 5.23 -9.09 22.10
C LYS B 190 4.55 -10.37 22.55
N GLY B 191 3.22 -10.48 22.44
CA GLY B 191 2.50 -11.68 22.76
C GLY B 191 2.17 -11.91 24.22
N VAL B 192 2.26 -10.88 25.07
CA VAL B 192 2.07 -11.02 26.51
C VAL B 192 0.83 -10.28 27.05
N LEU B 193 0.06 -9.65 26.17
CA LEU B 193 -1.09 -8.86 26.62
C LEU B 193 -2.30 -9.77 26.82
N GLU B 194 -2.86 -9.73 28.01
CA GLU B 194 -4.07 -10.50 28.27
C GLU B 194 -5.10 -9.48 28.69
N THR B 195 -6.13 -9.32 27.85
CA THR B 195 -7.13 -8.27 28.06
C THR B 195 -8.44 -8.81 28.62
N PHE B 196 -8.95 -8.14 29.64
CA PHE B 196 -10.20 -8.50 30.27
C PHE B 196 -11.14 -7.30 30.21
N SER B 197 -12.29 -7.47 29.56
CA SER B 197 -13.24 -6.38 29.35
C SER B 197 -14.49 -6.58 30.19
N GLY B 198 -15.02 -5.48 30.71
CA GLY B 198 -16.27 -5.50 31.44
C GLY B 198 -16.51 -4.17 32.10
N THR B 199 -17.66 -4.09 32.77
CA THR B 199 -18.03 -2.91 33.53
C THR B 199 -18.04 -3.15 35.03
N GLU B 200 -17.89 -4.41 35.48
CA GLU B 200 -17.82 -4.68 36.92
C GLU B 200 -16.58 -5.50 37.27
N THR B 201 -15.93 -5.11 38.38
CA THR B 201 -14.74 -5.84 38.82
C THR B 201 -15.08 -7.28 39.19
N ASN B 202 -16.20 -7.50 39.89
CA ASN B 202 -16.63 -8.86 40.21
C ASN B 202 -16.99 -9.71 39.00
N LYS B 203 -17.23 -9.12 37.84
CA LYS B 203 -17.43 -9.93 36.64
C LYS B 203 -16.12 -10.27 35.95
N ILE B 204 -15.11 -9.40 36.08
CA ILE B 204 -13.78 -9.57 35.50
C ILE B 204 -12.90 -10.46 36.37
N TRP B 205 -13.07 -10.38 37.68
CA TRP B 205 -12.09 -10.97 38.58
C TRP B 205 -11.96 -12.49 38.39
N PRO B 206 -13.02 -13.26 38.11
CA PRO B 206 -12.83 -14.72 38.01
C PRO B 206 -11.97 -15.10 36.81
N TYR B 207 -11.97 -14.27 35.79
CA TYR B 207 -11.13 -14.52 34.62
C TYR B 207 -9.68 -14.15 34.91
N VAL B 208 -9.45 -13.07 35.67
CA VAL B 208 -8.11 -12.75 36.13
C VAL B 208 -7.58 -13.85 37.05
N TYR B 209 -8.35 -14.22 38.08
CA TYR B 209 -7.96 -15.27 39.02
C TYR B 209 -7.56 -16.54 38.30
N ALA B 210 -8.44 -17.06 37.43
CA ALA B 210 -8.17 -18.33 36.77
C ALA B 210 -6.95 -18.20 35.89
N PHE B 211 -6.80 -17.05 35.24
CA PHE B 211 -5.63 -16.81 34.42
C PHE B 211 -4.36 -16.85 35.25
N LEU B 212 -4.36 -16.20 36.43
CA LEU B 212 -3.13 -16.17 37.20
C LEU B 212 -2.82 -17.51 37.87
N GLN B 213 -3.81 -18.37 38.07
CA GLN B 213 -3.53 -19.70 38.66
C GLN B 213 -2.57 -20.52 37.82
N THR B 214 -2.51 -20.30 36.51
CA THR B 214 -1.54 -21.01 35.69
C THR B 214 -0.13 -20.41 35.72
N LYS B 215 0.09 -19.25 36.37
CA LYS B 215 1.36 -18.57 36.25
C LYS B 215 2.09 -18.35 37.56
N VAL B 216 1.46 -18.54 38.71
CA VAL B 216 2.11 -18.15 39.96
C VAL B 216 1.39 -18.84 41.10
N PRO B 217 2.07 -19.22 42.19
CA PRO B 217 1.40 -19.98 43.24
C PRO B 217 0.43 -19.13 44.06
N GLN B 218 -0.57 -19.80 44.63
CA GLN B 218 -1.52 -19.13 45.51
C GLN B 218 -0.94 -19.00 46.92
N ARG B 219 -1.50 -18.08 47.66
CA ARG B 219 -1.07 -17.67 48.98
C ARG B 219 -1.73 -18.31 50.17
N SER B 220 -1.08 -18.17 51.34
CA SER B 220 -1.65 -18.61 52.63
C SER B 220 -3.18 -18.56 52.68
N SER C 4 5.52 -16.58 7.52
CA SER C 4 4.76 -15.38 7.17
C SER C 4 4.19 -15.46 5.76
N ALA C 5 2.87 -15.65 5.69
CA ALA C 5 2.18 -15.71 4.41
C ALA C 5 1.81 -14.34 3.84
N ARG C 6 2.01 -13.29 4.60
CA ARG C 6 1.64 -11.96 4.21
C ARG C 6 2.44 -11.32 3.09
N LEU C 7 1.82 -10.40 2.39
CA LEU C 7 2.54 -9.66 1.37
C LEU C 7 3.32 -8.52 2.00
N LEU C 8 4.48 -8.22 1.42
CA LEU C 8 5.29 -7.10 1.88
C LEU C 8 4.91 -5.81 1.15
N ARG C 9 4.84 -4.74 1.93
CA ARG C 9 4.64 -3.36 1.47
C ARG C 9 5.87 -2.57 1.93
N ALA C 10 6.78 -2.31 1.02
CA ALA C 10 7.99 -1.60 1.36
C ALA C 10 8.01 -0.25 0.65
N VAL C 11 8.74 0.67 1.26
CA VAL C 11 8.97 2.01 0.75
C VAL C 11 10.47 2.24 0.80
N ILE C 12 11.05 2.80 -0.27
CA ILE C 12 12.43 3.26 -0.25
C ILE C 12 12.42 4.77 -0.45
N MET C 13 13.02 5.50 0.50
CA MET C 13 13.19 6.95 0.36
C MET C 13 14.65 7.38 0.48
N GLY C 14 14.86 8.66 0.19
CA GLY C 14 16.16 9.32 0.28
C GLY C 14 16.13 10.62 -0.49
N ALA C 15 17.08 11.49 -0.18
CA ALA C 15 17.16 12.73 -0.94
C ALA C 15 17.45 12.41 -2.40
N PRO C 16 17.23 13.36 -3.30
CA PRO C 16 17.42 13.06 -4.72
C PRO C 16 18.87 12.73 -5.01
N GLY C 17 19.08 11.85 -5.99
CA GLY C 17 20.41 11.34 -6.28
C GLY C 17 20.98 10.38 -5.26
N SER C 18 20.29 10.10 -4.15
CA SER C 18 20.83 9.21 -3.12
C SER C 18 20.97 7.78 -3.59
N GLY C 19 20.51 7.44 -4.79
CA GLY C 19 20.60 6.08 -5.28
C GLY C 19 19.36 5.23 -5.15
N LYS C 20 18.20 5.80 -4.82
CA LYS C 20 16.95 5.02 -4.68
C LYS C 20 16.69 4.17 -5.91
N GLY C 21 16.89 4.73 -7.09
CA GLY C 21 16.72 3.97 -8.31
C GLY C 21 17.69 2.82 -8.42
N THR C 22 18.97 3.09 -8.14
CA THR C 22 19.98 2.04 -8.20
C THR C 22 19.64 0.90 -7.26
N VAL C 23 19.37 1.20 -5.98
CA VAL C 23 19.07 0.17 -4.99
C VAL C 23 17.78 -0.58 -5.34
N SER C 24 16.75 0.13 -5.80
CA SER C 24 15.47 -0.49 -6.14
C SER C 24 15.63 -1.56 -7.21
N SER C 25 16.39 -1.25 -8.26
CA SER C 25 16.62 -2.21 -9.32
C SER C 25 17.33 -3.44 -8.79
N ARG C 26 18.25 -3.25 -7.84
CA ARG C 26 18.94 -4.36 -7.19
C ARG C 26 18.00 -5.16 -6.31
N ILE C 27 17.07 -4.48 -5.64
CA ILE C 27 16.11 -5.18 -4.78
C ILE C 27 15.20 -6.06 -5.62
N THR C 28 14.64 -5.51 -6.68
CA THR C 28 13.69 -6.24 -7.50
C THR C 28 14.39 -7.35 -8.29
N THR C 29 15.68 -7.17 -8.59
CA THR C 29 16.48 -8.24 -9.18
C THR C 29 16.60 -9.42 -8.22
N HIS C 30 16.88 -9.16 -6.95
CA HIS C 30 17.21 -10.23 -6.01
C HIS C 30 15.99 -10.76 -5.24
N PHE C 31 14.94 -9.97 -5.07
CA PHE C 31 13.82 -10.34 -4.21
C PHE C 31 12.51 -10.31 -4.99
N GLU C 32 11.52 -11.11 -4.54
CA GLU C 32 10.27 -11.27 -5.27
C GLU C 32 9.33 -10.14 -4.89
N LEU C 33 9.58 -8.97 -5.47
CA LEU C 33 8.63 -7.88 -5.28
C LEU C 33 8.62 -6.98 -6.51
N LYS C 34 7.49 -6.31 -6.71
CA LYS C 34 7.35 -5.40 -7.82
C LYS C 34 7.78 -4.01 -7.41
N HIS C 35 8.45 -3.34 -8.33
CA HIS C 35 9.01 -2.02 -8.13
C HIS C 35 8.07 -1.02 -8.77
N LEU C 36 7.56 -0.08 -7.99
CA LEU C 36 6.70 0.97 -8.51
C LEU C 36 7.39 2.30 -8.23
N SER C 37 7.73 3.00 -9.30
CA SER C 37 8.48 4.25 -9.24
C SER C 37 7.53 5.42 -9.50
N SER C 38 7.75 6.52 -8.79
CA SER C 38 7.06 7.78 -9.11
C SER C 38 7.43 8.22 -10.50
N GLY C 39 8.74 8.39 -10.75
CA GLY C 39 9.22 8.92 -12.00
C GLY C 39 8.70 8.13 -13.18
N ASP C 40 8.95 6.82 -13.20
CA ASP C 40 8.52 6.00 -14.34
C ASP C 40 7.04 6.21 -14.61
N LEU C 41 6.27 6.44 -13.56
CA LEU C 41 4.83 6.64 -13.68
C LEU C 41 4.52 8.04 -14.19
N LEU C 42 5.20 9.03 -13.70
CA LEU C 42 5.05 10.34 -14.25
C LEU C 42 5.57 10.41 -15.67
N ARG C 43 6.73 9.83 -15.91
CA ARG C 43 7.29 9.90 -17.24
C ARG C 43 6.49 9.24 -18.32
N ASP C 44 5.96 8.07 -18.01
CA ASP C 44 5.10 7.39 -18.97
C ASP C 44 3.75 8.16 -19.16
N ASN C 45 3.31 8.79 -18.11
CA ASN C 45 2.15 9.64 -18.19
C ASN C 45 2.39 10.82 -19.09
N MET C 46 3.59 11.38 -19.05
CA MET C 46 3.97 12.46 -19.93
C MET C 46 3.98 11.98 -21.37
N LEU C 47 4.43 10.75 -21.57
CA LEU C 47 4.43 10.18 -22.87
C LEU C 47 3.07 10.05 -23.45
N ARG C 48 2.07 9.72 -22.66
CA ARG C 48 0.75 9.60 -23.27
C ARG C 48 0.00 10.90 -23.43
N GLY C 49 0.56 12.00 -22.93
CA GLY C 49 -0.01 13.32 -22.94
C GLY C 49 -1.33 13.50 -22.20
N THR C 50 -1.48 12.85 -21.05
CA THR C 50 -2.62 13.09 -20.17
C THR C 50 -2.53 14.41 -19.42
N GLU C 51 -3.66 14.84 -18.84
CA GLU C 51 -3.79 16.14 -18.21
C GLU C 51 -2.76 16.20 -17.10
N ILE C 52 -2.61 15.05 -16.46
CA ILE C 52 -1.61 14.83 -15.43
C ILE C 52 -0.20 15.02 -16.00
N GLY C 53 0.10 14.32 -17.09
CA GLY C 53 1.41 14.48 -17.70
C GLY C 53 1.73 15.91 -18.06
N VAL C 54 0.73 16.65 -18.52
CA VAL C 54 0.93 18.04 -18.93
C VAL C 54 1.36 18.88 -17.73
N LEU C 55 0.60 18.83 -16.65
CA LEU C 55 0.91 19.66 -15.50
C LEU C 55 2.15 19.15 -14.76
N ALA C 56 2.55 17.89 -14.95
CA ALA C 56 3.72 17.38 -14.25
C ALA C 56 5.00 18.04 -14.74
N LYS C 57 5.03 18.29 -16.05
CA LYS C 57 6.23 18.79 -16.68
C LYS C 57 6.70 20.11 -16.13
N ALA C 58 5.81 21.03 -15.85
CA ALA C 58 6.28 22.28 -15.32
C ALA C 58 6.95 22.07 -13.97
N PHE C 59 6.26 21.35 -13.09
CA PHE C 59 6.79 21.12 -11.75
C PHE C 59 8.08 20.35 -11.81
N ILE C 60 8.09 19.32 -12.64
CA ILE C 60 9.26 18.48 -12.77
C ILE C 60 10.48 19.19 -13.32
N ASP C 61 10.31 19.97 -14.38
CA ASP C 61 11.48 20.60 -14.98
C ASP C 61 12.04 21.68 -14.07
N GLN C 62 11.14 22.15 -13.22
CA GLN C 62 11.37 23.18 -12.22
C GLN C 62 11.87 22.69 -10.85
N GLY C 63 11.84 21.38 -10.55
CA GLY C 63 12.22 20.98 -9.21
C GLY C 63 11.11 21.08 -8.19
N LYS C 64 9.87 21.19 -8.64
CA LYS C 64 8.70 21.38 -7.79
C LYS C 64 8.00 20.03 -7.55
N LEU C 65 7.63 19.76 -6.31
CA LEU C 65 6.79 18.61 -6.04
C LEU C 65 5.42 18.79 -6.70
N ILE C 66 4.98 17.76 -7.41
CA ILE C 66 3.65 17.72 -7.99
C ILE C 66 2.60 17.80 -6.89
N PRO C 67 1.45 18.41 -7.12
CA PRO C 67 0.42 18.42 -6.08
C PRO C 67 0.11 17.05 -5.54
N ASP C 68 0.06 16.97 -4.21
CA ASP C 68 -0.39 15.81 -3.45
C ASP C 68 -1.60 15.13 -4.09
N ASP C 69 -2.69 15.89 -4.33
CA ASP C 69 -3.90 15.26 -4.84
C ASP C 69 -3.60 14.52 -6.12
N VAL C 70 -2.72 15.09 -6.95
CA VAL C 70 -2.38 14.49 -8.23
C VAL C 70 -1.62 13.18 -8.01
N MET C 71 -0.58 13.21 -7.20
CA MET C 71 0.30 12.05 -7.13
C MET C 71 -0.35 10.93 -6.33
N THR C 72 -1.12 11.30 -5.30
CA THR C 72 -1.80 10.30 -4.50
C THR C 72 -2.82 9.54 -5.32
N ARG C 73 -3.53 10.23 -6.21
CA ARG C 73 -4.50 9.50 -7.04
C ARG C 73 -3.82 8.54 -8.00
N LEU C 74 -2.67 8.91 -8.52
CA LEU C 74 -2.07 8.01 -9.49
C LEU C 74 -1.27 6.89 -8.82
N ALA C 75 -0.70 7.11 -7.63
CA ALA C 75 -0.06 6.02 -6.90
C ALA C 75 -1.07 5.00 -6.41
N LEU C 76 -2.19 5.48 -5.83
CA LEU C 76 -3.23 4.56 -5.40
C LEU C 76 -3.83 3.81 -6.57
N HIS C 77 -4.09 4.51 -7.67
CA HIS C 77 -4.69 3.84 -8.81
C HIS C 77 -3.76 2.75 -9.35
N GLU C 78 -2.45 3.02 -9.40
CA GLU C 78 -1.50 1.99 -9.82
C GLU C 78 -1.42 0.84 -8.83
N LEU C 79 -1.34 1.16 -7.52
CA LEU C 79 -1.20 0.08 -6.54
C LEU C 79 -2.41 -0.85 -6.55
N LYS C 80 -3.56 -0.37 -7.03
CA LYS C 80 -4.75 -1.20 -7.10
C LYS C 80 -4.56 -2.36 -8.07
N ASN C 81 -3.62 -2.23 -9.03
CA ASN C 81 -3.24 -3.32 -9.91
C ASN C 81 -2.26 -4.30 -9.29
N LEU C 82 -1.69 -3.98 -8.14
CA LEU C 82 -0.58 -4.74 -7.58
C LEU C 82 -0.98 -5.43 -6.29
N THR C 83 -2.29 -5.53 -6.01
CA THR C 83 -2.75 -5.92 -4.68
C THR C 83 -2.40 -7.35 -4.35
N GLN C 84 -2.15 -8.19 -5.35
CA GLN C 84 -1.78 -9.57 -5.09
C GLN C 84 -0.28 -9.76 -4.85
N TYR C 85 0.52 -8.71 -4.94
CA TYR C 85 1.97 -8.85 -4.88
C TYR C 85 2.59 -8.00 -3.78
N SER C 86 3.76 -8.49 -3.36
CA SER C 86 4.68 -7.71 -2.56
C SER C 86 5.29 -6.61 -3.41
N TRP C 87 5.40 -5.40 -2.85
CA TRP C 87 5.89 -4.31 -3.69
C TRP C 87 6.81 -3.38 -2.93
N LEU C 88 7.56 -2.61 -3.73
CA LEU C 88 8.46 -1.56 -3.27
C LEU C 88 8.09 -0.23 -3.93
N LEU C 89 7.78 0.76 -3.11
CA LEU C 89 7.42 2.08 -3.58
C LEU C 89 8.65 2.98 -3.55
N ASP C 90 8.94 3.64 -4.66
CA ASP C 90 10.17 4.39 -4.84
C ASP C 90 9.78 5.76 -5.39
N GLY C 91 9.81 6.79 -4.55
CA GLY C 91 9.49 8.14 -4.96
C GLY C 91 8.19 8.65 -4.40
N PHE C 92 7.36 7.76 -3.87
CA PHE C 92 6.10 8.08 -3.15
C PHE C 92 6.11 7.33 -1.82
N PRO C 93 5.75 7.99 -0.69
CA PRO C 93 5.30 9.39 -0.62
C PRO C 93 6.45 10.37 -0.40
N ARG C 94 6.24 11.63 -0.84
CA ARG C 94 7.18 12.72 -0.64
C ARG C 94 6.68 13.75 0.36
N THR C 95 5.41 13.70 0.77
CA THR C 95 4.85 14.66 1.72
C THR C 95 3.98 13.92 2.74
N LEU C 96 3.80 14.57 3.90
CA LEU C 96 2.98 13.98 4.96
C LEU C 96 1.57 13.63 4.51
N PRO C 97 0.87 14.45 3.70
CA PRO C 97 -0.45 14.01 3.19
C PRO C 97 -0.38 12.82 2.24
N GLN C 98 0.68 12.68 1.45
CA GLN C 98 0.83 11.47 0.67
C GLN C 98 0.98 10.25 1.58
N ALA C 99 1.75 10.37 2.65
CA ALA C 99 1.97 9.20 3.49
C ALA C 99 0.72 8.84 4.28
N GLU C 100 0.01 9.85 4.78
CA GLU C 100 -1.22 9.53 5.51
C GLU C 100 -2.19 8.78 4.61
N ALA C 101 -2.32 9.21 3.35
CA ALA C 101 -3.25 8.55 2.43
C ALA C 101 -2.79 7.13 2.13
N LEU C 102 -1.51 6.93 1.88
CA LEU C 102 -0.98 5.58 1.71
C LEU C 102 -1.33 4.72 2.90
N ASP C 103 -1.18 5.28 4.09
CA ASP C 103 -1.47 4.55 5.31
C ASP C 103 -2.94 4.17 5.46
N ARG C 104 -3.85 4.89 4.83
CA ARG C 104 -5.26 4.54 4.96
C ARG C 104 -5.62 3.35 4.10
N ALA C 105 -4.84 3.06 3.07
CA ALA C 105 -5.09 1.95 2.16
C ALA C 105 -4.17 0.75 2.36
N TYR C 106 -2.95 0.95 2.89
CA TYR C 106 -2.00 -0.12 3.08
C TYR C 106 -1.29 0.06 4.42
N GLN C 107 -0.80 -1.06 4.95
CA GLN C 107 0.05 -1.10 6.13
C GLN C 107 1.52 -1.22 5.72
N ILE C 108 2.29 -0.13 5.84
CA ILE C 108 3.69 -0.17 5.41
C ILE C 108 4.53 -1.03 6.36
N ASP C 109 5.11 -2.11 5.83
CA ASP C 109 5.95 -3.00 6.62
C ASP C 109 7.31 -2.38 6.94
N THR C 110 7.94 -1.74 5.97
CA THR C 110 9.28 -1.21 6.18
C THR C 110 9.55 -0.03 5.24
N VAL C 111 10.31 0.94 5.74
CA VAL C 111 10.69 2.12 4.98
C VAL C 111 12.21 2.21 4.99
N ILE C 112 12.80 1.96 3.85
CA ILE C 112 14.23 2.00 3.68
C ILE C 112 14.63 3.43 3.34
N ASN C 113 15.58 4.00 4.09
CA ASN C 113 16.00 5.40 3.94
C ASN C 113 17.48 5.46 3.58
N LEU C 114 17.80 5.88 2.36
CA LEU C 114 19.19 6.07 1.95
C LEU C 114 19.63 7.47 2.37
N ASN C 115 20.57 7.55 3.32
CA ASN C 115 21.05 8.82 3.87
C ASN C 115 22.40 9.13 3.24
N VAL C 116 22.39 9.94 2.17
CA VAL C 116 23.59 10.26 1.42
C VAL C 116 23.81 11.77 1.54
N PRO C 117 25.01 12.22 1.94
CA PRO C 117 25.27 13.66 1.96
C PRO C 117 24.99 14.31 0.62
N PHE C 118 24.55 15.57 0.68
CA PHE C 118 24.05 16.25 -0.50
C PHE C 118 25.19 16.67 -1.43
N GLU C 119 26.41 16.76 -0.93
CA GLU C 119 27.50 17.08 -1.82
C GLU C 119 27.93 15.83 -2.63
N VAL C 120 27.89 14.65 -2.02
CA VAL C 120 28.04 13.44 -2.85
C VAL C 120 26.99 13.42 -3.95
N ILE C 121 25.77 13.85 -3.61
CA ILE C 121 24.65 13.79 -4.54
C ILE C 121 24.95 14.62 -5.78
N LYS C 122 25.41 15.87 -5.58
CA LYS C 122 25.63 16.76 -6.71
C LYS C 122 26.84 16.32 -7.55
N GLN C 123 27.82 15.64 -6.92
CA GLN C 123 28.79 14.86 -7.68
C GLN C 123 28.09 13.89 -8.60
N ARG C 124 27.18 13.09 -8.02
CA ARG C 124 26.52 12.01 -8.75
C ARG C 124 25.70 12.56 -9.91
N LEU C 125 24.83 13.53 -9.62
CA LEU C 125 23.88 13.97 -10.62
C LEU C 125 24.53 14.76 -11.75
N THR C 126 25.63 15.47 -11.45
CA THR C 126 26.37 16.07 -12.56
C THR C 126 26.96 14.98 -13.45
N ALA C 127 27.08 13.76 -12.96
CA ALA C 127 27.62 12.66 -13.74
C ALA C 127 26.55 11.82 -14.43
N ARG C 128 25.26 12.18 -14.32
CA ARG C 128 24.17 11.27 -14.70
C ARG C 128 23.76 11.47 -16.15
N TRP C 129 23.59 10.37 -16.85
CA TRP C 129 23.10 10.34 -18.22
C TRP C 129 22.08 9.21 -18.34
N ILE C 130 21.01 9.45 -19.12
CA ILE C 130 19.92 8.50 -19.24
C ILE C 130 19.67 8.20 -20.72
N HIS C 131 18.97 7.08 -20.99
CA HIS C 131 18.63 6.63 -22.34
C HIS C 131 17.11 6.56 -22.39
N PRO C 132 16.42 7.66 -22.73
CA PRO C 132 15.02 7.80 -22.31
C PRO C 132 14.07 6.83 -22.99
N ALA C 133 14.53 6.06 -23.99
CA ALA C 133 13.69 5.01 -24.55
C ALA C 133 13.55 3.84 -23.59
N SER C 134 14.37 3.79 -22.52
CA SER C 134 14.22 2.79 -21.48
C SER C 134 14.33 3.37 -20.08
N GLY C 135 14.60 4.66 -19.93
CA GLY C 135 14.91 5.19 -18.63
C GLY C 135 16.15 4.57 -18.01
N ARG C 136 17.00 3.97 -18.83
CA ARG C 136 18.23 3.38 -18.32
C ARG C 136 19.16 4.49 -17.83
N VAL C 137 19.57 4.39 -16.57
CA VAL C 137 20.49 5.35 -15.97
C VAL C 137 21.92 4.88 -16.20
N TYR C 138 22.78 5.80 -16.61
CA TYR C 138 24.22 5.63 -16.54
C TYR C 138 24.83 6.73 -15.68
N ASN C 139 26.13 6.56 -15.41
CA ASN C 139 26.90 7.51 -14.64
C ASN C 139 28.35 7.37 -15.06
N ILE C 140 29.02 8.50 -15.33
CA ILE C 140 30.33 8.39 -15.99
C ILE C 140 31.36 7.76 -15.06
N GLU C 141 31.19 7.90 -13.76
CA GLU C 141 32.07 7.27 -12.77
C GLU C 141 31.57 5.88 -12.37
N PHE C 142 30.39 5.80 -11.75
CA PHE C 142 29.96 4.58 -11.04
C PHE C 142 29.41 3.51 -11.97
N ASN C 143 28.91 3.89 -13.12
CA ASN C 143 28.20 2.96 -13.99
C ASN C 143 28.30 3.53 -15.42
N PRO C 144 29.50 3.60 -15.99
CA PRO C 144 29.67 4.29 -17.28
C PRO C 144 29.30 3.41 -18.45
N PRO C 145 28.80 3.99 -19.54
CA PRO C 145 28.63 3.22 -20.78
C PRO C 145 29.98 2.80 -21.36
N LYS C 146 29.92 1.76 -22.19
CA LYS C 146 31.11 1.23 -22.83
C LYS C 146 31.67 2.33 -23.72
N THR C 147 30.79 2.96 -24.47
CA THR C 147 31.17 4.06 -25.34
C THR C 147 30.58 5.33 -24.73
N VAL C 148 31.43 6.31 -24.47
CA VAL C 148 31.00 7.56 -23.88
C VAL C 148 29.83 8.19 -24.63
N GLY C 149 28.80 8.56 -23.88
CA GLY C 149 27.64 9.20 -24.45
C GLY C 149 26.69 8.40 -25.31
N ILE C 150 26.91 7.10 -25.44
CA ILE C 150 26.03 6.32 -26.24
C ILE C 150 25.65 5.14 -25.42
N ASP C 151 24.41 4.72 -25.51
CA ASP C 151 23.90 3.57 -24.79
C ASP C 151 24.62 2.28 -25.22
N ASP C 152 24.88 1.39 -24.32
CA ASP C 152 25.58 0.19 -24.69
C ASP C 152 24.87 -0.72 -25.67
N LEU C 153 23.60 -0.85 -25.49
CA LEU C 153 22.84 -1.84 -26.27
C LEU C 153 22.52 -1.30 -27.66
N THR C 154 21.77 -0.20 -27.73
CA THR C 154 21.26 0.30 -28.99
C THR C 154 22.32 0.98 -29.84
N GLY C 155 23.28 1.64 -29.22
CA GLY C 155 24.06 2.64 -29.94
C GLY C 155 23.31 3.93 -30.16
N GLU C 156 22.36 4.26 -29.28
CA GLU C 156 21.65 5.52 -29.38
C GLU C 156 22.28 6.55 -28.44
N PRO C 157 22.32 7.82 -28.84
CA PRO C 157 22.86 8.84 -27.93
C PRO C 157 22.11 8.89 -26.60
N LEU C 158 22.88 9.03 -25.52
CA LEU C 158 22.38 9.28 -24.17
C LEU C 158 22.01 10.75 -23.98
N ILE C 159 21.26 11.03 -22.91
CA ILE C 159 20.79 12.38 -22.61
C ILE C 159 20.93 12.65 -21.11
N GLN C 160 21.10 13.91 -20.76
CA GLN C 160 21.20 14.36 -19.37
C GLN C 160 19.88 15.00 -18.96
N ARG C 161 19.26 14.48 -17.91
CA ARG C 161 17.96 14.98 -17.47
C ARG C 161 17.99 16.51 -17.32
N GLU C 162 16.86 17.11 -17.67
CA GLU C 162 16.64 18.54 -17.58
C GLU C 162 16.70 19.01 -16.15
N ASP C 163 16.21 18.20 -15.23
CA ASP C 163 16.22 18.54 -13.81
C ASP C 163 17.57 18.34 -13.10
N ASP C 164 18.52 17.74 -13.80
CA ASP C 164 19.86 17.54 -13.30
C ASP C 164 20.73 18.81 -13.41
N LYS C 165 20.26 19.85 -14.10
CA LYS C 165 21.00 21.11 -14.10
C LYS C 165 21.55 21.32 -12.69
N PRO C 166 22.68 22.01 -12.53
CA PRO C 166 23.11 22.35 -11.16
C PRO C 166 22.13 23.24 -10.40
N GLU C 167 21.28 23.99 -11.10
CA GLU C 167 20.38 24.92 -10.43
C GLU C 167 19.09 24.25 -9.95
N THR C 168 18.45 23.46 -10.82
CA THR C 168 17.23 22.77 -10.43
C THR C 168 17.50 21.71 -9.39
N VAL C 169 18.72 21.13 -9.38
CA VAL C 169 19.12 20.21 -8.31
C VAL C 169 19.10 20.92 -6.96
N ILE C 170 19.31 22.25 -6.97
CA ILE C 170 19.21 23.03 -5.74
C ILE C 170 17.81 22.96 -5.19
N LYS C 171 16.81 23.25 -6.03
CA LYS C 171 15.42 23.31 -5.63
C LYS C 171 14.89 21.93 -5.24
N ARG C 172 15.29 20.89 -5.98
CA ARG C 172 14.85 19.54 -5.61
C ARG C 172 15.36 19.17 -4.22
N LEU C 173 16.63 19.47 -3.92
CA LEU C 173 17.17 19.17 -2.60
C LEU C 173 16.48 20.01 -1.53
N LYS C 174 16.14 21.25 -1.87
CA LYS C 174 15.37 22.12 -0.99
C LYS C 174 14.05 21.46 -0.61
N ALA C 175 13.22 21.18 -1.62
CA ALA C 175 11.90 20.62 -1.36
C ALA C 175 11.99 19.33 -0.55
N TYR C 176 13.08 18.57 -0.71
CA TYR C 176 13.22 17.34 0.05
C TYR C 176 13.34 17.63 1.55
N GLU C 177 14.24 18.54 1.92
CA GLU C 177 14.44 18.83 3.34
C GLU C 177 13.19 19.45 3.96
N ASP C 178 12.52 20.35 3.23
CA ASP C 178 11.38 21.04 3.82
C ASP C 178 10.16 20.13 3.94
N GLN C 179 9.89 19.32 2.91
CA GLN C 179 8.62 18.61 2.77
C GLN C 179 8.71 17.10 2.91
N THR C 180 9.83 16.48 2.57
CA THR C 180 9.92 15.03 2.73
C THR C 180 10.54 14.61 4.06
N LYS C 181 11.51 15.39 4.57
CA LYS C 181 12.06 15.14 5.90
C LYS C 181 11.00 14.85 6.96
N PRO C 182 9.82 15.48 6.95
CA PRO C 182 8.79 15.11 7.93
C PRO C 182 8.21 13.72 7.71
N VAL C 183 8.14 13.26 6.46
CA VAL C 183 7.65 11.91 6.22
C VAL C 183 8.53 10.88 6.92
N LEU C 184 9.86 11.09 6.89
CA LEU C 184 10.77 10.17 7.56
C LEU C 184 10.53 10.16 9.07
N GLU C 185 10.27 11.33 9.65
CA GLU C 185 9.94 11.40 11.07
C GLU C 185 8.61 10.72 11.34
N TYR C 186 7.61 10.96 10.49
CA TYR C 186 6.35 10.22 10.57
C TYR C 186 6.62 8.72 10.59
N TYR C 187 7.52 8.26 9.73
CA TYR C 187 7.76 6.83 9.63
C TYR C 187 8.66 6.33 10.76
N GLN C 188 9.64 7.14 11.19
CA GLN C 188 10.43 6.80 12.37
C GLN C 188 9.53 6.52 13.57
N LYS C 189 8.63 7.46 13.89
CA LYS C 189 7.84 7.30 15.09
C LYS C 189 6.83 6.18 14.97
N LYS C 190 6.46 5.80 13.75
CA LYS C 190 5.70 4.56 13.55
C LYS C 190 6.58 3.32 13.70
N GLY C 191 7.91 3.47 13.77
CA GLY C 191 8.82 2.37 14.03
C GLY C 191 9.15 1.46 12.88
N VAL C 192 8.95 1.89 11.63
CA VAL C 192 9.27 1.09 10.45
C VAL C 192 10.38 1.70 9.62
N LEU C 193 11.01 2.74 10.10
CA LEU C 193 12.09 3.36 9.36
C LEU C 193 13.37 2.60 9.64
N GLU C 194 14.05 2.16 8.58
CA GLU C 194 15.42 1.63 8.66
C GLU C 194 16.31 2.54 7.81
N THR C 195 17.24 3.23 8.46
CA THR C 195 18.10 4.23 7.82
C THR C 195 19.46 3.61 7.50
N PHE C 196 19.98 3.90 6.30
CA PHE C 196 21.30 3.43 5.86
C PHE C 196 22.11 4.61 5.37
N SER C 197 23.19 4.88 6.08
CA SER C 197 24.00 6.06 5.77
C SER C 197 25.33 5.66 5.15
N GLY C 198 25.82 6.49 4.20
CA GLY C 198 27.00 6.17 3.46
C GLY C 198 27.13 7.00 2.21
N THR C 199 28.25 6.78 1.52
CA THR C 199 28.59 7.56 0.35
C THR C 199 28.72 6.72 -0.92
N GLU C 200 28.69 5.39 -0.83
CA GLU C 200 28.79 4.50 -1.98
C GLU C 200 27.67 3.48 -1.89
N THR C 201 27.00 3.24 -3.02
CA THR C 201 25.90 2.29 -3.04
C THR C 201 26.41 0.88 -2.81
N ASN C 202 27.58 0.57 -3.36
CA ASN C 202 28.15 -0.74 -3.14
C ASN C 202 28.56 -0.92 -1.70
N LYS C 203 28.46 0.09 -0.84
CA LYS C 203 28.62 -0.20 0.58
C LYS C 203 27.41 0.08 1.44
N ILE C 204 26.33 0.56 0.87
CA ILE C 204 25.04 0.40 1.51
C ILE C 204 24.42 -0.94 1.14
N TRP C 205 24.49 -1.33 -0.13
CA TRP C 205 23.70 -2.47 -0.60
C TRP C 205 23.85 -3.71 0.28
N PRO C 206 25.03 -4.07 0.80
CA PRO C 206 25.10 -5.27 1.65
C PRO C 206 24.17 -5.23 2.85
N TYR C 207 24.13 -4.12 3.58
CA TYR C 207 23.26 -4.03 4.74
C TYR C 207 21.78 -4.02 4.34
N VAL C 208 21.43 -3.27 3.30
CA VAL C 208 20.07 -3.32 2.75
C VAL C 208 19.70 -4.74 2.35
N TYR C 209 20.63 -5.45 1.71
CA TYR C 209 20.36 -6.81 1.25
C TYR C 209 20.11 -7.74 2.41
N ALA C 210 20.93 -7.64 3.47
CA ALA C 210 20.76 -8.52 4.63
C ALA C 210 19.47 -8.22 5.38
N PHE C 211 19.17 -6.95 5.58
CA PHE C 211 17.91 -6.55 6.16
C PHE C 211 16.69 -7.16 5.43
N LEU C 212 16.69 -7.17 4.09
CA LEU C 212 15.50 -7.64 3.37
C LEU C 212 15.33 -9.15 3.42
N GLN C 213 16.41 -9.92 3.57
CA GLN C 213 16.25 -11.37 3.72
C GLN C 213 15.31 -11.68 4.89
N THR C 214 15.42 -10.93 5.98
CA THR C 214 14.51 -11.14 7.10
C THR C 214 13.07 -10.71 6.81
N LYS C 215 12.76 -10.12 5.64
CA LYS C 215 11.41 -9.63 5.38
C LYS C 215 10.74 -10.21 4.14
N VAL C 216 11.46 -10.77 3.20
CA VAL C 216 10.81 -11.08 1.92
C VAL C 216 11.54 -12.20 1.19
N PRO C 217 10.82 -13.07 0.48
CA PRO C 217 11.51 -14.15 -0.24
C PRO C 217 12.55 -13.65 -1.24
N GLN C 218 13.62 -14.43 -1.39
CA GLN C 218 14.75 -14.12 -2.27
C GLN C 218 14.60 -14.86 -3.59
N ARG C 219 13.77 -14.30 -4.46
CA ARG C 219 13.54 -14.83 -5.81
C ARG C 219 13.80 -16.33 -5.97
N ALA D 3 23.74 -3.78 27.72
CA ALA D 3 22.80 -2.69 27.51
C ALA D 3 22.27 -2.19 28.85
N SER D 4 22.63 -0.96 29.17
CA SER D 4 22.10 -0.28 30.35
C SER D 4 20.57 -0.22 30.31
N ALA D 5 19.97 -0.51 31.48
CA ALA D 5 18.52 -0.41 31.61
C ALA D 5 18.05 1.04 31.52
N ARG D 6 18.69 1.92 32.29
CA ARG D 6 18.42 3.35 32.25
C ARG D 6 19.36 4.03 31.26
N LEU D 7 18.79 4.77 30.31
CA LEU D 7 19.60 5.60 29.43
C LEU D 7 20.11 6.81 30.21
N LEU D 8 21.36 7.20 29.91
CA LEU D 8 22.01 8.32 30.59
C LEU D 8 21.65 9.65 29.91
N ARG D 9 21.54 10.69 30.72
CA ARG D 9 21.33 12.06 30.25
C ARG D 9 22.46 12.88 30.87
N ALA D 10 23.45 13.25 30.06
CA ALA D 10 24.60 13.98 30.57
C ALA D 10 24.70 15.35 29.92
N VAL D 11 25.28 16.30 30.65
CA VAL D 11 25.60 17.64 30.15
C VAL D 11 27.08 17.91 30.36
N ILE D 12 27.74 18.50 29.36
CA ILE D 12 29.08 19.03 29.50
C ILE D 12 29.02 20.53 29.29
N MET D 13 29.65 21.26 30.21
CA MET D 13 29.69 22.72 30.26
C MET D 13 31.14 23.18 30.47
N GLY D 14 31.36 24.46 30.21
CA GLY D 14 32.65 25.08 30.39
C GLY D 14 32.69 26.44 29.71
N ALA D 15 33.55 27.32 30.16
CA ALA D 15 33.71 28.57 29.43
C ALA D 15 34.10 28.27 27.99
N PRO D 16 33.78 29.17 27.06
CA PRO D 16 34.21 29.00 25.66
C PRO D 16 35.70 28.72 25.54
N GLY D 17 36.06 27.69 24.75
CA GLY D 17 37.42 27.26 24.54
C GLY D 17 38.01 26.33 25.59
N SER D 18 37.24 25.96 26.62
CA SER D 18 37.70 25.09 27.69
C SER D 18 37.83 23.64 27.24
N GLY D 19 37.32 23.29 26.05
CA GLY D 19 37.51 21.95 25.51
C GLY D 19 36.27 21.07 25.53
N LYS D 20 35.09 21.70 25.50
CA LYS D 20 33.84 20.95 25.53
C LYS D 20 33.69 20.05 24.31
N GLY D 21 33.88 20.61 23.12
CA GLY D 21 33.84 19.79 21.93
C GLY D 21 34.94 18.74 21.91
N THR D 22 36.16 19.12 22.29
CA THR D 22 37.25 18.15 22.31
C THR D 22 36.93 16.95 23.22
N VAL D 23 36.59 17.19 24.48
CA VAL D 23 36.26 16.12 25.43
C VAL D 23 35.04 15.33 24.96
N SER D 24 33.99 16.01 24.47
CA SER D 24 32.79 15.30 24.01
C SER D 24 33.11 14.35 22.86
N SER D 25 34.03 14.76 21.97
CA SER D 25 34.50 13.86 20.92
C SER D 25 35.18 12.63 21.49
N ARG D 26 35.93 12.77 22.59
CA ARG D 26 36.57 11.60 23.20
C ARG D 26 35.54 10.73 23.92
N ILE D 27 34.64 11.37 24.67
CA ILE D 27 33.56 10.65 25.34
C ILE D 27 32.81 9.76 24.35
N THR D 28 32.41 10.34 23.22
CA THR D 28 31.60 9.60 22.26
C THR D 28 32.41 8.48 21.61
N THR D 29 33.72 8.63 21.52
CA THR D 29 34.56 7.54 21.00
C THR D 29 34.59 6.38 21.98
N HIS D 30 34.70 6.68 23.28
CA HIS D 30 34.87 5.63 24.28
C HIS D 30 33.58 5.16 24.95
N PHE D 31 32.47 5.92 24.91
CA PHE D 31 31.30 5.57 25.71
C PHE D 31 30.03 5.53 24.88
N GLU D 32 29.05 4.81 25.42
CA GLU D 32 27.81 4.53 24.72
C GLU D 32 26.80 5.64 24.78
N LEU D 33 27.07 6.74 24.10
CA LEU D 33 26.16 7.88 24.07
C LEU D 33 26.35 8.76 22.86
N LYS D 34 25.29 9.48 22.52
CA LYS D 34 25.26 10.37 21.40
C LYS D 34 25.58 11.82 21.80
N HIS D 35 26.45 12.41 21.03
CA HIS D 35 26.87 13.76 21.28
C HIS D 35 25.99 14.70 20.50
N LEU D 36 25.34 15.59 21.20
CA LEU D 36 24.55 16.65 20.58
C LEU D 36 25.20 17.99 20.95
N SER D 37 25.79 18.62 19.95
CA SER D 37 26.42 19.93 20.06
C SER D 37 25.46 20.99 19.53
N SER D 38 25.17 21.98 20.37
CA SER D 38 24.26 23.02 19.92
C SER D 38 24.95 23.91 18.90
N GLY D 39 26.26 24.15 19.08
CA GLY D 39 27.00 24.98 18.14
C GLY D 39 27.13 24.32 16.79
N ASP D 40 27.35 23.01 16.77
CA ASP D 40 27.46 22.32 15.50
C ASP D 40 26.11 22.31 14.78
N LEU D 41 25.03 22.15 15.55
CA LEU D 41 23.69 22.19 14.98
C LEU D 41 23.36 23.60 14.44
N LEU D 42 23.70 24.63 15.19
CA LEU D 42 23.48 25.98 14.66
C LEU D 42 24.28 26.21 13.38
N ARG D 43 25.60 25.96 13.42
CA ARG D 43 26.45 26.25 12.27
C ARG D 43 26.04 25.43 11.05
N ASP D 44 25.58 24.20 11.29
CA ASP D 44 25.04 23.39 10.20
C ASP D 44 23.73 23.98 9.69
N ASN D 45 22.84 24.39 10.59
CA ASN D 45 21.66 25.14 10.17
C ASN D 45 22.07 26.33 9.30
N MET D 46 23.15 27.01 9.66
CA MET D 46 23.53 28.25 8.99
C MET D 46 24.07 28.00 7.59
N LEU D 47 24.91 26.96 7.43
CA LEU D 47 25.41 26.60 6.11
C LEU D 47 24.29 26.08 5.21
N ARG D 48 23.27 25.42 5.79
CA ARG D 48 22.16 24.86 5.02
C ARG D 48 21.01 25.84 4.81
N GLY D 49 21.11 27.06 5.33
CA GLY D 49 20.16 28.10 4.98
C GLY D 49 18.86 28.12 5.75
N THR D 50 18.60 27.16 6.64
CA THR D 50 17.43 27.23 7.52
C THR D 50 17.26 28.64 8.04
N GLU D 51 16.04 29.10 8.29
CA GLU D 51 15.93 30.46 8.79
C GLU D 51 16.08 30.55 10.30
N ILE D 52 16.21 29.42 10.99
CA ILE D 52 16.85 29.50 12.30
C ILE D 52 18.31 29.92 12.10
N GLY D 53 18.98 29.34 11.10
CA GLY D 53 20.35 29.73 10.80
C GLY D 53 20.49 31.20 10.50
N VAL D 54 19.58 31.76 9.69
CA VAL D 54 19.69 33.18 9.36
C VAL D 54 19.57 34.02 10.62
N LEU D 55 18.65 33.63 11.50
CA LEU D 55 18.41 34.36 12.73
C LEU D 55 19.60 34.27 13.67
N ALA D 56 20.18 33.06 13.76
CA ALA D 56 21.29 32.81 14.67
C ALA D 56 22.53 33.62 14.32
N LYS D 57 22.78 33.83 13.02
CA LYS D 57 24.03 34.43 12.56
C LYS D 57 24.37 35.71 13.29
N ALA D 58 23.41 36.60 13.41
CA ALA D 58 23.69 37.92 13.96
C ALA D 58 24.10 37.82 15.43
N PHE D 59 23.50 36.90 16.17
CA PHE D 59 23.91 36.71 17.57
C PHE D 59 25.28 36.03 17.65
N ILE D 60 25.49 34.96 16.89
CA ILE D 60 26.75 34.22 16.96
C ILE D 60 27.91 35.12 16.62
N ASP D 61 27.86 35.78 15.47
CA ASP D 61 28.97 36.63 15.06
C ASP D 61 29.18 37.81 16.01
N GLN D 62 28.21 38.16 16.83
CA GLN D 62 28.39 39.17 17.87
C GLN D 62 28.80 38.59 19.23
N GLY D 63 28.94 37.28 19.36
CA GLY D 63 29.29 36.78 20.69
C GLY D 63 28.14 36.81 21.67
N LYS D 64 26.90 36.87 21.18
CA LYS D 64 25.73 37.07 22.00
C LYS D 64 24.89 35.80 21.99
N LEU D 65 24.36 35.46 23.14
CA LEU D 65 23.48 34.30 23.27
C LEU D 65 22.20 34.49 22.48
N ILE D 66 21.85 33.47 21.70
CA ILE D 66 20.56 33.41 21.00
C ILE D 66 19.43 33.33 22.01
N PRO D 67 18.30 34.00 21.78
CA PRO D 67 17.24 34.02 22.78
C PRO D 67 16.82 32.63 23.22
N ASP D 68 16.59 32.50 24.53
CA ASP D 68 16.11 31.26 25.14
C ASP D 68 14.96 30.61 24.38
N ASP D 69 13.93 31.41 24.04
CA ASP D 69 12.75 30.80 23.44
C ASP D 69 13.15 29.98 22.22
N VAL D 70 14.02 30.54 21.38
CA VAL D 70 14.44 29.88 20.16
C VAL D 70 15.31 28.68 20.48
N MET D 71 16.25 28.84 21.41
CA MET D 71 17.20 27.76 21.69
C MET D 71 16.51 26.60 22.39
N THR D 72 15.65 26.89 23.35
CA THR D 72 15.00 25.82 24.09
C THR D 72 14.11 25.00 23.18
N ARG D 73 13.39 25.63 22.24
CA ARG D 73 12.57 24.86 21.31
C ARG D 73 13.45 24.02 20.38
N LEU D 74 14.52 24.62 19.86
CA LEU D 74 15.43 23.88 18.99
C LEU D 74 15.97 22.62 19.70
N ALA D 75 16.36 22.76 20.98
CA ALA D 75 17.01 21.63 21.65
C ALA D 75 16.02 20.56 22.09
N LEU D 76 14.90 20.96 22.67
CA LEU D 76 13.89 19.98 23.09
C LEU D 76 13.32 19.24 21.90
N HIS D 77 13.25 19.90 20.73
CA HIS D 77 12.80 19.21 19.53
C HIS D 77 13.79 18.11 19.14
N GLU D 78 15.10 18.44 19.13
CA GLU D 78 16.07 17.46 18.70
C GLU D 78 16.11 16.29 19.68
N LEU D 79 16.05 16.59 20.97
CA LEU D 79 16.16 15.55 21.99
C LEU D 79 15.01 14.56 21.92
N LYS D 80 13.79 15.02 21.56
CA LYS D 80 12.66 14.10 21.48
C LYS D 80 12.96 12.97 20.51
N ASN D 81 13.66 13.28 19.41
CA ASN D 81 14.11 12.26 18.48
C ASN D 81 15.09 11.29 19.10
N LEU D 82 15.57 11.53 20.32
CA LEU D 82 16.70 10.80 20.87
C LEU D 82 16.36 10.05 22.14
N THR D 83 15.06 9.88 22.47
CA THR D 83 14.72 9.24 23.74
C THR D 83 15.28 7.82 23.83
N GLN D 84 15.58 7.19 22.71
CA GLN D 84 16.08 5.82 22.80
C GLN D 84 17.62 5.74 22.97
N TYR D 85 18.32 6.87 23.02
CA TYR D 85 19.76 6.92 23.23
C TYR D 85 20.11 7.57 24.57
N SER D 86 21.21 7.08 25.16
CA SER D 86 21.97 7.90 26.09
C SER D 86 22.60 9.04 25.31
N TRP D 87 22.61 10.26 25.87
CA TRP D 87 23.12 11.40 25.11
C TRP D 87 23.89 12.37 26.00
N LEU D 88 24.73 13.16 25.33
CA LEU D 88 25.64 14.15 25.90
C LEU D 88 25.35 15.50 25.26
N LEU D 89 24.84 16.43 26.05
CA LEU D 89 24.45 17.74 25.56
C LEU D 89 25.63 18.67 25.72
N ASP D 90 26.06 19.31 24.62
CA ASP D 90 27.26 20.13 24.62
C ASP D 90 26.94 21.50 24.02
N GLY D 91 26.93 22.54 24.85
CA GLY D 91 26.52 23.87 24.43
C GLY D 91 25.10 24.27 24.80
N PHE D 92 24.28 23.36 25.30
CA PHE D 92 22.98 23.61 25.92
C PHE D 92 22.93 22.84 27.24
N PRO D 93 22.48 23.45 28.36
CA PRO D 93 21.95 24.82 28.45
C PRO D 93 22.98 25.88 28.77
N ARG D 94 22.66 27.12 28.42
CA ARG D 94 23.54 28.27 28.68
C ARG D 94 22.97 29.35 29.63
N THR D 95 21.70 29.25 30.00
CA THR D 95 21.03 30.19 30.88
C THR D 95 20.09 29.42 31.79
N LEU D 96 19.72 30.01 32.93
CA LEU D 96 18.76 29.37 33.82
C LEU D 96 17.43 28.97 33.17
N PRO D 97 16.77 29.80 32.36
CA PRO D 97 15.53 29.29 31.73
C PRO D 97 15.77 28.07 30.84
N GLN D 98 16.93 27.99 30.17
CA GLN D 98 17.22 26.82 29.35
C GLN D 98 17.36 25.59 30.25
N ALA D 99 18.08 25.76 31.37
CA ALA D 99 18.31 24.59 32.25
C ALA D 99 17.03 24.16 32.94
N GLU D 100 16.15 25.12 33.27
CA GLU D 100 14.87 24.81 33.89
C GLU D 100 13.89 24.14 32.94
N ALA D 101 13.86 24.54 31.67
CA ALA D 101 13.10 23.80 30.67
C ALA D 101 13.64 22.37 30.49
N LEU D 102 14.96 22.25 30.38
CA LEU D 102 15.55 20.93 30.19
C LEU D 102 15.13 20.00 31.31
N ASP D 103 15.13 20.48 32.57
CA ASP D 103 14.75 19.61 33.67
C ASP D 103 13.24 19.36 33.78
N ARG D 104 12.39 20.16 33.12
CA ARG D 104 10.98 19.74 33.02
C ARG D 104 10.79 18.61 32.03
N ALA D 105 11.73 18.40 31.12
CA ALA D 105 11.64 17.32 30.15
C ALA D 105 12.46 16.08 30.53
N TYR D 106 13.67 16.27 31.07
CA TYR D 106 14.62 15.20 31.33
C TYR D 106 15.17 15.29 32.75
N GLN D 107 15.65 14.16 33.25
CA GLN D 107 16.38 14.15 34.51
C GLN D 107 17.84 14.04 34.10
N ILE D 108 18.60 15.09 34.37
CA ILE D 108 20.01 15.11 34.00
C ILE D 108 20.78 14.30 35.05
N ASP D 109 21.52 13.30 34.59
CA ASP D 109 22.27 12.44 35.48
C ASP D 109 23.53 13.10 35.99
N THR D 110 24.18 13.91 35.13
CA THR D 110 25.58 14.27 35.30
C THR D 110 25.85 15.51 34.47
N VAL D 111 26.42 16.53 35.09
CA VAL D 111 26.94 17.72 34.43
C VAL D 111 28.43 17.75 34.64
N ILE D 112 29.16 17.55 33.57
CA ILE D 112 30.62 17.68 33.56
C ILE D 112 30.95 19.15 33.30
N ASN D 113 31.75 19.72 34.18
CA ASN D 113 32.13 21.13 34.07
C ASN D 113 33.64 21.17 33.91
N LEU D 114 34.10 21.75 32.82
CA LEU D 114 35.51 21.93 32.57
C LEU D 114 35.96 23.31 32.99
N ASN D 115 36.89 23.38 33.94
CA ASN D 115 37.30 24.67 34.54
C ASN D 115 38.73 24.96 34.10
N VAL D 116 38.85 25.85 33.13
CA VAL D 116 40.12 26.14 32.45
C VAL D 116 40.32 27.65 32.51
N PRO D 117 41.54 28.14 32.74
CA PRO D 117 41.71 29.61 32.87
C PRO D 117 41.44 30.39 31.58
N PHE D 118 40.91 31.58 31.75
CA PHE D 118 40.55 32.36 30.60
C PHE D 118 41.75 32.67 29.71
N GLU D 119 42.88 32.94 30.30
CA GLU D 119 44.05 33.23 29.48
C GLU D 119 44.42 32.01 28.64
N VAL D 120 44.36 30.81 29.18
CA VAL D 120 44.64 29.64 28.40
C VAL D 120 43.62 29.52 27.28
N ILE D 121 42.37 29.71 27.62
CA ILE D 121 41.36 29.60 26.62
C ILE D 121 41.46 30.63 25.51
N LYS D 122 41.87 31.83 25.82
CA LYS D 122 42.05 32.83 24.80
C LYS D 122 43.12 32.40 23.80
N GLN D 123 44.19 31.80 24.24
CA GLN D 123 45.20 31.34 23.30
C GLN D 123 44.67 30.20 22.44
N ARG D 124 43.83 29.33 23.03
CA ARG D 124 43.36 28.18 22.26
C ARG D 124 42.50 28.63 21.10
N LEU D 125 41.54 29.53 21.36
CA LEU D 125 40.61 29.97 20.33
C LEU D 125 41.29 30.77 19.24
N THR D 126 42.38 31.48 19.59
CA THR D 126 43.19 32.15 18.56
C THR D 126 43.78 31.13 17.58
N ALA D 127 44.05 29.91 18.04
CA ALA D 127 44.63 28.88 17.19
C ALA D 127 43.62 27.88 16.64
N ARG D 128 42.31 28.06 16.92
CA ARG D 128 41.31 27.12 16.45
C ARG D 128 40.99 27.36 14.99
N TRP D 129 40.93 26.27 14.21
CA TRP D 129 40.53 26.26 12.81
C TRP D 129 39.49 25.16 12.64
N ILE D 130 38.43 25.39 11.83
CA ILE D 130 37.42 24.36 11.63
C ILE D 130 37.22 24.05 10.15
N HIS D 131 36.78 22.83 9.88
CA HIS D 131 36.25 22.48 8.58
C HIS D 131 34.73 22.75 8.54
N PRO D 132 34.31 23.84 7.91
CA PRO D 132 32.89 24.24 8.05
C PRO D 132 31.89 23.12 7.86
N ALA D 133 32.01 22.37 6.75
CA ALA D 133 30.96 21.43 6.36
C ALA D 133 30.72 20.39 7.42
N SER D 134 31.79 19.76 7.90
CA SER D 134 31.71 18.68 8.87
C SER D 134 31.77 19.15 10.31
N GLY D 135 32.27 20.35 10.57
CA GLY D 135 32.48 20.80 11.95
C GLY D 135 33.76 20.28 12.58
N ARG D 136 34.57 19.52 11.86
CA ARG D 136 35.83 19.02 12.40
C ARG D 136 36.67 20.18 12.94
N VAL D 137 37.12 20.03 14.17
CA VAL D 137 37.84 21.06 14.90
C VAL D 137 39.33 20.73 14.84
N TYR D 138 40.16 21.72 14.53
CA TYR D 138 41.60 21.63 14.60
C TYR D 138 42.18 22.74 15.49
N ASN D 139 43.48 22.61 15.75
CA ASN D 139 44.26 23.61 16.47
C ASN D 139 45.69 23.55 15.95
N ILE D 140 46.32 24.72 15.80
CA ILE D 140 47.64 24.69 15.16
C ILE D 140 48.66 23.97 16.05
N GLU D 141 48.52 24.03 17.36
CA GLU D 141 49.47 23.30 18.20
C GLU D 141 48.93 21.98 18.77
N PHE D 142 47.66 21.90 19.11
CA PHE D 142 47.17 20.73 19.85
C PHE D 142 46.61 19.64 18.95
N ASN D 143 46.09 19.99 17.77
CA ASN D 143 45.54 19.01 16.84
C ASN D 143 45.66 19.56 15.42
N PRO D 144 46.89 19.61 14.92
CA PRO D 144 47.11 20.23 13.63
C PRO D 144 46.66 19.29 12.53
N PRO D 145 46.21 19.84 11.41
CA PRO D 145 46.00 19.02 10.22
C PRO D 145 47.33 18.59 9.65
N LYS D 146 47.26 17.56 8.80
CA LYS D 146 48.44 17.10 8.08
C LYS D 146 49.07 18.23 7.29
N THR D 147 48.25 18.97 6.55
CA THR D 147 48.66 20.11 5.75
C THR D 147 47.97 21.37 6.25
N VAL D 148 48.77 22.40 6.56
CA VAL D 148 48.20 23.61 7.17
C VAL D 148 46.97 24.08 6.40
N GLY D 149 45.91 24.42 7.12
CA GLY D 149 44.74 25.06 6.53
C GLY D 149 43.90 24.15 5.66
N ILE D 150 44.06 22.84 5.80
CA ILE D 150 43.39 21.88 4.94
C ILE D 150 42.83 20.75 5.80
N ASP D 151 41.55 20.43 5.61
CA ASP D 151 40.91 19.32 6.29
C ASP D 151 41.51 18.00 5.81
N ASP D 152 41.84 17.13 6.76
CA ASP D 152 42.53 15.89 6.41
C ASP D 152 41.72 15.06 5.42
N LEU D 153 40.44 14.85 5.68
CA LEU D 153 39.76 13.81 4.91
C LEU D 153 39.10 14.32 3.65
N THR D 154 38.78 15.60 3.56
CA THR D 154 38.20 16.15 2.34
C THR D 154 39.17 16.92 1.48
N GLY D 155 40.16 17.57 2.10
CA GLY D 155 40.98 18.52 1.38
C GLY D 155 40.38 19.88 1.22
N GLU D 156 39.15 20.11 1.70
CA GLU D 156 38.58 21.44 1.67
C GLU D 156 39.28 22.35 2.68
N PRO D 157 39.31 23.65 2.43
CA PRO D 157 40.03 24.54 3.33
C PRO D 157 39.41 24.59 4.71
N LEU D 158 40.22 25.00 5.65
CA LEU D 158 39.78 25.23 6.97
C LEU D 158 39.56 26.72 7.12
N ILE D 159 38.72 27.09 8.08
CA ILE D 159 38.50 28.47 8.38
C ILE D 159 38.44 28.69 9.86
N GLN D 160 38.54 29.92 10.20
CA GLN D 160 38.44 30.30 11.55
C GLN D 160 37.00 30.78 11.81
N ARG D 161 36.45 30.42 12.95
CA ARG D 161 35.11 30.84 13.29
C ARG D 161 35.10 32.35 13.44
N GLU D 162 34.06 33.00 12.92
CA GLU D 162 34.02 34.46 13.08
C GLU D 162 33.99 34.84 14.55
N ASP D 163 33.32 34.05 15.39
CA ASP D 163 33.23 34.38 16.79
C ASP D 163 34.52 34.04 17.55
N ASP D 164 35.55 33.49 16.90
CA ASP D 164 36.86 33.33 17.54
C ASP D 164 37.79 34.55 17.35
N LYS D 165 37.26 35.67 16.88
CA LYS D 165 38.06 36.90 16.78
C LYS D 165 38.30 37.35 18.23
N PRO D 166 39.46 37.95 18.54
CA PRO D 166 39.71 38.28 19.95
C PRO D 166 38.63 39.12 20.61
N GLU D 167 38.08 40.12 19.89
CA GLU D 167 37.08 40.98 20.52
C GLU D 167 35.83 40.20 20.86
N THR D 168 35.44 39.29 19.99
CA THR D 168 34.24 38.50 20.20
C THR D 168 34.46 37.47 21.31
N VAL D 169 35.68 36.91 21.42
CA VAL D 169 35.99 35.99 22.52
C VAL D 169 35.80 36.67 23.86
N ILE D 170 36.23 37.94 24.00
CA ILE D 170 36.02 38.63 25.27
C ILE D 170 34.53 38.74 25.61
N LYS D 171 33.70 39.07 24.61
CA LYS D 171 32.26 39.18 24.84
C LYS D 171 31.65 37.83 25.18
N ARG D 172 32.13 36.78 24.54
CA ARG D 172 31.60 35.45 24.85
C ARG D 172 31.95 35.05 26.28
N LEU D 173 33.17 35.36 26.70
CA LEU D 173 33.54 35.03 28.07
C LEU D 173 32.71 35.83 29.04
N LYS D 174 32.44 37.12 28.75
CA LYS D 174 31.63 37.90 29.67
C LYS D 174 30.21 37.34 29.78
N ALA D 175 29.59 36.98 28.64
CA ALA D 175 28.29 36.34 28.66
C ALA D 175 28.29 35.02 29.40
N TYR D 176 29.35 34.22 29.26
CA TYR D 176 29.46 33.00 30.05
C TYR D 176 29.42 33.34 31.55
N GLU D 177 30.26 34.29 31.97
CA GLU D 177 30.34 34.69 33.37
C GLU D 177 29.00 35.17 33.89
N ASP D 178 28.37 36.09 33.15
CA ASP D 178 27.14 36.71 33.65
C ASP D 178 25.97 35.73 33.60
N GLN D 179 25.84 34.95 32.52
CA GLN D 179 24.60 34.20 32.30
C GLN D 179 24.73 32.71 32.52
N THR D 180 25.92 32.16 32.32
CA THR D 180 26.04 30.70 32.37
C THR D 180 26.59 30.20 33.70
N LYS D 181 27.44 30.96 34.36
CA LYS D 181 27.88 30.54 35.69
C LYS D 181 26.70 30.32 36.65
N PRO D 182 25.64 31.12 36.63
CA PRO D 182 24.48 30.80 37.49
C PRO D 182 23.91 29.43 37.19
N VAL D 183 24.10 28.90 35.98
CA VAL D 183 23.62 27.57 35.68
C VAL D 183 24.48 26.52 36.38
N LEU D 184 25.80 26.77 36.50
CA LEU D 184 26.64 25.84 37.24
C LEU D 184 26.21 25.75 38.70
N GLU D 185 25.93 26.90 39.33
CA GLU D 185 25.40 26.88 40.69
C GLU D 185 24.08 26.11 40.76
N TYR D 186 23.22 26.27 39.76
CA TYR D 186 21.95 25.56 39.73
C TYR D 186 22.16 24.06 39.82
N TYR D 187 23.09 23.54 39.02
CA TYR D 187 23.36 22.10 38.99
C TYR D 187 24.17 21.63 40.20
N GLN D 188 25.02 22.49 40.73
N GLN D 188 25.03 22.49 40.74
CA GLN D 188 25.73 22.15 41.96
CA GLN D 188 25.72 22.12 41.97
C GLN D 188 24.73 21.86 43.08
C GLN D 188 24.72 21.85 43.09
N LYS D 189 23.78 22.79 43.29
CA LYS D 189 22.76 22.60 44.32
C LYS D 189 21.91 21.35 44.11
N LYS D 190 21.67 20.94 42.87
CA LYS D 190 20.95 19.72 42.55
C LYS D 190 21.78 18.46 42.77
N GLY D 191 23.07 18.61 43.09
CA GLY D 191 23.95 17.51 43.42
C GLY D 191 24.55 16.76 42.24
N VAL D 192 24.46 17.29 41.02
CA VAL D 192 24.91 16.57 39.84
C VAL D 192 26.14 17.19 39.18
N LEU D 193 26.71 18.26 39.76
CA LEU D 193 27.82 18.95 39.16
C LEU D 193 29.12 18.22 39.49
N GLU D 194 29.87 17.85 38.46
CA GLU D 194 31.23 17.32 38.62
C GLU D 194 32.21 18.18 37.84
N THR D 195 33.10 18.85 38.58
CA THR D 195 34.03 19.83 38.03
C THR D 195 35.43 19.27 37.89
N PHE D 196 36.03 19.45 36.72
CA PHE D 196 37.41 19.07 36.43
C PHE D 196 38.17 20.35 36.06
N SER D 197 39.24 20.63 36.81
CA SER D 197 40.06 21.83 36.61
C SER D 197 41.43 21.47 36.02
N GLY D 198 41.91 22.29 35.09
CA GLY D 198 43.19 22.01 34.45
C GLY D 198 43.43 22.93 33.29
N THR D 199 44.66 22.90 32.79
CA THR D 199 45.05 23.77 31.71
C THR D 199 45.28 23.01 30.43
N GLU D 200 45.23 21.68 30.47
CA GLU D 200 45.40 20.87 29.27
C GLU D 200 44.41 19.72 29.29
N THR D 201 43.80 19.47 28.13
CA THR D 201 42.77 18.45 28.04
C THR D 201 43.33 17.09 28.45
N ASN D 202 44.57 16.84 28.10
CA ASN D 202 45.16 15.52 28.35
C ASN D 202 45.49 15.31 29.80
N LYS D 203 45.66 16.39 30.56
CA LYS D 203 45.74 16.24 32.01
C LYS D 203 44.37 16.05 32.67
N ILE D 204 43.29 16.59 32.06
CA ILE D 204 41.95 16.44 32.59
C ILE D 204 41.33 15.10 32.20
N TRP D 205 41.65 14.62 31.02
CA TRP D 205 40.95 13.47 30.46
C TRP D 205 40.96 12.21 31.35
N PRO D 206 42.07 11.79 31.98
CA PRO D 206 42.00 10.55 32.79
C PRO D 206 40.93 10.62 33.85
N TYR D 207 40.73 11.81 34.47
CA TYR D 207 39.73 11.96 35.52
C TYR D 207 38.34 11.87 34.94
N VAL D 208 38.09 12.55 33.81
CA VAL D 208 36.79 12.47 33.17
C VAL D 208 36.50 11.04 32.72
N TYR D 209 37.52 10.37 32.16
CA TYR D 209 37.35 9.00 31.69
C TYR D 209 36.94 8.08 32.84
N ALA D 210 37.69 8.11 33.94
CA ALA D 210 37.39 7.27 35.10
C ALA D 210 36.04 7.57 35.69
N PHE D 211 35.65 8.84 35.68
CA PHE D 211 34.38 9.23 36.25
C PHE D 211 33.23 8.72 35.39
N LEU D 212 33.40 8.72 34.06
CA LEU D 212 32.32 8.26 33.22
C LEU D 212 32.20 6.74 33.21
N GLN D 213 33.26 6.05 33.58
CA GLN D 213 33.20 4.59 33.68
C GLN D 213 32.19 4.14 34.73
N THR D 214 32.17 4.83 35.87
CA THR D 214 31.22 4.63 36.97
C THR D 214 29.79 5.04 36.63
N LYS D 215 29.50 5.52 35.41
CA LYS D 215 28.20 6.07 35.08
C LYS D 215 27.59 5.58 33.77
N VAL D 216 28.40 5.14 32.81
CA VAL D 216 27.89 4.86 31.48
C VAL D 216 28.68 3.70 30.88
N PRO D 217 28.03 2.83 30.11
CA PRO D 217 28.76 1.71 29.48
C PRO D 217 29.85 2.18 28.53
N GLN D 218 30.91 1.40 28.37
CA GLN D 218 31.99 1.70 27.44
C GLN D 218 31.72 1.04 26.13
N ARG D 219 31.84 1.81 25.06
CA ARG D 219 31.56 1.30 23.73
C ARG D 219 32.72 0.50 23.10
N SER D 220 32.36 -0.53 22.33
CA SER D 220 33.32 -1.37 21.62
C SER D 220 34.32 -2.10 22.45
N ALA E 5 -18.63 26.12 -39.83
CA ALA E 5 -17.29 26.08 -40.41
C ALA E 5 -16.58 24.74 -40.17
N ARG E 6 -16.41 24.37 -38.90
CA ARG E 6 -16.00 23.00 -38.56
C ARG E 6 -17.21 22.07 -38.58
N LEU E 7 -17.11 20.99 -39.32
CA LEU E 7 -18.18 20.02 -39.29
C LEU E 7 -18.20 19.30 -37.93
N LEU E 8 -19.40 18.89 -37.53
CA LEU E 8 -19.61 18.27 -36.23
C LEU E 8 -19.40 16.76 -36.35
N ARG E 9 -18.81 16.19 -35.32
CA ARG E 9 -18.72 14.73 -35.15
C ARG E 9 -19.42 14.42 -33.83
N ALA E 10 -20.62 13.84 -33.92
CA ALA E 10 -21.47 13.60 -32.77
C ALA E 10 -21.70 12.10 -32.59
N VAL E 11 -21.85 11.70 -31.33
CA VAL E 11 -22.21 10.31 -30.96
C VAL E 11 -23.44 10.37 -30.06
N ILE E 12 -24.39 9.45 -30.26
CA ILE E 12 -25.49 9.26 -29.33
C ILE E 12 -25.45 7.83 -28.80
N MET E 13 -25.57 7.70 -27.48
CA MET E 13 -25.44 6.48 -26.70
C MET E 13 -26.61 6.33 -25.73
N GLY E 14 -26.82 5.12 -25.29
CA GLY E 14 -27.78 4.79 -24.31
C GLY E 14 -28.01 3.28 -24.27
N ALA E 15 -28.56 2.81 -23.17
CA ALA E 15 -28.92 1.41 -23.09
C ALA E 15 -29.92 1.07 -24.17
N PRO E 16 -30.00 -0.21 -24.55
CA PRO E 16 -30.97 -0.66 -25.54
C PRO E 16 -32.36 -0.19 -25.19
N GLY E 17 -33.05 0.34 -26.21
CA GLY E 17 -34.41 0.80 -26.08
C GLY E 17 -34.58 2.17 -25.51
N SER E 18 -33.49 2.88 -25.24
CA SER E 18 -33.61 4.17 -24.59
C SER E 18 -34.01 5.29 -25.55
N GLY E 19 -34.13 5.03 -26.85
CA GLY E 19 -34.56 6.02 -27.81
C GLY E 19 -33.48 6.64 -28.66
N LYS E 20 -32.33 5.98 -28.78
CA LYS E 20 -31.25 6.53 -29.57
C LYS E 20 -31.64 6.66 -31.05
N GLY E 21 -32.26 5.63 -31.60
CA GLY E 21 -32.76 5.72 -32.97
C GLY E 21 -33.85 6.77 -33.13
N THR E 22 -34.80 6.82 -32.20
CA THR E 22 -35.91 7.78 -32.26
C THR E 22 -35.41 9.21 -32.20
N VAL E 23 -34.50 9.50 -31.27
CA VAL E 23 -33.91 10.84 -31.15
C VAL E 23 -33.05 11.15 -32.36
N SER E 24 -32.21 10.21 -32.80
CA SER E 24 -31.43 10.39 -34.02
C SER E 24 -32.32 10.76 -35.21
N SER E 25 -33.46 10.09 -35.38
CA SER E 25 -34.34 10.41 -36.50
C SER E 25 -34.77 11.88 -36.40
N ARG E 26 -35.02 12.37 -35.18
CA ARG E 26 -35.47 13.75 -35.05
C ARG E 26 -34.33 14.72 -35.27
N ILE E 27 -33.14 14.38 -34.78
CA ILE E 27 -31.96 15.21 -35.03
C ILE E 27 -31.72 15.39 -36.53
N THR E 28 -31.70 14.28 -37.28
CA THR E 28 -31.43 14.35 -38.71
C THR E 28 -32.52 15.13 -39.44
N THR E 29 -33.74 15.18 -38.90
CA THR E 29 -34.81 15.96 -39.55
C THR E 29 -34.64 17.46 -39.32
N HIS E 30 -34.16 17.85 -38.14
CA HIS E 30 -34.10 19.26 -37.77
C HIS E 30 -32.74 19.88 -38.00
N PHE E 31 -31.66 19.09 -37.99
CA PHE E 31 -30.31 19.62 -38.05
C PHE E 31 -29.55 19.05 -39.24
N GLU E 32 -28.55 19.80 -39.69
CA GLU E 32 -27.77 19.48 -40.90
C GLU E 32 -26.67 18.48 -40.56
N LEU E 33 -27.02 17.21 -40.57
CA LEU E 33 -25.99 16.22 -40.29
C LEU E 33 -26.54 14.86 -40.69
N LYS E 34 -25.63 13.92 -40.94
CA LYS E 34 -26.00 12.58 -41.40
C LYS E 34 -26.08 11.61 -40.23
N HIS E 35 -27.13 10.79 -40.22
CA HIS E 35 -27.33 9.78 -39.18
C HIS E 35 -26.78 8.44 -39.66
N LEU E 36 -25.78 7.93 -38.95
CA LEU E 36 -25.20 6.61 -39.24
C LEU E 36 -25.46 5.69 -38.05
N SER E 37 -26.39 4.75 -38.24
CA SER E 37 -26.80 3.76 -37.27
C SER E 37 -26.03 2.46 -37.52
N SER E 38 -25.41 1.93 -36.45
CA SER E 38 -24.83 0.58 -36.50
C SER E 38 -25.87 -0.42 -36.91
N GLY E 39 -27.03 -0.39 -36.22
CA GLY E 39 -27.99 -1.47 -36.24
C GLY E 39 -28.73 -1.55 -37.56
N ASP E 40 -29.09 -0.40 -38.10
CA ASP E 40 -29.74 -0.36 -39.41
C ASP E 40 -28.80 -0.92 -40.46
N LEU E 41 -27.49 -0.64 -40.34
N LEU E 41 -27.49 -0.64 -40.34
CA LEU E 41 -26.54 -1.10 -41.33
CA LEU E 41 -26.55 -1.10 -41.33
C LEU E 41 -26.33 -2.60 -41.24
C LEU E 41 -26.34 -2.61 -41.25
N LEU E 42 -26.27 -3.14 -40.02
CA LEU E 42 -26.11 -4.58 -39.86
C LEU E 42 -27.38 -5.33 -40.24
N ARG E 43 -28.56 -4.77 -39.93
CA ARG E 43 -29.79 -5.45 -40.35
C ARG E 43 -29.94 -5.38 -41.86
N ASP E 44 -29.51 -4.27 -42.46
CA ASP E 44 -29.48 -4.16 -43.91
C ASP E 44 -28.57 -5.24 -44.51
N ASN E 45 -27.36 -5.40 -43.98
CA ASN E 45 -26.43 -6.44 -44.43
C ASN E 45 -27.02 -7.84 -44.29
N MET E 46 -27.83 -8.06 -43.24
CA MET E 46 -28.47 -9.36 -43.08
C MET E 46 -29.56 -9.57 -44.12
N LEU E 47 -30.32 -8.52 -44.45
CA LEU E 47 -31.37 -8.67 -45.45
C LEU E 47 -30.81 -8.80 -46.87
N ARG E 48 -29.56 -8.36 -47.08
CA ARG E 48 -28.88 -8.57 -48.35
C ARG E 48 -28.04 -9.84 -48.39
N GLY E 49 -27.97 -10.56 -47.28
CA GLY E 49 -27.22 -11.79 -47.22
C GLY E 49 -25.73 -11.66 -47.43
N THR E 50 -25.18 -10.53 -47.02
CA THR E 50 -23.75 -10.28 -47.12
C THR E 50 -23.00 -11.17 -46.12
N GLU E 51 -21.74 -11.49 -46.39
CA GLU E 51 -21.01 -12.36 -45.48
C GLU E 51 -20.91 -11.77 -44.08
N ILE E 52 -20.66 -10.47 -43.97
CA ILE E 52 -20.56 -9.85 -42.66
C ILE E 52 -21.89 -9.94 -41.91
N GLY E 53 -23.00 -9.74 -42.63
CA GLY E 53 -24.31 -9.85 -42.04
C GLY E 53 -24.56 -11.27 -41.56
N VAL E 54 -24.10 -12.27 -42.30
CA VAL E 54 -24.33 -13.65 -41.88
C VAL E 54 -23.68 -13.94 -40.53
N LEU E 55 -22.42 -13.55 -40.37
CA LEU E 55 -21.72 -13.72 -39.10
C LEU E 55 -22.33 -12.85 -38.00
N ALA E 56 -22.74 -11.65 -38.39
CA ALA E 56 -23.35 -10.67 -37.51
C ALA E 56 -24.66 -11.21 -36.94
N LYS E 57 -25.36 -12.08 -37.68
CA LYS E 57 -26.63 -12.67 -37.23
C LYS E 57 -26.47 -13.42 -35.92
N ALA E 58 -25.50 -14.32 -35.84
CA ALA E 58 -25.35 -15.11 -34.62
C ALA E 58 -25.21 -14.21 -33.41
N PHE E 59 -24.40 -13.14 -33.55
CA PHE E 59 -24.21 -12.22 -32.45
C PHE E 59 -25.50 -11.50 -32.11
N ILE E 60 -26.12 -10.86 -33.09
CA ILE E 60 -27.32 -10.05 -32.85
C ILE E 60 -28.42 -10.89 -32.22
N ASP E 61 -28.86 -11.95 -32.90
CA ASP E 61 -30.00 -12.71 -32.38
C ASP E 61 -29.71 -13.26 -30.99
N GLN E 62 -28.45 -13.26 -30.60
CA GLN E 62 -27.98 -13.66 -29.29
C GLN E 62 -27.85 -12.53 -28.27
N GLY E 63 -27.99 -11.27 -28.66
CA GLY E 63 -27.75 -10.21 -27.68
C GLY E 63 -26.29 -9.99 -27.34
N LYS E 64 -25.38 -10.42 -28.22
CA LYS E 64 -23.94 -10.36 -27.99
C LYS E 64 -23.30 -9.33 -28.91
N LEU E 65 -22.31 -8.58 -28.40
CA LEU E 65 -21.63 -7.60 -29.23
C LEU E 65 -20.76 -8.29 -30.28
N ILE E 66 -20.82 -7.80 -31.52
CA ILE E 66 -19.96 -8.27 -32.62
C ILE E 66 -18.50 -7.89 -32.32
N PRO E 67 -17.52 -8.69 -32.74
CA PRO E 67 -16.14 -8.36 -32.35
C PRO E 67 -15.71 -6.96 -32.81
N ASP E 68 -14.88 -6.34 -31.96
CA ASP E 68 -14.38 -4.99 -32.24
C ASP E 68 -13.76 -4.90 -33.63
N ASP E 69 -12.92 -5.87 -34.02
CA ASP E 69 -12.20 -5.72 -35.28
C ASP E 69 -13.15 -5.55 -36.46
N VAL E 70 -14.25 -6.32 -36.48
CA VAL E 70 -15.21 -6.24 -37.57
C VAL E 70 -16.00 -4.91 -37.51
N MET E 71 -16.43 -4.52 -36.31
CA MET E 71 -17.25 -3.30 -36.22
C MET E 71 -16.41 -2.05 -36.48
N THR E 72 -15.22 -1.97 -35.88
CA THR E 72 -14.38 -0.79 -36.09
C THR E 72 -14.05 -0.64 -37.58
N ARG E 73 -13.73 -1.75 -38.23
CA ARG E 73 -13.42 -1.68 -39.64
C ARG E 73 -14.62 -1.19 -40.44
N LEU E 74 -15.79 -1.71 -40.13
CA LEU E 74 -16.98 -1.30 -40.83
C LEU E 74 -17.29 0.20 -40.61
N ALA E 75 -17.18 0.64 -39.38
CA ALA E 75 -17.46 2.04 -39.04
C ALA E 75 -16.51 3.05 -39.68
N LEU E 76 -15.22 2.76 -39.60
CA LEU E 76 -14.22 3.65 -40.15
C LEU E 76 -14.37 3.80 -41.65
N HIS E 77 -14.76 2.71 -42.29
CA HIS E 77 -14.93 2.68 -43.74
C HIS E 77 -16.15 3.47 -44.19
N GLU E 78 -17.27 3.40 -43.47
CA GLU E 78 -18.38 4.29 -43.81
C GLU E 78 -18.02 5.75 -43.55
N LEU E 79 -17.31 6.05 -42.46
CA LEU E 79 -16.94 7.44 -42.19
C LEU E 79 -15.80 7.97 -43.07
N LYS E 80 -15.03 7.09 -43.73
CA LYS E 80 -14.07 7.60 -44.69
C LYS E 80 -14.78 8.25 -45.86
N ASN E 81 -16.05 7.93 -46.05
CA ASN E 81 -16.87 8.44 -47.15
C ASN E 81 -17.59 9.73 -46.82
N LEU E 82 -17.63 10.08 -45.54
CA LEU E 82 -18.36 11.24 -45.06
C LEU E 82 -17.46 12.34 -44.51
N THR E 83 -16.29 12.49 -45.09
CA THR E 83 -15.32 13.50 -44.67
C THR E 83 -15.84 14.93 -44.75
N GLN E 84 -16.67 15.22 -45.76
CA GLN E 84 -17.24 16.55 -45.96
C GLN E 84 -18.58 16.82 -45.24
N TYR E 85 -19.08 15.85 -44.47
CA TYR E 85 -20.37 16.00 -43.78
C TYR E 85 -20.34 15.91 -42.24
N SER E 86 -21.18 16.71 -41.57
CA SER E 86 -21.37 16.52 -40.15
C SER E 86 -22.11 15.21 -39.93
N TRP E 87 -21.79 14.52 -38.84
CA TRP E 87 -22.50 13.26 -38.65
C TRP E 87 -22.72 12.94 -37.19
N LEU E 88 -23.70 12.06 -36.99
CA LEU E 88 -24.11 11.52 -35.72
C LEU E 88 -23.96 10.00 -35.76
N LEU E 89 -23.14 9.45 -34.88
CA LEU E 89 -22.95 8.01 -34.78
C LEU E 89 -23.91 7.45 -33.76
N ASP E 90 -24.65 6.41 -34.16
CA ASP E 90 -25.71 5.86 -33.33
C ASP E 90 -25.53 4.35 -33.31
N GLY E 91 -25.07 3.82 -32.22
CA GLY E 91 -24.79 2.38 -32.09
C GLY E 91 -23.31 2.03 -32.10
N PHE E 92 -22.44 2.92 -32.56
CA PHE E 92 -21.00 2.81 -32.46
C PHE E 92 -20.47 4.08 -31.79
N PRO E 93 -19.48 3.98 -30.86
CA PRO E 93 -18.80 2.78 -30.33
C PRO E 93 -19.51 2.16 -29.15
N ARG E 94 -19.35 0.82 -28.93
CA ARG E 94 -19.98 0.12 -27.83
C ARG E 94 -18.96 -0.44 -26.83
N THR E 95 -17.67 -0.34 -27.15
CA THR E 95 -16.58 -0.80 -26.28
C THR E 95 -15.47 0.21 -26.29
N LEU E 96 -14.58 0.11 -25.30
CA LEU E 96 -13.41 0.99 -25.24
C LEU E 96 -12.52 0.88 -26.48
N PRO E 97 -12.14 -0.32 -26.98
CA PRO E 97 -11.33 -0.33 -28.20
C PRO E 97 -12.00 0.38 -29.36
N GLN E 98 -13.33 0.25 -29.46
CA GLN E 98 -14.05 0.93 -30.52
C GLN E 98 -13.91 2.42 -30.34
N ALA E 99 -14.06 2.87 -29.10
CA ALA E 99 -14.00 4.33 -28.87
C ALA E 99 -12.57 4.85 -29.10
N GLU E 100 -11.55 4.06 -28.72
CA GLU E 100 -10.17 4.50 -28.91
C GLU E 100 -9.83 4.63 -30.39
N ALA E 101 -10.32 3.71 -31.22
CA ALA E 101 -10.07 3.81 -32.65
C ALA E 101 -10.78 5.02 -33.26
N LEU E 102 -12.06 5.22 -32.92
CA LEU E 102 -12.79 6.37 -33.41
C LEU E 102 -12.02 7.66 -33.13
N ASP E 103 -11.45 7.76 -31.94
CA ASP E 103 -10.74 8.95 -31.49
C ASP E 103 -9.38 9.13 -32.16
N ARG E 104 -8.75 8.05 -32.63
CA ARG E 104 -7.53 8.23 -33.41
C ARG E 104 -7.82 8.87 -34.76
N ALA E 105 -9.02 8.67 -35.28
CA ALA E 105 -9.42 9.13 -36.60
C ALA E 105 -10.13 10.48 -36.58
N TYR E 106 -10.90 10.78 -35.53
CA TYR E 106 -11.73 11.98 -35.48
C TYR E 106 -11.72 12.51 -34.06
N GLN E 107 -12.02 13.78 -33.94
CA GLN E 107 -12.23 14.43 -32.66
C GLN E 107 -13.75 14.49 -32.44
N ILE E 108 -14.27 13.69 -31.52
CA ILE E 108 -15.71 13.69 -31.29
C ILE E 108 -16.06 14.95 -30.49
N ASP E 109 -17.06 15.70 -30.96
CA ASP E 109 -17.40 16.97 -30.32
C ASP E 109 -18.31 16.77 -29.11
N THR E 110 -19.22 15.81 -29.18
CA THR E 110 -20.31 15.73 -28.25
C THR E 110 -20.80 14.31 -28.25
N VAL E 111 -21.06 13.79 -27.06
CA VAL E 111 -21.67 12.50 -26.90
C VAL E 111 -22.95 12.71 -26.12
N ILE E 112 -24.06 12.50 -26.80
CA ILE E 112 -25.40 12.51 -26.21
C ILE E 112 -25.68 11.15 -25.59
N ASN E 113 -26.00 11.15 -24.30
CA ASN E 113 -26.32 9.95 -23.54
C ASN E 113 -27.75 10.04 -23.02
N LEU E 114 -28.57 9.10 -23.44
CA LEU E 114 -29.96 8.99 -22.98
C LEU E 114 -30.04 8.02 -21.80
N ASN E 115 -30.34 8.55 -20.63
CA ASN E 115 -30.45 7.77 -19.41
C ASN E 115 -31.91 7.47 -19.12
N VAL E 116 -32.34 6.24 -19.40
CA VAL E 116 -33.75 5.84 -19.34
C VAL E 116 -33.85 4.58 -18.48
N PRO E 117 -34.77 4.48 -17.51
CA PRO E 117 -34.80 3.30 -16.62
C PRO E 117 -35.00 1.98 -17.37
N PHE E 118 -34.35 0.94 -16.89
CA PHE E 118 -34.40 -0.38 -17.51
C PHE E 118 -35.78 -0.99 -17.61
N GLU E 119 -36.59 -0.82 -16.60
CA GLU E 119 -37.96 -1.34 -16.65
C GLU E 119 -38.75 -0.68 -17.78
N VAL E 120 -38.56 0.62 -17.98
CA VAL E 120 -39.20 1.32 -19.04
C VAL E 120 -38.74 0.83 -20.40
N ILE E 121 -37.44 0.66 -20.56
CA ILE E 121 -36.94 0.20 -21.80
C ILE E 121 -37.43 -1.19 -22.15
N LYS E 122 -37.56 -2.08 -21.18
CA LYS E 122 -38.05 -3.41 -21.51
C LYS E 122 -39.46 -3.35 -22.04
N GLN E 123 -40.31 -2.55 -21.46
CA GLN E 123 -41.65 -2.42 -21.98
C GLN E 123 -41.62 -1.83 -23.40
N ARG E 124 -40.67 -0.92 -23.71
CA ARG E 124 -40.70 -0.33 -25.04
C ARG E 124 -40.34 -1.35 -26.12
N LEU E 125 -39.26 -2.12 -25.90
CA LEU E 125 -38.85 -3.11 -26.90
C LEU E 125 -39.89 -4.23 -27.08
N THR E 126 -40.58 -4.60 -26.02
CA THR E 126 -41.70 -5.52 -26.15
C THR E 126 -42.71 -4.98 -27.13
N ALA E 127 -42.83 -3.66 -27.22
CA ALA E 127 -43.85 -3.06 -28.04
C ALA E 127 -43.32 -2.56 -29.38
N ARG E 128 -42.04 -2.86 -29.70
CA ARG E 128 -41.43 -2.36 -30.93
C ARG E 128 -41.71 -3.29 -32.10
N TRP E 129 -42.07 -2.68 -33.22
CA TRP E 129 -42.23 -3.36 -34.50
C TRP E 129 -41.48 -2.55 -35.54
N ILE E 130 -40.83 -3.23 -36.50
CA ILE E 130 -40.10 -2.50 -37.53
C ILE E 130 -40.60 -2.92 -38.90
N HIS E 131 -40.46 -1.99 -39.85
CA HIS E 131 -40.60 -2.36 -41.26
C HIS E 131 -39.23 -2.74 -41.80
N PRO E 132 -39.02 -4.02 -42.05
CA PRO E 132 -37.66 -4.46 -42.36
C PRO E 132 -36.93 -3.88 -43.58
N ALA E 133 -37.62 -3.66 -44.68
CA ALA E 133 -37.01 -3.08 -45.87
C ALA E 133 -36.49 -1.68 -45.60
N SER E 134 -37.30 -0.86 -44.95
CA SER E 134 -36.94 0.54 -44.75
C SER E 134 -36.29 0.81 -43.40
N GLY E 135 -36.39 -0.10 -42.44
CA GLY E 135 -35.93 0.16 -41.08
C GLY E 135 -36.85 1.02 -40.25
N ARG E 136 -37.93 1.56 -40.84
CA ARG E 136 -38.89 2.35 -40.08
C ARG E 136 -39.31 1.63 -38.79
N VAL E 137 -39.24 2.36 -37.69
CA VAL E 137 -39.50 1.85 -36.36
C VAL E 137 -40.87 2.32 -35.91
N TYR E 138 -41.66 1.39 -35.38
CA TYR E 138 -42.93 1.73 -34.78
C TYR E 138 -42.95 1.28 -33.33
N ASN E 139 -44.03 1.61 -32.66
CA ASN E 139 -44.30 1.20 -31.29
C ASN E 139 -45.81 1.16 -31.11
N ILE E 140 -46.30 0.10 -30.44
CA ILE E 140 -47.72 -0.01 -30.10
C ILE E 140 -48.29 1.29 -29.56
N GLU E 141 -47.60 1.89 -28.59
CA GLU E 141 -48.17 3.01 -27.87
C GLU E 141 -47.60 4.34 -28.31
N PHE E 142 -46.30 4.41 -28.58
CA PHE E 142 -45.69 5.71 -28.84
C PHE E 142 -45.69 6.11 -30.31
N ASN E 143 -45.61 5.17 -31.24
CA ASN E 143 -45.65 5.48 -32.67
C ASN E 143 -46.36 4.35 -33.40
N PRO E 144 -47.66 4.20 -33.17
CA PRO E 144 -48.36 3.05 -33.71
C PRO E 144 -48.61 3.24 -35.20
N PRO E 145 -48.58 2.16 -35.96
CA PRO E 145 -48.95 2.29 -37.36
C PRO E 145 -50.44 2.61 -37.48
N LYS E 146 -50.81 3.14 -38.65
CA LYS E 146 -52.23 3.38 -38.95
C LYS E 146 -53.06 2.10 -38.78
N THR E 147 -52.55 0.98 -39.27
CA THR E 147 -53.23 -0.30 -39.14
C THR E 147 -52.28 -1.29 -38.47
N VAL E 148 -52.78 -2.03 -37.47
CA VAL E 148 -51.90 -2.85 -36.67
C VAL E 148 -51.10 -3.77 -37.60
N GLY E 149 -49.79 -3.88 -37.34
CA GLY E 149 -48.94 -4.84 -38.03
C GLY E 149 -48.53 -4.50 -39.46
N ILE E 150 -48.82 -3.29 -39.95
CA ILE E 150 -48.68 -2.93 -41.36
C ILE E 150 -47.94 -1.60 -41.48
N ASP E 151 -46.93 -1.57 -42.33
CA ASP E 151 -46.18 -0.34 -42.59
C ASP E 151 -47.09 0.70 -43.29
N ASP E 152 -47.20 1.88 -42.70
CA ASP E 152 -48.07 2.94 -43.21
C ASP E 152 -47.88 3.19 -44.71
N LEU E 153 -46.63 3.23 -45.17
CA LEU E 153 -46.31 3.73 -46.51
C LEU E 153 -46.46 2.65 -47.57
N THR E 154 -45.98 1.44 -47.27
CA THR E 154 -45.95 0.37 -48.27
C THR E 154 -47.06 -0.65 -48.08
N GLY E 155 -47.75 -0.66 -46.94
CA GLY E 155 -48.68 -1.73 -46.67
C GLY E 155 -48.03 -3.08 -46.42
N GLU E 156 -46.70 -3.13 -46.37
CA GLU E 156 -45.98 -4.38 -46.14
C GLU E 156 -45.94 -4.71 -44.66
N PRO E 157 -45.75 -5.99 -44.30
CA PRO E 157 -45.86 -6.35 -42.88
C PRO E 157 -44.69 -5.84 -42.04
N LEU E 158 -45.01 -5.61 -40.79
CA LEU E 158 -44.06 -5.25 -39.82
C LEU E 158 -43.56 -6.54 -39.14
N ILE E 159 -42.38 -6.48 -38.57
CA ILE E 159 -41.87 -7.59 -37.84
C ILE E 159 -41.29 -7.18 -36.51
N GLN E 160 -41.09 -8.14 -35.65
CA GLN E 160 -40.42 -7.86 -34.40
C GLN E 160 -38.98 -8.31 -34.54
N ARG E 161 -38.05 -7.52 -34.06
CA ARG E 161 -36.65 -7.87 -34.10
C ARG E 161 -36.42 -9.10 -33.26
N GLU E 162 -35.60 -10.04 -33.78
CA GLU E 162 -35.30 -11.26 -33.01
C GLU E 162 -34.70 -10.92 -31.66
N ASP E 163 -33.94 -9.85 -31.59
CA ASP E 163 -33.22 -9.59 -30.36
C ASP E 163 -34.06 -8.85 -29.36
N ASP E 164 -35.30 -8.48 -29.71
CA ASP E 164 -36.19 -7.82 -28.77
C ASP E 164 -36.99 -8.81 -27.93
N LYS E 165 -36.76 -10.09 -28.09
CA LYS E 165 -37.40 -11.06 -27.21
C LYS E 165 -36.92 -10.87 -25.77
N PRO E 166 -37.79 -11.05 -24.78
CA PRO E 166 -37.40 -10.71 -23.39
C PRO E 166 -36.11 -11.34 -22.93
N GLU E 167 -35.79 -12.59 -23.31
CA GLU E 167 -34.56 -13.17 -22.78
C GLU E 167 -33.34 -12.47 -23.37
N THR E 168 -33.39 -12.14 -24.65
CA THR E 168 -32.27 -11.47 -25.31
C THR E 168 -32.09 -10.02 -24.83
N VAL E 169 -33.18 -9.36 -24.46
CA VAL E 169 -33.07 -7.99 -23.97
C VAL E 169 -32.30 -7.97 -22.65
N ILE E 170 -32.58 -8.94 -21.77
CA ILE E 170 -31.83 -9.08 -20.53
C ILE E 170 -30.33 -9.18 -20.81
N LYS E 171 -29.95 -9.97 -21.84
CA LYS E 171 -28.54 -10.17 -22.19
C LYS E 171 -27.95 -8.91 -22.79
N ARG E 172 -28.75 -8.19 -23.59
CA ARG E 172 -28.27 -6.97 -24.21
C ARG E 172 -28.01 -5.88 -23.17
N LEU E 173 -28.90 -5.78 -22.18
CA LEU E 173 -28.71 -4.84 -21.08
C LEU E 173 -27.49 -5.20 -20.26
N LYS E 174 -27.29 -6.48 -19.95
CA LYS E 174 -26.11 -6.85 -19.19
C LYS E 174 -24.84 -6.49 -19.97
N ALA E 175 -24.82 -6.74 -21.28
CA ALA E 175 -23.64 -6.38 -22.06
C ALA E 175 -23.46 -4.86 -22.12
N TYR E 176 -24.57 -4.09 -22.14
CA TYR E 176 -24.43 -2.66 -22.08
C TYR E 176 -23.74 -2.24 -20.79
N GLU E 177 -24.20 -2.78 -19.67
CA GLU E 177 -23.64 -2.39 -18.39
C GLU E 177 -22.18 -2.78 -18.29
N ASP E 178 -21.83 -3.99 -18.77
CA ASP E 178 -20.47 -4.50 -18.61
C ASP E 178 -19.45 -3.79 -19.49
N GLN E 179 -19.77 -3.59 -20.77
CA GLN E 179 -18.83 -3.18 -21.80
C GLN E 179 -19.01 -1.76 -22.31
N THR E 180 -20.23 -1.23 -22.25
CA THR E 180 -20.45 0.11 -22.81
C THR E 180 -20.46 1.21 -21.76
N LYS E 181 -20.90 0.92 -20.54
CA LYS E 181 -20.78 1.92 -19.49
C LYS E 181 -19.34 2.37 -19.28
N PRO E 182 -18.30 1.54 -19.45
CA PRO E 182 -16.96 2.12 -19.44
C PRO E 182 -16.74 3.14 -20.56
N VAL E 183 -17.37 2.98 -21.72
CA VAL E 183 -17.30 4.00 -22.78
C VAL E 183 -17.88 5.33 -22.30
N LEU E 184 -19.02 5.29 -21.60
CA LEU E 184 -19.60 6.53 -21.07
C LEU E 184 -18.59 7.21 -20.15
N GLU E 185 -17.95 6.44 -19.28
CA GLU E 185 -16.93 6.99 -18.40
C GLU E 185 -15.80 7.63 -19.19
N TYR E 186 -15.33 6.94 -20.23
CA TYR E 186 -14.26 7.45 -21.09
C TYR E 186 -14.61 8.83 -21.65
N TYR E 187 -15.81 8.95 -22.17
CA TYR E 187 -16.20 10.23 -22.75
C TYR E 187 -16.46 11.26 -21.67
N GLN E 188 -16.91 10.82 -20.49
CA GLN E 188 -17.17 11.77 -19.40
C GLN E 188 -15.87 12.45 -18.99
N LYS E 189 -14.85 11.65 -18.69
CA LYS E 189 -13.53 12.18 -18.38
C LYS E 189 -12.97 13.08 -19.46
N LYS E 190 -13.33 12.87 -20.74
CA LYS E 190 -12.88 13.72 -21.85
C LYS E 190 -13.70 15.01 -21.95
N GLY E 191 -14.70 15.17 -21.12
CA GLY E 191 -15.47 16.40 -21.11
C GLY E 191 -16.48 16.60 -22.21
N VAL E 192 -16.83 15.54 -22.95
CA VAL E 192 -17.78 15.68 -24.05
C VAL E 192 -19.11 15.00 -23.78
N LEU E 193 -19.30 14.40 -22.62
CA LEU E 193 -20.54 13.68 -22.35
C LEU E 193 -21.61 14.66 -21.89
N GLU E 194 -22.76 14.58 -22.54
CA GLU E 194 -23.95 15.32 -22.12
C GLU E 194 -25.09 14.32 -21.91
N THR E 195 -25.55 14.22 -20.66
CA THR E 195 -26.54 13.23 -20.28
C THR E 195 -27.93 13.85 -20.10
N PHE E 196 -28.91 13.17 -20.68
CA PHE E 196 -30.32 13.56 -20.68
C PHE E 196 -31.07 12.37 -20.09
N SER E 197 -31.63 12.54 -18.89
CA SER E 197 -32.44 11.51 -18.27
C SER E 197 -33.92 11.81 -18.33
N GLY E 198 -34.72 10.76 -18.46
CA GLY E 198 -36.17 10.87 -18.55
C GLY E 198 -36.76 9.52 -18.88
N THR E 199 -38.10 9.44 -18.80
CA THR E 199 -38.80 8.22 -19.12
C THR E 199 -39.57 8.33 -20.42
N GLU E 200 -39.65 9.52 -21.02
CA GLU E 200 -40.33 9.70 -22.29
C GLU E 200 -39.48 10.55 -23.23
N THR E 201 -39.37 10.11 -24.49
CA THR E 201 -38.58 10.82 -25.48
C THR E 201 -39.10 12.26 -25.64
N ASN E 202 -40.41 12.44 -25.62
CA ASN E 202 -40.94 13.79 -25.87
C ASN E 202 -40.67 14.70 -24.68
N LYS E 203 -40.43 14.14 -23.51
CA LYS E 203 -39.94 14.98 -22.44
C LYS E 203 -38.45 15.27 -22.55
N ILE E 204 -37.64 14.36 -23.12
CA ILE E 204 -36.21 14.60 -23.26
C ILE E 204 -35.91 15.54 -24.43
N TRP E 205 -36.67 15.40 -25.52
CA TRP E 205 -36.30 16.00 -26.79
C TRP E 205 -36.10 17.52 -26.74
N PRO E 206 -36.91 18.31 -26.06
CA PRO E 206 -36.67 19.78 -26.11
C PRO E 206 -35.30 20.13 -25.59
N TYR E 207 -34.77 19.34 -24.65
CA TYR E 207 -33.48 19.61 -24.06
C TYR E 207 -32.36 19.24 -25.01
N VAL E 208 -32.48 18.09 -25.67
CA VAL E 208 -31.57 17.70 -26.75
C VAL E 208 -31.60 18.70 -27.88
N TYR E 209 -32.80 19.06 -28.33
CA TYR E 209 -32.96 20.07 -29.38
C TYR E 209 -32.19 21.35 -29.05
N ALA E 210 -32.43 21.91 -27.87
CA ALA E 210 -31.81 23.18 -27.51
C ALA E 210 -30.29 23.04 -27.38
N PHE E 211 -29.83 21.93 -26.81
CA PHE E 211 -28.41 21.64 -26.76
C PHE E 211 -27.81 21.61 -28.15
N LEU E 212 -28.45 20.93 -29.09
CA LEU E 212 -27.83 20.80 -30.39
C LEU E 212 -27.81 22.12 -31.16
N GLN E 213 -28.76 23.02 -30.90
CA GLN E 213 -28.70 24.34 -31.53
C GLN E 213 -27.35 25.02 -31.29
N THR E 214 -26.75 24.78 -30.12
CA THR E 214 -25.45 25.31 -29.75
C THR E 214 -24.29 24.65 -30.49
N LYS E 215 -24.53 23.58 -31.27
CA LYS E 215 -23.44 22.80 -31.85
C LYS E 215 -23.45 22.71 -33.36
N VAL E 216 -24.61 22.83 -34.00
CA VAL E 216 -24.67 22.46 -35.40
C VAL E 216 -25.82 23.24 -36.03
N PRO E 217 -25.69 23.59 -37.31
CA PRO E 217 -26.77 24.32 -38.00
C PRO E 217 -28.08 23.55 -38.03
N GLN E 218 -29.17 24.27 -37.90
CA GLN E 218 -30.45 23.64 -38.13
C GLN E 218 -30.74 23.59 -39.61
N ARG E 219 -31.37 22.48 -40.03
CA ARG E 219 -31.92 22.31 -41.36
C ARG E 219 -33.09 23.28 -41.56
N SER E 220 -33.13 23.92 -42.72
CA SER E 220 -34.33 24.67 -43.10
C SER E 220 -34.94 24.00 -44.31
N ALA F 5 -6.71 3.92 -39.10
CA ALA F 5 -6.71 3.95 -37.63
C ALA F 5 -7.08 2.62 -36.96
N ARG F 6 -7.38 1.58 -37.72
CA ARG F 6 -7.65 0.28 -37.10
C ARG F 6 -6.36 -0.30 -36.56
N LEU F 7 -6.47 -1.01 -35.43
CA LEU F 7 -5.35 -1.77 -34.90
C LEU F 7 -5.01 -2.93 -35.82
N LEU F 8 -3.72 -3.26 -35.90
CA LEU F 8 -3.23 -4.33 -36.76
C LEU F 8 -3.28 -5.65 -35.99
N ARG F 9 -3.73 -6.68 -36.67
CA ARG F 9 -3.77 -8.04 -36.12
C ARG F 9 -3.00 -8.85 -37.14
N ALA F 10 -1.77 -9.21 -36.80
CA ALA F 10 -0.90 -9.91 -37.70
C ALA F 10 -0.47 -11.24 -37.10
N VAL F 11 -0.18 -12.16 -37.99
CA VAL F 11 0.35 -13.48 -37.65
C VAL F 11 1.60 -13.69 -38.49
N ILE F 12 2.67 -14.28 -37.89
CA ILE F 12 3.84 -14.68 -38.66
C ILE F 12 3.98 -16.22 -38.52
N MET F 13 4.12 -16.89 -39.65
CA MET F 13 4.12 -18.35 -39.72
C MET F 13 5.32 -18.82 -40.51
N GLY F 14 5.58 -20.11 -40.43
CA GLY F 14 6.72 -20.66 -41.10
C GLY F 14 7.14 -21.95 -40.45
N ALA F 15 7.85 -22.75 -41.22
CA ALA F 15 8.32 -24.03 -40.69
C ALA F 15 9.25 -23.75 -39.52
N PRO F 16 9.36 -24.68 -38.56
CA PRO F 16 10.36 -24.52 -37.50
C PRO F 16 11.72 -24.13 -38.07
N GLY F 17 12.31 -23.09 -37.47
CA GLY F 17 13.62 -22.64 -37.86
C GLY F 17 13.67 -21.70 -39.04
N SER F 18 12.52 -21.35 -39.61
CA SER F 18 12.50 -20.48 -40.77
C SER F 18 12.83 -19.03 -40.44
N GLY F 19 12.95 -18.68 -39.18
CA GLY F 19 13.22 -17.33 -38.78
C GLY F 19 12.07 -16.52 -38.22
N LYS F 20 10.99 -17.16 -37.77
CA LYS F 20 9.84 -16.41 -37.29
C LYS F 20 10.18 -15.54 -36.08
N GLY F 21 10.92 -16.11 -35.14
CA GLY F 21 11.30 -15.35 -33.96
C GLY F 21 12.27 -14.25 -34.30
N THR F 22 13.24 -14.54 -35.20
CA THR F 22 14.22 -13.54 -35.62
C THR F 22 13.53 -12.35 -36.30
N VAL F 23 12.70 -12.62 -37.30
CA VAL F 23 11.98 -11.57 -38.01
C VAL F 23 11.05 -10.82 -37.06
N SER F 24 10.33 -11.55 -36.20
CA SER F 24 9.39 -10.90 -35.27
C SER F 24 10.11 -9.93 -34.34
N SER F 25 11.35 -10.28 -33.92
CA SER F 25 12.14 -9.39 -33.08
C SER F 25 12.45 -8.11 -33.82
N ARG F 26 12.78 -8.23 -35.10
CA ARG F 26 13.06 -7.04 -35.92
C ARG F 26 11.82 -6.22 -36.14
N ILE F 27 10.68 -6.91 -36.34
CA ILE F 27 9.41 -6.21 -36.55
C ILE F 27 9.07 -5.35 -35.35
N THR F 28 9.26 -5.90 -34.14
CA THR F 28 8.87 -5.22 -32.91
C THR F 28 9.82 -4.09 -32.60
N THR F 29 11.05 -4.19 -33.09
CA THR F 29 11.99 -3.09 -33.00
C THR F 29 11.54 -1.92 -33.89
N HIS F 30 11.19 -2.18 -35.16
CA HIS F 30 10.94 -1.11 -36.13
C HIS F 30 9.48 -0.62 -36.18
N PHE F 31 8.53 -1.44 -35.75
CA PHE F 31 7.11 -1.15 -35.95
C PHE F 31 6.40 -1.10 -34.61
N GLU F 32 5.28 -0.36 -34.57
CA GLU F 32 4.54 -0.15 -33.32
C GLU F 32 3.57 -1.32 -33.10
N LEU F 33 4.06 -2.40 -32.53
CA LEU F 33 3.15 -3.49 -32.26
C LEU F 33 3.78 -4.42 -31.25
N LYS F 34 2.93 -5.20 -30.55
CA LYS F 34 3.41 -6.16 -29.55
C LYS F 34 3.60 -7.54 -30.15
N HIS F 35 4.73 -8.16 -29.84
CA HIS F 35 5.08 -9.50 -30.28
C HIS F 35 4.66 -10.51 -29.22
N LEU F 36 3.78 -11.45 -29.59
CA LEU F 36 3.27 -12.45 -28.68
C LEU F 36 3.71 -13.78 -29.28
N SER F 37 4.63 -14.45 -28.61
CA SER F 37 5.23 -15.70 -29.06
C SER F 37 4.67 -16.84 -28.20
N SER F 38 4.13 -17.86 -28.87
CA SER F 38 3.71 -19.09 -28.20
C SER F 38 4.84 -19.67 -27.40
N GLY F 39 5.96 -19.97 -28.07
CA GLY F 39 7.01 -20.84 -27.59
C GLY F 39 7.88 -20.18 -26.54
N ASP F 40 8.06 -18.85 -26.63
CA ASP F 40 8.70 -18.13 -25.53
C ASP F 40 7.82 -18.14 -24.28
N LEU F 41 6.49 -18.22 -24.44
CA LEU F 41 5.59 -18.18 -23.29
C LEU F 41 5.50 -19.54 -22.61
N LEU F 42 5.59 -20.62 -23.38
CA LEU F 42 5.55 -21.96 -22.82
C LEU F 42 6.90 -22.41 -22.28
N ARG F 43 8.01 -21.93 -22.87
CA ARG F 43 9.31 -22.13 -22.25
C ARG F 43 9.42 -21.32 -20.96
N ASP F 44 8.89 -20.09 -20.99
CA ASP F 44 8.68 -19.27 -19.79
C ASP F 44 7.85 -20.03 -18.75
N ASN F 45 6.62 -20.42 -19.10
CA ASN F 45 5.79 -21.25 -18.22
C ASN F 45 6.50 -22.56 -17.84
N MET F 46 7.37 -23.09 -18.71
CA MET F 46 8.12 -24.30 -18.40
C MET F 46 9.20 -24.02 -17.34
N LEU F 47 9.76 -22.82 -17.34
CA LEU F 47 10.65 -22.38 -16.27
C LEU F 47 9.88 -21.78 -15.09
N ARG F 48 8.64 -22.21 -14.87
CA ARG F 48 7.87 -21.71 -13.76
C ARG F 48 7.24 -22.89 -13.09
N GLY F 49 6.75 -23.82 -13.89
CA GLY F 49 6.14 -25.08 -13.47
C GLY F 49 4.77 -25.18 -12.90
N THR F 50 3.84 -25.80 -13.65
CA THR F 50 2.40 -26.10 -13.34
C THR F 50 1.89 -27.31 -14.18
N GLU F 51 0.74 -27.91 -13.84
CA GLU F 51 0.19 -29.04 -14.63
C GLU F 51 0.14 -28.88 -16.19
N ILE F 52 -0.11 -27.66 -16.64
CA ILE F 52 -0.15 -27.25 -18.02
C ILE F 52 1.28 -26.92 -18.49
N GLY F 53 2.10 -26.27 -17.66
CA GLY F 53 3.47 -26.00 -18.06
C GLY F 53 4.30 -27.29 -18.11
N VAL F 54 3.96 -28.21 -17.26
CA VAL F 54 4.61 -29.51 -17.20
C VAL F 54 4.06 -30.42 -18.30
N LEU F 55 2.74 -30.37 -18.55
CA LEU F 55 2.20 -31.10 -19.69
C LEU F 55 2.80 -30.57 -20.99
N ALA F 56 3.02 -29.24 -21.07
CA ALA F 56 3.56 -28.65 -22.29
C ALA F 56 4.97 -29.14 -22.57
N LYS F 57 5.82 -29.19 -21.55
CA LYS F 57 7.15 -29.75 -21.68
C LYS F 57 7.14 -31.11 -22.38
N ALA F 58 6.24 -31.99 -21.99
CA ALA F 58 6.25 -33.32 -22.58
C ALA F 58 6.01 -33.24 -24.08
N PHE F 59 5.04 -32.42 -24.49
CA PHE F 59 4.78 -32.28 -25.91
C PHE F 59 5.97 -31.61 -26.60
N ILE F 60 6.51 -30.55 -25.98
CA ILE F 60 7.58 -29.79 -26.62
C ILE F 60 8.82 -30.67 -26.81
N ASP F 61 9.32 -31.30 -25.73
CA ASP F 61 10.58 -32.02 -25.90
C ASP F 61 10.44 -33.19 -26.88
N GLN F 62 9.20 -33.63 -27.18
CA GLN F 62 8.92 -34.65 -28.17
C GLN F 62 8.58 -34.11 -29.58
N GLY F 63 8.55 -32.80 -29.79
CA GLY F 63 8.23 -32.33 -31.13
C GLY F 63 6.77 -32.49 -31.52
N LYS F 64 5.88 -32.57 -30.54
CA LYS F 64 4.46 -32.74 -30.78
C LYS F 64 3.69 -31.49 -30.36
N LEU F 65 2.69 -31.14 -31.16
CA LEU F 65 1.82 -30.00 -30.86
C LEU F 65 1.01 -30.23 -29.58
N ILE F 66 1.03 -29.24 -28.70
CA ILE F 66 0.19 -29.21 -27.52
C ILE F 66 -1.27 -29.22 -27.97
N PRO F 67 -2.19 -29.80 -27.20
CA PRO F 67 -3.59 -29.86 -27.63
C PRO F 67 -4.21 -28.49 -27.87
N ASP F 68 -5.07 -28.45 -28.88
CA ASP F 68 -5.73 -27.21 -29.29
C ASP F 68 -6.45 -26.53 -28.12
N ASP F 69 -7.25 -27.29 -27.34
CA ASP F 69 -7.98 -26.66 -26.25
C ASP F 69 -7.05 -25.93 -25.29
N VAL F 70 -5.92 -26.53 -24.93
CA VAL F 70 -4.94 -25.86 -24.08
C VAL F 70 -4.44 -24.58 -24.75
N MET F 71 -4.03 -24.70 -26.03
CA MET F 71 -3.30 -23.60 -26.65
C MET F 71 -4.25 -22.46 -26.98
N THR F 72 -5.41 -22.78 -27.54
CA THR F 72 -6.40 -21.76 -27.84
C THR F 72 -6.75 -20.98 -26.60
N ARG F 73 -6.97 -21.65 -25.47
CA ARG F 73 -7.37 -20.95 -24.25
C ARG F 73 -6.29 -20.01 -23.78
N LEU F 74 -5.03 -20.45 -23.79
CA LEU F 74 -3.90 -19.57 -23.47
C LEU F 74 -3.86 -18.36 -24.39
N ALA F 75 -4.03 -18.59 -25.70
CA ALA F 75 -3.91 -17.48 -26.64
C ALA F 75 -5.00 -16.46 -26.46
N LEU F 76 -6.26 -16.89 -26.49
CA LEU F 76 -7.37 -15.96 -26.32
C LEU F 76 -7.30 -15.22 -24.98
N HIS F 77 -6.76 -15.87 -23.95
CA HIS F 77 -6.70 -15.22 -22.64
C HIS F 77 -5.69 -14.09 -22.64
N GLU F 78 -4.49 -14.33 -23.19
CA GLU F 78 -3.52 -13.24 -23.30
C GLU F 78 -3.98 -12.17 -24.29
N LEU F 79 -4.71 -12.56 -25.33
CA LEU F 79 -5.17 -11.54 -26.29
C LEU F 79 -6.25 -10.63 -25.71
N LYS F 80 -7.13 -11.15 -24.85
CA LYS F 80 -8.13 -10.30 -24.23
C LYS F 80 -7.49 -9.12 -23.53
N ASN F 81 -6.22 -9.25 -23.14
CA ASN F 81 -5.47 -8.20 -22.45
C ASN F 81 -4.83 -7.19 -23.38
N LEU F 82 -4.99 -7.36 -24.71
CA LEU F 82 -4.25 -6.58 -25.69
C LEU F 82 -5.20 -6.02 -26.73
N THR F 83 -6.49 -5.87 -26.39
CA THR F 83 -7.51 -5.41 -27.32
C THR F 83 -7.30 -3.96 -27.74
N GLN F 84 -6.35 -3.26 -27.13
CA GLN F 84 -6.09 -1.86 -27.44
C GLN F 84 -4.86 -1.67 -28.32
N TYR F 85 -4.10 -2.74 -28.60
CA TYR F 85 -2.79 -2.65 -29.21
C TYR F 85 -2.72 -3.47 -30.50
N SER F 86 -1.82 -3.06 -31.39
CA SER F 86 -1.45 -3.85 -32.56
C SER F 86 -0.56 -4.97 -32.07
N TRP F 87 -0.74 -6.14 -32.65
CA TRP F 87 0.06 -7.26 -32.16
C TRP F 87 0.37 -8.19 -33.31
N LEU F 88 1.46 -8.94 -33.11
CA LEU F 88 1.94 -9.95 -34.04
C LEU F 88 2.02 -11.28 -33.31
N LEU F 89 1.27 -12.25 -33.78
CA LEU F 89 1.27 -13.57 -33.17
C LEU F 89 2.32 -14.44 -33.84
N ASP F 90 3.19 -15.02 -33.02
CA ASP F 90 4.27 -15.86 -33.49
C ASP F 90 4.23 -17.23 -32.82
N GLY F 91 3.73 -18.21 -33.56
CA GLY F 91 3.71 -19.60 -33.12
C GLY F 91 2.30 -20.10 -32.83
N PHE F 92 1.31 -19.21 -32.89
CA PHE F 92 -0.13 -19.52 -32.86
C PHE F 92 -0.77 -18.75 -34.02
N PRO F 93 -1.66 -19.34 -34.80
CA PRO F 93 -2.17 -20.72 -34.72
C PRO F 93 -1.30 -21.75 -35.49
N ARG F 94 -1.36 -23.01 -35.05
CA ARG F 94 -0.61 -24.10 -35.62
C ARG F 94 -1.51 -25.15 -36.26
N THR F 95 -2.82 -25.09 -35.98
CA THR F 95 -3.81 -26.02 -36.49
C THR F 95 -5.05 -25.27 -36.95
N LEU F 96 -5.84 -25.96 -37.77
CA LEU F 96 -7.07 -25.34 -38.25
C LEU F 96 -8.04 -24.99 -37.13
N PRO F 97 -8.25 -25.80 -36.08
CA PRO F 97 -9.14 -25.34 -35.00
C PRO F 97 -8.61 -24.14 -34.26
N GLN F 98 -7.29 -24.01 -34.16
CA GLN F 98 -6.70 -22.83 -33.54
C GLN F 98 -6.94 -21.60 -34.39
N ALA F 99 -6.74 -21.73 -35.71
CA ALA F 99 -6.94 -20.59 -36.62
C ALA F 99 -8.42 -20.19 -36.65
N GLU F 100 -9.34 -21.18 -36.60
CA GLU F 100 -10.78 -20.91 -36.66
C GLU F 100 -11.26 -20.23 -35.38
N ALA F 101 -10.73 -20.65 -34.23
CA ALA F 101 -11.04 -19.96 -32.98
C ALA F 101 -10.54 -18.52 -32.98
N LEU F 102 -9.27 -18.33 -33.35
CA LEU F 102 -8.72 -16.97 -33.46
C LEU F 102 -9.64 -16.08 -34.31
N ASP F 103 -10.11 -16.59 -35.43
CA ASP F 103 -10.91 -15.84 -36.40
C ASP F 103 -12.31 -15.49 -35.90
N ARG F 104 -12.82 -16.21 -34.91
CA ARG F 104 -14.13 -15.87 -34.32
C ARG F 104 -14.00 -14.67 -33.39
N ALA F 105 -12.79 -14.40 -32.93
CA ALA F 105 -12.52 -13.35 -31.98
C ALA F 105 -11.91 -12.12 -32.63
N TYR F 106 -11.13 -12.31 -33.69
CA TYR F 106 -10.37 -11.23 -34.28
C TYR F 106 -10.47 -11.37 -35.78
N GLN F 107 -10.11 -10.30 -36.45
N GLN F 107 -10.16 -10.29 -36.48
CA GLN F 107 -10.00 -10.23 -37.90
CA GLN F 107 -10.02 -10.31 -37.92
C GLN F 107 -8.51 -10.08 -38.24
C GLN F 107 -8.54 -10.10 -38.23
N ILE F 108 -7.86 -11.21 -38.53
CA ILE F 108 -6.44 -11.16 -38.88
C ILE F 108 -6.28 -10.40 -40.20
N ASP F 109 -5.55 -9.29 -40.14
CA ASP F 109 -5.25 -8.47 -41.31
C ASP F 109 -4.23 -9.10 -42.27
N THR F 110 -3.25 -9.83 -41.75
CA THR F 110 -2.09 -10.18 -42.55
C THR F 110 -1.36 -11.33 -41.85
N VAL F 111 -0.96 -12.28 -42.66
CA VAL F 111 -0.22 -13.45 -42.24
C VAL F 111 1.05 -13.48 -43.06
N ILE F 112 2.17 -13.35 -42.40
CA ILE F 112 3.49 -13.32 -43.01
C ILE F 112 4.00 -14.75 -42.95
N ASN F 113 4.28 -15.33 -44.12
CA ASN F 113 4.74 -16.72 -44.23
C ASN F 113 6.17 -16.73 -44.72
N LEU F 114 7.07 -17.30 -43.92
CA LEU F 114 8.48 -17.43 -44.26
C LEU F 114 8.76 -18.82 -44.81
N ASN F 115 9.16 -18.87 -46.06
CA ASN F 115 9.33 -20.11 -46.81
C ASN F 115 10.84 -20.31 -47.07
N VAL F 116 11.44 -21.14 -46.22
CA VAL F 116 12.88 -21.40 -46.16
C VAL F 116 13.09 -22.90 -46.30
N PRO F 117 14.03 -23.34 -47.14
CA PRO F 117 14.22 -24.77 -47.36
C PRO F 117 14.51 -25.56 -46.07
N PHE F 118 13.95 -26.77 -46.02
CA PHE F 118 14.07 -27.64 -44.85
C PHE F 118 15.53 -27.99 -44.54
N GLU F 119 16.33 -28.20 -45.56
CA GLU F 119 17.74 -28.50 -45.33
C GLU F 119 18.41 -27.31 -44.63
N VAL F 120 18.10 -26.10 -45.09
CA VAL F 120 18.64 -24.90 -44.49
C VAL F 120 18.17 -24.77 -43.05
N ILE F 121 16.90 -25.04 -42.78
CA ILE F 121 16.42 -24.93 -41.41
C ILE F 121 17.11 -25.94 -40.48
N LYS F 122 17.39 -27.14 -40.98
CA LYS F 122 18.07 -28.12 -40.13
C LYS F 122 19.44 -27.58 -39.74
N GLN F 123 20.13 -26.98 -40.68
CA GLN F 123 21.44 -26.41 -40.39
C GLN F 123 21.31 -25.32 -39.31
N ARG F 124 20.30 -24.47 -39.44
CA ARG F 124 20.09 -23.41 -38.47
C ARG F 124 19.78 -23.90 -37.05
N LEU F 125 18.92 -24.91 -36.93
CA LEU F 125 18.57 -25.36 -35.57
C LEU F 125 19.76 -25.97 -34.83
N THR F 126 20.54 -26.75 -35.55
CA THR F 126 21.76 -27.38 -35.05
C THR F 126 22.65 -26.37 -34.36
N ALA F 127 22.68 -25.15 -34.88
CA ALA F 127 23.55 -24.11 -34.41
C ALA F 127 22.81 -23.06 -33.59
N ARG F 128 21.57 -23.30 -33.20
CA ARG F 128 20.85 -22.33 -32.37
C ARG F 128 21.19 -22.53 -30.90
N TRP F 129 21.51 -21.42 -30.24
CA TRP F 129 21.68 -21.39 -28.79
C TRP F 129 20.81 -20.29 -28.20
N ILE F 130 20.20 -20.54 -27.03
CA ILE F 130 19.32 -19.56 -26.39
C ILE F 130 19.80 -19.22 -24.98
N HIS F 131 19.60 -17.94 -24.60
CA HIS F 131 19.76 -17.51 -23.22
C HIS F 131 18.43 -17.75 -22.49
N PRO F 132 18.34 -18.72 -21.60
CA PRO F 132 16.99 -19.12 -21.12
C PRO F 132 16.20 -18.01 -20.46
N ALA F 133 16.78 -17.33 -19.47
CA ALA F 133 16.02 -16.39 -18.67
C ALA F 133 15.39 -15.28 -19.51
N SER F 134 16.08 -14.83 -20.56
CA SER F 134 15.56 -13.77 -21.43
C SER F 134 14.93 -14.29 -22.72
N GLY F 135 15.16 -15.55 -23.08
CA GLY F 135 14.81 -16.01 -24.42
C GLY F 135 15.66 -15.48 -25.55
N ARG F 136 16.70 -14.69 -25.29
CA ARG F 136 17.56 -14.24 -26.39
C ARG F 136 18.08 -15.40 -27.22
N VAL F 137 17.99 -15.25 -28.54
CA VAL F 137 18.29 -16.31 -29.49
C VAL F 137 19.59 -15.95 -30.18
N TYR F 138 20.53 -16.89 -30.19
CA TYR F 138 21.79 -16.74 -30.89
C TYR F 138 21.92 -17.81 -31.97
N ASN F 139 22.97 -17.66 -32.78
CA ASN F 139 23.31 -18.66 -33.77
C ASN F 139 24.82 -18.62 -34.02
N ILE F 140 25.46 -19.79 -34.10
CA ILE F 140 26.91 -19.82 -34.34
C ILE F 140 27.34 -18.85 -35.42
N GLU F 141 26.76 -18.97 -36.61
CA GLU F 141 27.19 -18.20 -37.75
C GLU F 141 26.47 -16.86 -37.85
N PHE F 142 25.13 -16.87 -37.75
CA PHE F 142 24.34 -15.69 -38.11
C PHE F 142 24.30 -14.68 -36.99
N ASN F 143 24.23 -15.11 -35.75
CA ASN F 143 24.19 -14.15 -34.65
C ASN F 143 24.99 -14.68 -33.49
N PRO F 144 26.32 -14.74 -33.61
CA PRO F 144 27.11 -15.34 -32.56
C PRO F 144 27.25 -14.43 -31.35
N PRO F 145 27.32 -15.01 -30.17
CA PRO F 145 27.70 -14.21 -28.99
C PRO F 145 29.14 -13.75 -29.12
N LYS F 146 29.48 -12.71 -28.33
CA LYS F 146 30.85 -12.21 -28.33
C LYS F 146 31.82 -13.29 -27.85
N THR F 147 31.38 -14.16 -26.94
CA THR F 147 32.15 -15.31 -26.48
C THR F 147 31.27 -16.55 -26.52
N VAL F 148 31.77 -17.61 -27.14
CA VAL F 148 30.96 -18.81 -27.37
C VAL F 148 30.30 -19.29 -26.08
N GLY F 149 29.05 -19.75 -26.22
CA GLY F 149 28.28 -20.35 -25.14
C GLY F 149 27.82 -19.43 -24.03
N ILE F 150 27.91 -18.11 -24.21
CA ILE F 150 27.73 -17.13 -23.14
C ILE F 150 26.89 -15.95 -23.63
N ASP F 151 25.90 -15.57 -22.84
CA ASP F 151 25.03 -14.43 -23.17
C ASP F 151 25.79 -13.11 -23.07
N ASP F 152 25.69 -12.29 -24.11
CA ASP F 152 26.47 -11.05 -24.20
C ASP F 152 26.19 -10.13 -23.01
N LEU F 153 24.90 -9.99 -22.67
CA LEU F 153 24.47 -9.02 -21.67
C LEU F 153 24.84 -9.46 -20.26
N THR F 154 24.44 -10.68 -19.89
CA THR F 154 24.51 -11.15 -18.52
C THR F 154 25.75 -11.98 -18.20
N GLY F 155 26.46 -12.48 -19.21
CA GLY F 155 27.54 -13.42 -18.94
C GLY F 155 27.09 -14.79 -18.52
N GLU F 156 25.78 -15.04 -18.49
CA GLU F 156 25.23 -16.32 -18.08
C GLU F 156 25.30 -17.31 -19.23
N PRO F 157 25.24 -18.61 -18.93
CA PRO F 157 25.39 -19.61 -19.99
C PRO F 157 24.22 -19.69 -20.97
N LEU F 158 24.55 -20.02 -22.20
CA LEU F 158 23.60 -20.28 -23.21
C LEU F 158 23.33 -21.78 -23.24
N ILE F 159 22.11 -22.13 -23.59
CA ILE F 159 21.73 -23.51 -23.75
C ILE F 159 21.15 -23.80 -25.11
N GLN F 160 21.04 -25.06 -25.40
CA GLN F 160 20.44 -25.51 -26.60
C GLN F 160 19.03 -26.05 -26.24
N ARG F 161 18.02 -25.78 -27.05
CA ARG F 161 16.65 -26.21 -26.73
C ARG F 161 16.54 -27.71 -26.88
N GLU F 162 15.80 -28.35 -25.97
CA GLU F 162 15.69 -29.82 -26.06
C GLU F 162 15.13 -30.22 -27.41
N ASP F 163 14.27 -29.38 -28.00
CA ASP F 163 13.66 -29.84 -29.23
C ASP F 163 14.48 -29.57 -30.47
N ASP F 164 15.64 -28.94 -30.35
CA ASP F 164 16.49 -28.68 -31.50
C ASP F 164 17.44 -29.85 -31.77
N LYS F 165 17.22 -30.99 -31.16
CA LYS F 165 17.99 -32.20 -31.48
C LYS F 165 17.50 -32.76 -32.80
N PRO F 166 18.39 -33.38 -33.59
CA PRO F 166 18.01 -33.77 -34.96
C PRO F 166 16.77 -34.62 -35.10
N GLU F 167 16.53 -35.58 -34.20
CA GLU F 167 15.36 -36.45 -34.33
C GLU F 167 14.06 -35.70 -34.11
N THR F 168 14.05 -34.80 -33.13
CA THR F 168 12.88 -34.03 -32.78
C THR F 168 12.56 -32.99 -33.83
N VAL F 169 13.61 -32.41 -34.43
CA VAL F 169 13.44 -31.49 -35.55
C VAL F 169 12.75 -32.20 -36.70
N ILE F 170 13.12 -33.47 -36.94
CA ILE F 170 12.41 -34.24 -37.95
C ILE F 170 10.94 -34.39 -37.58
N LYS F 171 10.65 -34.65 -36.31
CA LYS F 171 9.25 -34.78 -35.93
C LYS F 171 8.54 -33.45 -36.07
N ARG F 172 9.24 -32.35 -35.77
CA ARG F 172 8.59 -31.03 -35.79
C ARG F 172 8.26 -30.62 -37.21
N LEU F 173 9.18 -30.91 -38.16
CA LEU F 173 8.89 -30.61 -39.55
C LEU F 173 7.72 -31.42 -40.05
N LYS F 174 7.55 -32.65 -39.58
CA LYS F 174 6.44 -33.43 -40.09
C LYS F 174 5.12 -32.92 -39.55
N ALA F 175 5.09 -32.52 -38.27
CA ALA F 175 3.87 -31.95 -37.71
C ALA F 175 3.54 -30.64 -38.41
N TYR F 176 4.56 -29.93 -38.87
CA TYR F 176 4.27 -28.69 -39.60
C TYR F 176 3.64 -29.00 -40.95
N GLU F 177 4.16 -29.99 -41.66
CA GLU F 177 3.53 -30.31 -42.93
C GLU F 177 2.07 -30.79 -42.82
N ASP F 178 1.79 -31.69 -41.87
CA ASP F 178 0.43 -32.24 -41.66
C ASP F 178 -0.76 -31.37 -41.12
N GLN F 179 -0.55 -30.59 -40.06
CA GLN F 179 -1.50 -29.67 -39.42
C GLN F 179 -1.33 -28.19 -39.88
N THR F 180 -0.09 -27.77 -39.81
CA THR F 180 0.17 -26.39 -40.14
C THR F 180 0.01 -25.96 -41.58
N LYS F 181 0.41 -26.81 -42.51
CA LYS F 181 0.24 -26.48 -43.91
C LYS F 181 -1.21 -26.08 -44.25
N PRO F 182 -2.21 -26.83 -43.76
CA PRO F 182 -3.60 -26.52 -44.02
C PRO F 182 -3.99 -25.12 -43.52
N VAL F 183 -3.43 -24.69 -42.38
CA VAL F 183 -3.65 -23.37 -41.88
C VAL F 183 -3.08 -22.44 -42.89
N LEU F 184 -1.95 -22.78 -43.44
CA LEU F 184 -1.54 -21.77 -44.47
C LEU F 184 -2.55 -21.57 -45.64
N GLU F 185 -3.08 -22.67 -46.17
CA GLU F 185 -4.08 -22.70 -47.23
C GLU F 185 -5.36 -21.98 -46.81
N TYR F 186 -5.72 -22.10 -45.53
CA TYR F 186 -6.93 -21.42 -45.03
C TYR F 186 -6.74 -19.91 -45.10
N TYR F 187 -5.54 -19.42 -44.79
CA TYR F 187 -5.26 -17.99 -44.82
C TYR F 187 -5.07 -17.49 -46.26
N GLN F 188 -4.44 -18.30 -47.11
CA GLN F 188 -4.36 -17.93 -48.52
C GLN F 188 -5.75 -17.69 -49.11
N LYS F 189 -6.68 -18.62 -48.87
CA LYS F 189 -8.00 -18.51 -49.45
C LYS F 189 -8.77 -17.31 -48.95
N LYS F 190 -8.51 -16.87 -47.70
CA LYS F 190 -9.06 -15.65 -47.12
C LYS F 190 -8.38 -14.39 -47.61
N GLY F 191 -7.34 -14.52 -48.43
CA GLY F 191 -6.66 -13.41 -49.07
C GLY F 191 -5.68 -12.64 -48.23
N VAL F 192 -5.26 -13.15 -47.07
CA VAL F 192 -4.39 -12.39 -46.18
C VAL F 192 -2.98 -13.00 -46.07
N LEU F 193 -2.67 -14.03 -46.86
CA LEU F 193 -1.33 -14.63 -46.83
C LEU F 193 -0.35 -13.86 -47.70
N GLU F 194 0.79 -13.53 -47.12
CA GLU F 194 1.88 -12.88 -47.86
C GLU F 194 3.12 -13.72 -47.60
N THR F 195 3.69 -14.31 -48.65
CA THR F 195 4.76 -15.27 -48.51
C THR F 195 6.07 -14.67 -48.95
N PHE F 196 7.10 -14.92 -48.16
CA PHE F 196 8.45 -14.46 -48.42
C PHE F 196 9.34 -15.68 -48.48
N SER F 197 10.03 -15.89 -49.61
CA SER F 197 10.90 -17.06 -49.74
C SER F 197 12.37 -16.65 -49.79
N GLY F 198 13.25 -17.50 -49.26
CA GLY F 198 14.66 -17.17 -49.22
C GLY F 198 15.42 -18.14 -48.34
N THR F 199 16.73 -18.07 -48.44
CA THR F 199 17.59 -18.86 -47.58
C THR F 199 18.23 -18.05 -46.46
N GLU F 200 18.12 -16.70 -46.48
CA GLU F 200 18.69 -15.92 -45.40
C GLU F 200 17.74 -14.82 -44.95
N THR F 201 17.69 -14.61 -43.65
CA THR F 201 16.82 -13.58 -43.09
C THR F 201 17.23 -12.20 -43.60
N ASN F 202 18.52 -11.94 -43.81
CA ASN F 202 18.91 -10.57 -44.21
C ASN F 202 18.59 -10.28 -45.67
N LYS F 203 18.33 -11.31 -46.46
CA LYS F 203 17.78 -11.15 -47.80
C LYS F 203 16.26 -11.09 -47.83
N ILE F 204 15.58 -11.65 -46.83
CA ILE F 204 14.13 -11.57 -46.78
C ILE F 204 13.67 -10.26 -46.15
N TRP F 205 14.43 -9.75 -45.19
CA TRP F 205 13.89 -8.73 -44.31
C TRP F 205 13.54 -7.45 -45.04
N PRO F 206 14.29 -6.96 -46.02
CA PRO F 206 13.88 -5.69 -46.65
C PRO F 206 12.48 -5.77 -47.25
N TYR F 207 12.06 -6.97 -47.71
CA TYR F 207 10.76 -7.19 -48.33
C TYR F 207 9.66 -7.23 -47.28
N VAL F 208 9.89 -7.90 -46.15
CA VAL F 208 8.99 -7.83 -45.00
C VAL F 208 8.92 -6.38 -44.48
N TYR F 209 10.08 -5.74 -44.35
CA TYR F 209 10.10 -4.33 -43.92
C TYR F 209 9.21 -3.44 -44.82
N ALA F 210 9.40 -3.49 -46.13
CA ALA F 210 8.63 -2.62 -47.02
C ALA F 210 7.15 -2.96 -46.96
N PHE F 211 6.84 -4.26 -46.86
CA PHE F 211 5.47 -4.74 -46.77
C PHE F 211 4.77 -4.21 -45.52
N LEU F 212 5.44 -4.25 -44.38
CA LEU F 212 4.81 -3.83 -43.15
C LEU F 212 4.68 -2.31 -43.07
N GLN F 213 5.56 -1.58 -43.74
CA GLN F 213 5.43 -0.12 -43.78
C GLN F 213 4.05 0.29 -44.24
N THR F 214 3.39 -0.55 -45.04
CA THR F 214 2.09 -0.27 -45.61
C THR F 214 0.92 -0.66 -44.72
N LYS F 215 1.19 -1.16 -43.50
CA LYS F 215 0.17 -1.79 -42.66
C LYS F 215 0.15 -1.28 -41.23
N VAL F 216 1.21 -0.65 -40.76
CA VAL F 216 1.35 -0.35 -39.34
C VAL F 216 2.40 0.74 -39.18
N PRO F 217 2.21 1.65 -38.26
CA PRO F 217 3.20 2.72 -38.11
C PRO F 217 4.56 2.23 -37.62
N GLN F 218 5.61 2.91 -38.04
CA GLN F 218 6.95 2.62 -37.61
C GLN F 218 7.11 3.14 -36.22
N ARG F 219 8.04 2.57 -35.50
CA ARG F 219 8.23 2.87 -34.10
C ARG F 219 8.63 4.29 -33.68
N SER F 220 9.46 5.00 -34.43
CA SER F 220 9.80 6.34 -33.98
C SER F 220 10.02 7.37 -35.06
PE G5P G . -19.15 -9.33 8.88
O1E G5P G . -19.82 -9.14 10.21
O2E G5P G . -18.15 -10.43 8.84
PD G5P G . -21.11 -10.15 6.79
O1D G5P G . -20.39 -10.71 5.61
O2D G5P G . -21.90 -8.88 6.41
O3D G5P G . -20.48 -9.50 8.08
PG G5P G . -23.22 -10.85 8.52
O1G G5P G . -23.95 -9.58 8.27
O2G G5P G . -22.80 -10.98 9.93
O3G G5P G . -22.10 -11.19 7.45
PB G5P G . -24.36 -13.51 8.44
O1B G5P G . -23.30 -13.83 9.36
O2B G5P G . -24.55 -14.28 7.18
O3B G5P G . -24.34 -11.91 8.18
O3A G5P G . -25.78 -13.50 9.13
PA G5P G . -26.42 -14.07 10.46
O1A G5P G . -26.00 -13.28 11.66
O2A G5P G . -26.12 -15.57 10.56
O5' G5P G . -27.96 -13.97 10.12
C5' G5P G . -28.49 -12.69 9.78
C4' G5P G . -29.89 -12.58 10.46
O4' G5P G . -30.80 -13.56 9.93
C3' G5P G . -29.79 -12.99 11.97
O3' G5P G . -30.70 -12.27 12.65
C2' G5P G . -30.31 -14.44 12.01
O2' G5P G . -30.91 -14.53 13.22
C1' G5P G . -31.20 -14.46 10.98
N9 G5P G . -31.57 -15.70 10.26
C8 G5P G . -30.79 -16.77 10.01
N7 G5P G . -31.51 -17.69 9.36
C5 G5P G . -32.78 -17.19 9.23
C6 G5P G . -33.90 -17.71 8.69
O6 G5P G . -33.98 -18.84 8.15
N1 G5P G . -35.14 -16.95 8.69
C2 G5P G . -35.16 -15.67 9.25
N2 G5P G . -36.35 -14.93 9.25
N3 G5P G . -33.99 -15.16 9.83
C4 G5P G . -32.78 -15.98 9.80
O5F G5P G . -18.47 -7.99 8.31
C5F G5P G . -19.01 -6.84 8.81
C4F G5P G . -18.11 -5.70 8.37
O4F G5P G . -16.83 -5.83 8.97
C1F G5P G . -15.83 -5.77 7.95
C2F G5P G . -16.42 -5.28 6.83
O2F G5P G . -16.59 -3.84 6.90
C3F G5P G . -17.82 -5.82 6.83
O3F G5P G . -18.85 -5.07 6.17
N9A G5P G . -15.21 -7.05 7.46
C4A G5P G . -14.16 -7.19 6.66
N3A G5P G . -13.42 -6.32 5.92
C2A G5P G . -12.45 -6.76 5.15
N1A G5P G . -12.13 -8.06 5.09
C6A G5P G . -12.78 -8.98 5.83
N6A G5P G . -12.39 -10.30 5.77
C5A G5P G . -13.84 -8.54 6.65
N7A G5P G . -14.76 -9.13 7.51
C8A G5P G . -15.54 -8.22 8.00
MG MG H . -22.07 -12.98 10.94
PE G5P I . -1.92 6.42 39.13
O1E G5P I . -2.79 6.49 40.37
O2E G5P I . -0.91 5.35 39.13
PD G5P I . -4.30 5.97 37.71
O1D G5P I . -4.32 5.22 36.39
O2D G5P I . -5.02 7.34 37.75
O3D G5P I . -2.75 6.19 37.83
PG G5P I . -6.35 5.16 39.51
O1G G5P I . -7.14 6.42 39.27
O2G G5P I . -6.08 5.00 40.96
O3G G5P I . -4.89 5.07 38.87
PB G5P I . -7.44 2.49 39.42
O1B G5P I . -6.29 2.04 40.22
O2B G5P I . -7.81 1.77 38.15
O3B G5P I . -7.24 3.99 38.91
O3A G5P I . -8.65 2.68 40.42
PA G5P I . -9.29 1.81 41.56
O1A G5P I . -8.92 2.58 42.82
O2A G5P I . -8.87 0.37 41.59
O5' G5P I . -10.89 1.89 41.25
C5' G5P I . -11.46 3.13 40.84
C4' G5P I . -12.79 3.28 41.62
O4' G5P I . -13.73 2.31 41.15
C3' G5P I . -12.61 2.97 43.19
O3' G5P I . -13.38 3.84 43.94
C2' G5P I . -13.12 1.53 43.23
O2' G5P I . -13.64 1.31 44.44
C1' G5P I . -14.08 1.47 42.27
N9 G5P I . -14.45 0.21 41.61
C8 G5P I . -13.70 -0.88 41.36
N7 G5P I . -14.48 -1.81 40.79
C5 G5P I . -15.72 -1.32 40.74
C6 G5P I . -16.87 -1.84 40.28
O6 G5P I . -16.96 -2.99 39.81
N1 G5P I . -18.08 -1.07 40.37
C2 G5P I . -18.04 0.24 40.89
N2 G5P I . -19.22 0.97 40.98
N3 G5P I . -16.86 0.77 41.35
C4 G5P I . -15.68 -0.08 41.27
O5F G5P I . -1.24 7.83 38.80
C5F G5P I . -1.88 8.95 39.26
C4F G5P I . -1.02 10.09 38.72
O4F G5P I . 0.35 9.87 39.14
C1F G5P I . 1.23 9.95 38.00
C2F G5P I . 0.47 10.51 37.02
O2F G5P I . 0.35 11.94 37.30
C3F G5P I . -0.95 9.97 37.16
O3F G5P I . -1.98 10.73 36.50
N9A G5P I . 1.86 8.73 37.36
C4A G5P I . 2.76 8.65 36.35
N3A G5P I . 3.29 9.53 35.45
C2A G5P I . 4.17 9.16 34.53
N1A G5P I . 4.57 7.90 34.41
C6A G5P I . 4.15 6.95 35.26
N6A G5P I . 4.60 5.66 35.14
C5A G5P I . 3.20 7.33 36.26
N7A G5P I . 2.53 6.67 37.27
C8A G5P I . 1.76 7.52 37.90
MG MG J . -4.85 3.07 41.54
PE G5P K . 11.82 11.45 -8.77
O1E G5P K . 12.86 11.03 -9.81
O2E G5P K . 10.63 10.53 -8.82
PD G5P K . 14.03 11.71 -7.20
O1D G5P K . 14.34 11.74 -5.71
O2D G5P K . 14.40 13.06 -7.84
O3D G5P K . 12.45 11.45 -7.32
PG G5P K . 16.30 10.46 -8.60
O1G G5P K . 16.77 11.78 -9.18
O2G G5P K . 16.38 9.47 -9.71
O3G G5P K . 14.77 10.54 -8.06
PB G5P K . 17.72 8.50 -7.22
O1B G5P K . 16.65 7.51 -7.63
O2B G5P K . 18.27 8.33 -5.85
O3B G5P K . 17.17 10.02 -7.34
O3A G5P K . 18.75 8.39 -8.41
PA G5P K . 19.73 7.21 -8.80
O1A G5P K . 19.59 7.07 -10.30
O2A G5P K . 19.50 5.88 -8.09
O5' G5P K . 21.07 7.96 -8.29
C5' G5P K . 21.66 8.97 -9.10
C4' G5P K . 22.79 8.01 -9.47
O4' G5P K . 24.12 8.36 -9.23
C3' G5P K . 22.89 7.54 -10.98
O3' G5P K . 23.63 8.32 -11.77
C2' G5P K . 23.77 6.40 -10.45
O2' G5P K . 24.24 5.79 -11.52
C1' G5P K . 24.68 7.07 -9.64
N9 G5P K . 25.20 6.34 -8.44
C8 G5P K . 24.60 5.40 -7.70
N7 G5P K . 25.43 4.97 -6.74
C5 G5P K . 26.60 5.62 -6.88
C6 G5P K . 27.76 5.56 -6.21
O6 G5P K . 27.95 4.80 -5.24
N1 G5P K . 28.88 6.41 -6.59
C2 G5P K . 28.74 7.28 -7.69
N2 G5P K . 29.81 8.11 -8.10
N3 G5P K . 27.53 7.32 -8.37
C4 G5P K . 26.45 6.45 -7.95
O5F G5P K . 11.42 12.97 -9.03
C5F G5P K . 11.35 13.43 -10.32
C4F G5P K . 10.35 14.57 -10.24
O4F G5P K . 9.01 14.07 -10.41
C1F G5P K . 8.19 14.56 -9.31
C2F G5P K . 8.89 15.52 -8.66
O2F G5P K . 8.69 16.75 -9.39
C3F G5P K . 10.34 15.12 -8.77
O3F G5P K . 11.25 16.21 -8.62
N9A G5P K . 7.78 13.73 -8.15
C4A G5P K . 6.86 13.94 -7.18
N3A G5P K . 6.22 15.06 -6.69
C2A G5P K . 5.38 14.99 -5.67
N1A G5P K . 5.10 13.83 -5.09
C6A G5P K . 5.67 12.68 -5.51
N6A G5P K . 5.38 11.51 -4.88
C5A G5P K . 6.60 12.73 -6.57
N7A G5P K . 7.35 11.81 -7.25
C8A G5P K . 8.04 12.43 -8.18
MG MG L . 14.96 7.69 -8.86
PE G5P M . 29.18 27.30 20.91
O1E G5P M . 29.82 26.96 19.61
O2E G5P M . 28.24 26.29 21.54
PD G5P M . 30.84 27.48 23.31
O1D G5P M . 30.04 26.39 24.07
O2D G5P M . 31.31 28.59 24.17
O3D G5P M . 30.34 27.83 21.84
PG G5P M . 33.28 26.57 21.93
O1G G5P M . 33.80 27.96 21.67
O2G G5P M . 33.16 25.73 20.73
O3G G5P M . 32.03 26.52 22.87
PB G5P M . 34.81 24.43 23.24
O1B G5P M . 33.84 23.40 22.72
O2B G5P M . 35.16 24.40 24.69
O3B G5P M . 34.35 25.95 22.94
O3A G5P M . 36.05 24.39 22.26
PA G5P M . 36.94 23.16 21.78
O1A G5P M . 36.65 23.03 20.31
O2A G5P M . 36.59 21.78 22.41
O5' G5P M . 38.45 23.60 22.02
C5' G5P M . 38.86 24.91 21.65
C4' G5P M . 40.25 24.82 20.97
O4' G5P M . 41.15 24.32 21.96
C3' G5P M . 40.22 23.75 19.78
O3' G5P M . 40.91 24.24 18.72
C2' G5P M . 40.92 22.56 20.44
O2' G5P M . 41.61 21.93 19.48
C1' G5P M . 41.76 23.13 21.36
N9 G5P M . 42.20 22.40 22.55
C8 G5P M . 41.55 21.41 23.20
N7 G5P M . 42.32 20.99 24.21
C5 G5P M . 43.51 21.63 24.15
C6 G5P M . 44.65 21.57 24.90
O6 G5P M . 44.84 20.82 25.87
N1 G5P M . 45.77 22.44 24.59
C2 G5P M . 45.66 23.33 23.52
N2 G5P M . 46.74 24.14 23.19
N3 G5P M . 44.51 23.36 22.74
C4 G5P M . 43.41 22.50 23.10
O5F G5P M . 28.23 28.65 20.70
C5F G5P M . 28.70 29.65 19.88
C4F G5P M . 27.60 30.72 19.73
O4F G5P M . 26.36 30.17 19.27
C1F G5P M . 25.30 30.53 20.20
C2F G5P M . 25.80 31.56 20.94
O2F G5P M . 25.72 32.75 20.14
C3F G5P M . 27.28 31.26 21.12
O3F G5P M . 28.18 32.33 21.39
N9A G5P M . 24.77 29.57 21.21
C4A G5P M . 23.77 29.69 22.09
N3A G5P M . 23.00 30.73 22.49
C2A G5P M . 22.11 30.58 23.43
N1A G5P M . 21.91 29.41 24.04
C6A G5P M . 22.62 28.31 23.72
N6A G5P M . 22.36 27.15 24.38
C5A G5P M . 23.60 28.46 22.71
N7A G5P M . 24.49 27.60 22.10
C8A G5P M . 25.17 28.30 21.22
MG MG N . 32.33 23.54 20.92
PE G5P O . -28.38 -1.92 -31.97
O1E G5P O . -29.52 -1.99 -32.94
O2E G5P O . -27.43 -0.81 -32.29
PD G5P O . -29.02 -0.70 -29.49
O1D G5P O . -27.75 0.09 -29.59
O2D G5P O . -29.25 -1.14 -28.07
O3D G5P O . -28.98 -1.91 -30.50
PG G5P O . -31.77 -0.18 -30.05
O1G G5P O . -32.10 -1.51 -29.52
O2G G5P O . -32.29 -0.06 -31.43
O3G G5P O . -30.21 0.17 -30.06
PB G5P O . -32.83 2.38 -29.48
O1B G5P O . -32.31 2.80 -30.80
O2B G5P O . -32.42 3.30 -28.38
O3B G5P O . -32.39 0.91 -29.07
O3A G5P O . -34.41 2.22 -29.51
PA G5P O . -35.49 3.03 -30.35
O1A G5P O . -35.75 2.35 -31.63
O2A G5P O . -35.03 4.46 -30.56
O5' G5P O . -36.80 2.95 -29.43
C5' G5P O . -37.13 1.69 -28.89
C4' G5P O . -38.68 1.60 -28.84
O4' G5P O . -39.17 2.63 -28.00
C3' G5P O . -39.25 1.93 -30.28
O3' G5P O . -40.26 1.10 -30.60
C2' G5P O . -39.71 3.37 -30.10
O2' G5P O . -40.72 3.68 -30.88
C1' G5P O . -40.04 3.46 -28.80
N9 G5P O . -40.07 4.74 -28.08
C8 G5P O . -39.27 5.79 -28.27
N7 G5P O . -39.63 6.74 -27.41
C5 G5P O . -40.66 6.28 -26.69
C6 G5P O . -41.39 6.83 -25.71
O6 G5P O . -41.16 7.97 -25.31
N1 G5P O . -42.47 6.09 -25.07
C2 G5P O . -42.75 4.79 -25.51
N2 G5P O . -43.79 4.05 -24.92
N3 G5P O . -41.98 4.24 -26.53
C4 G5P O . -40.92 5.03 -27.12
O5F G5P O . -27.54 -3.27 -31.96
C5F G5P O . -28.23 -4.44 -32.15
C4F G5P O . -27.20 -5.56 -32.09
O4F G5P O . -26.35 -5.49 -33.23
C1F G5P O . -24.99 -5.40 -32.77
C2F G5P O . -24.95 -5.87 -31.50
O2F G5P O . -25.12 -7.29 -31.56
C3F G5P O . -26.23 -5.31 -30.89
O3F G5P O . -26.69 -6.09 -29.78
N9A G5P O . -24.17 -4.20 -32.47
C4A G5P O . -22.87 -4.15 -32.15
N3A G5P O . -21.94 -5.05 -31.71
C2A G5P O . -20.71 -4.70 -31.46
N1A G5P O . -20.29 -3.45 -31.63
C6A G5P O . -21.11 -2.50 -32.06
N6A G5P O . -20.67 -1.24 -32.23
C5A G5P O . -22.46 -2.84 -32.33
N7A G5P O . -23.55 -2.15 -32.78
C8A G5P O . -24.54 -2.99 -32.85
MG MG P . -31.66 1.73 -32.71
PE G5P Q . 7.68 -22.91 -31.19
O1E G5P Q . 9.08 -22.62 -30.70
O2E G5P Q . 6.61 -21.90 -30.93
PD G5P Q . 8.56 -23.29 -33.84
O1D G5P Q . 7.72 -23.30 -35.08
O2D G5P Q . 9.22 -24.67 -33.55
O3D G5P Q . 7.51 -22.97 -32.74
PG G5P Q . 11.20 -22.10 -33.81
O1G G5P Q . 11.83 -23.49 -33.70
O2G G5P Q . 11.50 -21.27 -32.61
O3G G5P Q . 9.65 -22.15 -34.09
PB G5P Q . 11.81 -19.87 -35.56
O1B G5P Q . 11.13 -18.94 -34.59
O2B G5P Q . 11.40 -19.83 -37.02
O3B G5P Q . 11.77 -21.45 -35.17
O3A G5P Q . 13.38 -19.68 -35.56
PA G5P Q . 14.37 -18.58 -35.03
O1A G5P Q . 14.62 -18.67 -33.56
O2A G5P Q . 13.85 -17.16 -35.48
O5' G5P Q . 15.64 -18.89 -35.95
C5' G5P Q . 16.27 -20.20 -35.85
C4' G5P Q . 17.84 -20.10 -35.84
O4' G5P Q . 18.28 -19.63 -37.08
C3' G5P Q . 18.43 -19.12 -34.73
O3' G5P Q . 19.59 -19.59 -34.18
C2' G5P Q . 18.62 -17.87 -35.59
O2' G5P Q . 19.58 -17.15 -35.01
C1' G5P Q . 18.95 -18.36 -36.82
N9 G5P Q . 18.68 -17.62 -38.07
C8 G5P Q . 17.71 -16.72 -38.39
N7 G5P Q . 17.95 -16.28 -39.61
C5 G5P Q . 19.10 -16.85 -40.06
C6 G5P Q . 19.84 -16.78 -41.19
O6 G5P Q . 19.57 -16.07 -42.16
N1 G5P Q . 21.05 -17.55 -41.37
C2 G5P Q . 21.46 -18.38 -40.35
N2 G5P Q . 22.63 -19.09 -40.47
N3 G5P Q . 20.74 -18.44 -39.18
C4 G5P Q . 19.51 -17.66 -39.09
O5F G5P Q . 7.08 -24.34 -30.66
C5F G5P Q . 7.90 -25.19 -29.96
C4F G5P Q . 6.98 -26.28 -29.42
O4F G5P Q . 6.01 -25.77 -28.49
C1F G5P Q . 4.72 -26.23 -28.86
C2F G5P Q . 4.91 -27.24 -29.76
O2F G5P Q . 5.36 -28.44 -29.03
C3F G5P Q . 6.12 -26.85 -30.59
O3F G5P Q . 6.87 -27.86 -31.30
N9A G5P Q . 3.77 -25.26 -29.51
C4A G5P Q . 2.49 -25.47 -29.81
N3A G5P Q . 1.65 -26.58 -29.77
C2A G5P Q . 0.40 -26.45 -30.18
N1A G5P Q . -0.09 -25.28 -30.64
C6A G5P Q . 0.66 -24.19 -30.73
N6A G5P Q . 0.14 -23.01 -31.19
C5A G5P Q . 1.99 -24.24 -30.29
N7A G5P Q . 3.04 -23.32 -30.22
C8A G5P Q . 4.09 -23.98 -29.74
MG MG R . 10.76 -19.03 -32.50
#